data_4W9F
#
_entry.id   4W9F
#
_cell.length_a   92.680
_cell.length_b   92.680
_cell.length_c   364.020
_cell.angle_alpha   90.000
_cell.angle_beta   90.000
_cell.angle_gamma   90.000
#
_symmetry.space_group_name_H-M   'P 41 2 2'
#
loop_
_entity.id
_entity.type
_entity.pdbx_description
1 polymer 'Transcription elongation factor B polypeptide 2'
2 polymer 'Transcription elongation factor B polypeptide 1'
3 polymer 'Von Hippel-Lindau disease tumor suppressor'
4 non-polymer (4R)-1-(3,3-dimethylbutanoyl)-4-hydroxy-N-[4-(4-methyl-1,3-thiazol-5-yl)benzyl]-L-prolinamide
5 water water
#
loop_
_entity_poly.entity_id
_entity_poly.type
_entity_poly.pdbx_seq_one_letter_code
_entity_poly.pdbx_strand_id
1 'polypeptide(L)'
;MDVFLMIRRHKTTIFTDAKESSTVFELKRIVEGILKRPPDEQRLYKDDQLLDDGKTLGECGFTSQTARPQAPATVGLAFR
ADDTFEAL(CAS)IEPFSSPPELPDVMK
;
A,D,G,J
2 'polypeptide(L)'
;MMYVKLISSDGHEFIVKREHALTSGTIKAMLSGPGQFAENETNEVNFREIPSHVLSKVCMYFTYKVRYTNSSTEIPEFPI
APEIALELLMAANFLD(CAS)
;
B,E,H,K
3 'polypeptide(L)'
;GSMEAGRPRPVLRSVNSREPSQVIF(CAS)NRSPRVVLPVWLNFDGEPQPYPTLPPGTGRRIHSYRGHLWLFRDAGTHDG
LLVNQTELFVPSLNVDGQPIFANITLPVYTLKERCLQVVRSLVKPENYRRLDIVRSLYEDLEDHPNVQKDLERLTQERIA
HQRMGD
;
C,F,I,L
#
loop_
_chem_comp.id
_chem_comp.type
_chem_comp.name
_chem_comp.formula
3JU non-polymer (4R)-1-(3,3-dimethylbutanoyl)-4-hydroxy-N-[4-(4-methyl-1,3-thiazol-5-yl)benzyl]-L-prolinamide 'C22 H29 N3 O3 S'
#
# COMPACT_ATOMS: atom_id res chain seq x y z
N MET A 1 35.02 -22.82 -3.07
CA MET A 1 33.96 -22.08 -3.79
C MET A 1 34.51 -21.57 -5.14
N ASP A 2 33.73 -21.77 -6.19
CA ASP A 2 34.10 -21.26 -7.51
C ASP A 2 33.79 -19.77 -7.62
N VAL A 3 34.67 -19.02 -8.25
CA VAL A 3 34.42 -17.61 -8.58
C VAL A 3 34.49 -17.49 -10.10
N PHE A 4 33.68 -16.61 -10.66
CA PHE A 4 33.53 -16.53 -12.10
C PHE A 4 33.97 -15.17 -12.58
N LEU A 5 34.88 -15.17 -13.56
CA LEU A 5 35.67 -14.01 -13.90
C LEU A 5 35.64 -13.68 -15.38
N MET A 6 35.89 -12.40 -15.67
CA MET A 6 36.25 -11.93 -17.00
C MET A 6 37.64 -11.32 -16.88
N ILE A 7 38.63 -11.93 -17.53
CA ILE A 7 39.97 -11.36 -17.54
C ILE A 7 40.07 -10.53 -18.82
N ARG A 8 40.36 -9.24 -18.68
CA ARG A 8 40.18 -8.30 -19.77
C ARG A 8 41.41 -7.46 -20.02
N ARG A 9 41.84 -7.44 -21.28
CA ARG A 9 42.91 -6.59 -21.76
C ARG A 9 42.55 -6.10 -23.15
N HIS A 10 42.60 -4.79 -23.35
CA HIS A 10 42.33 -4.16 -24.65
C HIS A 10 40.96 -4.64 -25.18
N LYS A 11 40.94 -5.43 -26.25
CA LYS A 11 39.69 -5.98 -26.78
C LYS A 11 39.57 -7.49 -26.57
N THR A 12 40.35 -8.03 -25.63
CA THR A 12 40.28 -9.45 -25.28
C THR A 12 39.55 -9.61 -23.95
N THR A 13 38.65 -10.59 -23.88
CA THR A 13 37.96 -10.95 -22.64
C THR A 13 37.95 -12.48 -22.50
N ILE A 14 38.56 -12.99 -21.43
CA ILE A 14 38.57 -14.42 -21.13
C ILE A 14 37.53 -14.70 -20.05
N PHE A 15 36.59 -15.59 -20.35
CA PHE A 15 35.63 -16.04 -19.36
C PHE A 15 36.19 -17.30 -18.75
N THR A 16 36.39 -17.30 -17.44
CA THR A 16 36.86 -18.49 -16.77
C THR A 16 36.46 -18.45 -15.30
N ASP A 17 36.55 -19.60 -14.65
CA ASP A 17 36.28 -19.71 -13.24
C ASP A 17 37.56 -20.15 -12.56
N ALA A 18 37.63 -19.94 -11.24
CA ALA A 18 38.75 -20.40 -10.43
C ALA A 18 38.24 -20.54 -9.00
N LYS A 19 39.03 -21.18 -8.16
CA LYS A 19 38.69 -21.29 -6.74
C LYS A 19 39.00 -19.99 -6.02
N GLU A 20 38.14 -19.63 -5.08
CA GLU A 20 38.38 -18.48 -4.23
C GLU A 20 39.74 -18.60 -3.51
N SER A 21 40.13 -19.83 -3.16
CA SER A 21 41.39 -20.10 -2.47
C SER A 21 42.61 -20.12 -3.40
N SER A 22 42.40 -20.10 -4.71
CA SER A 22 43.52 -20.07 -5.64
C SER A 22 44.20 -18.71 -5.62
N THR A 23 45.43 -18.66 -6.11
CA THR A 23 46.24 -17.43 -6.07
C THR A 23 46.19 -16.63 -7.37
N VAL A 24 46.58 -15.37 -7.26
CA VAL A 24 46.73 -14.49 -8.41
C VAL A 24 47.75 -15.05 -9.39
N PHE A 25 48.85 -15.60 -8.87
CA PHE A 25 49.83 -16.23 -9.74
C PHE A 25 49.23 -17.42 -10.50
N GLU A 26 48.42 -18.21 -9.79
CA GLU A 26 47.77 -19.34 -10.44
C GLU A 26 46.86 -18.87 -11.58
N LEU A 27 46.20 -17.73 -11.38
CA LEU A 27 45.40 -17.16 -12.46
C LEU A 27 46.25 -16.73 -13.66
N LYS A 28 47.46 -16.23 -13.40
CA LYS A 28 48.39 -15.89 -14.47
C LYS A 28 48.78 -17.13 -15.28
N ARG A 29 48.90 -18.27 -14.61
CA ARG A 29 49.18 -19.53 -15.30
C ARG A 29 48.01 -19.88 -16.21
N ILE A 30 46.78 -19.67 -15.74
CA ILE A 30 45.62 -19.89 -16.59
C ILE A 30 45.74 -19.01 -17.85
N VAL A 31 46.04 -17.74 -17.64
CA VAL A 31 46.18 -16.79 -18.75
C VAL A 31 47.31 -17.19 -19.68
N GLU A 32 48.40 -17.72 -19.13
CA GLU A 32 49.53 -18.17 -19.93
C GLU A 32 49.16 -19.28 -20.90
N GLY A 33 48.37 -20.25 -20.43
CA GLY A 33 47.92 -21.34 -21.27
C GLY A 33 47.05 -20.87 -22.42
N ILE A 34 46.28 -19.82 -22.18
CA ILE A 34 45.37 -19.29 -23.20
C ILE A 34 46.07 -18.32 -24.16
N LEU A 35 46.78 -17.33 -23.59
CA LEU A 35 47.36 -16.25 -24.39
C LEU A 35 48.88 -16.35 -24.63
N LYS A 36 49.50 -17.40 -24.11
CA LYS A 36 50.92 -17.70 -24.36
C LYS A 36 51.88 -16.56 -24.01
N ARG A 37 51.65 -15.93 -22.86
CA ARG A 37 52.59 -14.98 -22.27
C ARG A 37 52.81 -15.42 -20.81
N PRO A 38 54.08 -15.54 -20.38
CA PRO A 38 54.33 -16.08 -19.04
C PRO A 38 53.90 -15.13 -17.91
N PRO A 39 53.71 -15.66 -16.69
CA PRO A 39 53.30 -14.82 -15.55
C PRO A 39 54.16 -13.58 -15.32
N ASP A 40 55.48 -13.70 -15.50
CA ASP A 40 56.37 -12.55 -15.30
C ASP A 40 56.16 -11.42 -16.31
N GLU A 41 55.43 -11.68 -17.39
CA GLU A 41 55.06 -10.62 -18.34
C GLU A 41 53.63 -10.12 -18.17
N GLN A 42 53.01 -10.46 -17.03
CA GLN A 42 51.62 -10.10 -16.75
C GLN A 42 51.46 -9.29 -15.47
N ARG A 43 50.57 -8.31 -15.51
CA ARG A 43 50.05 -7.70 -14.29
C ARG A 43 48.55 -7.88 -14.26
N LEU A 44 48.02 -8.28 -13.11
CA LEU A 44 46.58 -8.41 -12.93
C LEU A 44 46.11 -7.35 -11.94
N TYR A 45 44.92 -6.84 -12.20
CA TYR A 45 44.36 -5.72 -11.47
C TYR A 45 42.93 -5.99 -11.04
N LYS A 46 42.53 -5.42 -9.91
CA LYS A 46 41.12 -5.26 -9.61
C LYS A 46 40.89 -3.77 -9.64
N ASP A 47 40.03 -3.32 -10.55
CA ASP A 47 39.87 -1.90 -10.83
C ASP A 47 41.27 -1.34 -11.16
N ASP A 48 41.68 -0.27 -10.48
CA ASP A 48 43.01 0.31 -10.71
C ASP A 48 44.11 -0.38 -9.89
N GLN A 49 43.74 -1.30 -9.01
CA GLN A 49 44.64 -1.84 -7.99
C GLN A 49 45.43 -3.06 -8.48
N LEU A 50 46.76 -2.95 -8.50
CA LEU A 50 47.62 -4.07 -8.86
C LEU A 50 47.51 -5.14 -7.80
N LEU A 51 47.38 -6.39 -8.23
CA LEU A 51 47.22 -7.52 -7.30
C LEU A 51 48.54 -8.25 -7.08
N ASP A 52 48.77 -8.73 -5.87
CA ASP A 52 50.01 -9.45 -5.54
C ASP A 52 49.88 -10.95 -5.83
N ASP A 53 50.91 -11.49 -6.47
CA ASP A 53 50.94 -12.90 -6.89
C ASP A 53 50.51 -13.91 -5.83
N GLY A 54 50.93 -13.68 -4.59
CA GLY A 54 50.74 -14.66 -3.52
C GLY A 54 49.37 -14.62 -2.90
N LYS A 55 48.60 -13.57 -3.20
CA LYS A 55 47.29 -13.41 -2.59
C LYS A 55 46.24 -14.33 -3.24
N THR A 56 45.32 -14.84 -2.42
CA THR A 56 44.21 -15.62 -2.93
C THR A 56 43.21 -14.72 -3.64
N LEU A 57 42.40 -15.30 -4.51
CA LEU A 57 41.41 -14.52 -5.25
C LEU A 57 40.41 -13.91 -4.26
N GLY A 58 39.99 -14.69 -3.26
CA GLY A 58 39.16 -14.20 -2.15
C GLY A 58 39.73 -13.01 -1.40
N GLU A 59 41.05 -13.03 -1.13
CA GLU A 59 41.74 -11.88 -0.51
C GLU A 59 41.81 -10.65 -1.42
N CYS A 60 41.76 -10.87 -2.72
CA CYS A 60 41.68 -9.78 -3.70
C CYS A 60 40.25 -9.31 -3.97
N GLY A 61 39.27 -9.83 -3.24
CA GLY A 61 37.91 -9.36 -3.38
C GLY A 61 37.02 -10.14 -4.33
N PHE A 62 37.52 -11.26 -4.89
CA PHE A 62 36.69 -12.14 -5.73
C PHE A 62 36.07 -13.26 -4.91
N THR A 63 34.76 -13.12 -4.68
CA THR A 63 34.00 -14.03 -3.85
C THR A 63 32.76 -14.50 -4.59
N SER A 64 32.02 -15.43 -3.98
CA SER A 64 30.77 -15.90 -4.54
C SER A 64 29.73 -14.78 -4.66
N GLN A 65 29.80 -13.79 -3.77
CA GLN A 65 28.88 -12.64 -3.84
C GLN A 65 29.16 -11.70 -4.98
N THR A 66 30.42 -11.61 -5.38
CA THR A 66 30.86 -10.60 -6.34
C THR A 66 31.28 -11.17 -7.67
N ALA A 67 31.35 -12.50 -7.78
CA ALA A 67 31.89 -13.12 -8.96
C ALA A 67 31.04 -14.32 -9.35
N ARG A 68 29.85 -14.01 -9.84
CA ARG A 68 28.79 -14.97 -10.11
C ARG A 68 28.77 -15.34 -11.59
N PRO A 69 28.25 -16.54 -11.92
CA PRO A 69 28.21 -16.98 -13.32
C PRO A 69 27.55 -15.99 -14.26
N GLN A 70 26.39 -15.47 -13.86
CA GLN A 70 25.61 -14.53 -14.68
C GLN A 70 26.06 -13.08 -14.57
N ALA A 71 27.06 -12.82 -13.74
CA ALA A 71 27.58 -11.47 -13.55
C ALA A 71 28.98 -11.59 -13.01
N PRO A 72 29.94 -11.99 -13.87
CA PRO A 72 31.29 -12.28 -13.41
C PRO A 72 32.05 -11.02 -13.03
N ALA A 73 33.04 -11.18 -12.16
CA ALA A 73 33.90 -10.05 -11.78
C ALA A 73 34.95 -9.83 -12.86
N THR A 74 35.38 -8.59 -13.02
CA THR A 74 36.41 -8.24 -13.98
C THR A 74 37.81 -8.18 -13.34
N VAL A 75 38.75 -8.86 -13.98
CA VAL A 75 40.16 -8.77 -13.65
C VAL A 75 40.82 -8.07 -14.83
N GLY A 76 41.51 -6.96 -14.55
CA GLY A 76 42.28 -6.25 -15.57
C GLY A 76 43.58 -6.97 -15.84
N LEU A 77 44.05 -6.90 -17.09
CA LEU A 77 45.28 -7.55 -17.48
C LEU A 77 46.15 -6.61 -18.32
N ALA A 78 47.41 -6.47 -17.93
CA ALA A 78 48.40 -5.73 -18.71
C ALA A 78 49.64 -6.59 -19.00
N PHE A 79 50.15 -6.47 -20.23
CA PHE A 79 51.38 -7.14 -20.64
C PHE A 79 52.61 -6.23 -20.61
N ARG A 80 53.78 -6.84 -20.43
CA ARG A 80 55.06 -6.16 -20.56
C ARG A 80 55.57 -6.32 -22.00
N ALA A 81 55.82 -5.19 -22.66
CA ALA A 81 56.34 -5.22 -24.04
C ALA A 81 57.68 -5.94 -24.10
N ASP A 82 58.64 -5.44 -23.32
CA ASP A 82 59.96 -6.07 -23.21
C ASP A 82 60.59 -5.66 -21.88
N ASP A 83 60.92 -4.38 -21.77
CA ASP A 83 61.45 -3.81 -20.54
C ASP A 83 60.32 -3.36 -19.61
N THR A 84 59.33 -2.65 -20.15
CA THR A 84 58.31 -1.98 -19.34
C THR A 84 56.88 -2.50 -19.58
N PHE A 85 56.06 -2.44 -18.52
CA PHE A 85 54.66 -2.83 -18.62
C PHE A 85 53.85 -1.74 -19.29
N GLU A 86 52.92 -2.15 -20.15
CA GLU A 86 51.95 -1.24 -20.73
C GLU A 86 51.01 -0.74 -19.63
N ALA A 87 50.42 0.43 -19.83
CA ALA A 87 49.40 0.94 -18.93
C ALA A 87 48.17 0.03 -19.00
N LEU A 88 47.53 -0.22 -17.86
CA LEU A 88 46.32 -1.00 -17.88
C LEU A 88 45.33 -0.31 -18.80
N CAS A 89 44.92 -1.04 -19.84
CA CAS A 89 44.04 -0.48 -20.83
CB CAS A 89 44.75 0.56 -21.69
C CAS A 89 43.64 -1.59 -21.75
O CAS A 89 43.08 -2.60 -21.34
SG CAS A 89 44.28 0.21 -23.34
AS CAS A 89 42.58 1.63 -23.67
CE1 CAS A 89 41.12 0.61 -24.56
CE2 CAS A 89 41.81 2.43 -22.01
N ILE A 90 41.27 -1.20 -20.93
CA ILE A 90 40.20 -2.16 -21.28
C ILE A 90 39.27 -1.38 -22.16
N GLU A 91 39.16 -1.80 -23.42
CA GLU A 91 38.25 -1.15 -24.34
C GLU A 91 36.84 -1.47 -23.86
N PRO A 92 36.00 -0.45 -23.66
CA PRO A 92 34.65 -0.78 -23.25
C PRO A 92 33.89 -1.55 -24.33
N PHE A 93 32.84 -2.27 -23.93
CA PHE A 93 31.95 -2.90 -24.88
C PHE A 93 31.15 -1.81 -25.59
N SER A 94 30.48 -2.18 -26.69
CA SER A 94 29.69 -1.23 -27.45
C SER A 94 28.49 -0.72 -26.65
N SER A 95 27.98 0.42 -27.05
CA SER A 95 26.83 1.03 -26.39
C SER A 95 25.55 0.47 -27.00
N PRO A 96 24.57 0.10 -26.16
CA PRO A 96 23.28 -0.30 -26.69
C PRO A 96 22.59 0.89 -27.35
N PRO A 97 21.70 0.64 -28.32
CA PRO A 97 20.96 1.73 -28.94
C PRO A 97 19.89 2.28 -28.00
N GLU A 98 19.33 3.44 -28.32
CA GLU A 98 18.25 4.02 -27.54
C GLU A 98 17.08 3.05 -27.50
N LEU A 99 16.40 2.98 -26.36
CA LEU A 99 15.19 2.16 -26.25
C LEU A 99 14.18 2.60 -27.30
N PRO A 100 13.70 1.65 -28.13
CA PRO A 100 12.59 1.97 -29.02
C PRO A 100 11.40 2.54 -28.24
N ASP A 101 10.61 3.40 -28.89
CA ASP A 101 9.50 4.07 -28.21
C ASP A 101 8.55 3.09 -27.53
N VAL A 102 8.33 1.96 -28.19
CA VAL A 102 7.42 0.93 -27.72
C VAL A 102 7.90 0.24 -26.43
N MET A 103 9.20 0.26 -26.16
CA MET A 103 9.76 -0.26 -24.92
C MET A 103 9.86 0.81 -23.83
N LYS A 104 9.88 2.07 -24.24
CA LYS A 104 9.98 3.20 -23.31
C LYS A 104 8.58 3.59 -22.80
N MET B 1 42.14 -28.78 -27.19
CA MET B 1 41.55 -27.43 -27.41
C MET B 1 40.53 -27.13 -26.31
N MET B 2 40.98 -26.47 -25.25
CA MET B 2 40.10 -26.16 -24.13
C MET B 2 39.23 -24.94 -24.41
N TYR B 3 39.75 -23.95 -25.15
CA TYR B 3 39.04 -22.68 -25.35
C TYR B 3 38.81 -22.37 -26.83
N VAL B 4 37.76 -21.58 -27.10
CA VAL B 4 37.49 -21.06 -28.44
C VAL B 4 37.33 -19.56 -28.34
N LYS B 5 37.52 -18.88 -29.47
CA LYS B 5 37.41 -17.43 -29.55
C LYS B 5 36.16 -17.01 -30.33
N LEU B 6 35.35 -16.16 -29.71
CA LEU B 6 34.13 -15.63 -30.33
C LEU B 6 34.30 -14.14 -30.51
N ILE B 7 34.24 -13.69 -31.76
CA ILE B 7 34.58 -12.31 -32.09
C ILE B 7 33.31 -11.53 -32.44
N SER B 8 33.09 -10.42 -31.74
CA SER B 8 31.90 -9.60 -31.98
C SER B 8 32.03 -8.76 -33.25
N SER B 9 30.94 -8.12 -33.63
CA SER B 9 30.92 -7.27 -34.83
C SER B 9 31.87 -6.07 -34.73
N ASP B 10 32.07 -5.57 -33.50
CA ASP B 10 32.98 -4.47 -33.25
C ASP B 10 34.41 -4.89 -32.87
N GLY B 11 34.79 -6.15 -33.10
CA GLY B 11 36.16 -6.62 -32.88
C GLY B 11 36.54 -7.13 -31.50
N HIS B 12 35.60 -7.19 -30.57
CA HIS B 12 35.92 -7.73 -29.24
C HIS B 12 36.08 -9.24 -29.32
N GLU B 13 37.14 -9.76 -28.70
CA GLU B 13 37.46 -11.18 -28.77
C GLU B 13 37.12 -11.81 -27.43
N PHE B 14 36.15 -12.71 -27.45
CA PHE B 14 35.69 -13.37 -26.25
C PHE B 14 36.20 -14.80 -26.24
N ILE B 15 36.98 -15.13 -25.23
CA ILE B 15 37.57 -16.45 -25.13
C ILE B 15 36.83 -17.24 -24.05
N VAL B 16 36.19 -18.33 -24.46
CA VAL B 16 35.37 -19.14 -23.56
C VAL B 16 35.71 -20.61 -23.72
N LYS B 17 35.41 -21.40 -22.70
CA LYS B 17 35.65 -22.83 -22.75
C LYS B 17 34.91 -23.43 -23.94
N ARG B 18 35.59 -24.30 -24.68
CA ARG B 18 35.00 -24.92 -25.88
C ARG B 18 33.66 -25.59 -25.57
N GLU B 19 33.58 -26.32 -24.46
CA GLU B 19 32.34 -27.02 -24.11
C GLU B 19 31.18 -26.05 -23.82
N HIS B 20 31.50 -24.87 -23.30
CA HIS B 20 30.49 -23.83 -23.06
C HIS B 20 29.93 -23.30 -24.40
N ALA B 21 30.81 -23.07 -25.36
CA ALA B 21 30.41 -22.60 -26.67
C ALA B 21 29.60 -23.65 -27.41
N LEU B 22 30.04 -24.91 -27.34
CA LEU B 22 29.40 -26.01 -28.07
C LEU B 22 27.96 -26.27 -27.64
N THR B 23 27.52 -25.67 -26.54
CA THR B 23 26.11 -25.69 -26.15
C THR B 23 25.20 -24.94 -27.13
N SER B 24 25.79 -24.11 -27.99
CA SER B 24 25.04 -23.51 -29.10
C SER B 24 25.22 -24.39 -30.32
N GLY B 25 24.11 -24.90 -30.84
CA GLY B 25 24.12 -25.75 -32.02
C GLY B 25 24.73 -24.99 -33.18
N THR B 26 24.36 -23.72 -33.29
CA THR B 26 24.89 -22.85 -34.33
C THR B 26 26.39 -22.67 -34.27
N ILE B 27 26.91 -22.45 -33.07
CA ILE B 27 28.36 -22.29 -32.90
C ILE B 27 29.10 -23.60 -33.18
N LYS B 28 28.54 -24.72 -32.70
CA LYS B 28 29.10 -26.03 -32.98
C LYS B 28 29.26 -26.17 -34.50
N ALA B 29 28.21 -25.85 -35.24
CA ALA B 29 28.23 -25.92 -36.70
C ALA B 29 29.25 -24.99 -37.34
N MET B 30 29.44 -23.81 -36.76
CA MET B 30 30.42 -22.84 -37.28
C MET B 30 31.86 -23.26 -36.95
N LEU B 31 32.03 -24.03 -35.88
CA LEU B 31 33.34 -24.61 -35.57
C LEU B 31 33.58 -25.91 -36.35
N SER B 32 32.49 -26.61 -36.69
CA SER B 32 32.55 -27.90 -37.38
C SER B 32 31.81 -27.87 -38.70
N ASN B 43 39.21 -22.67 -34.57
CA ASN B 43 39.04 -22.34 -33.16
C ASN B 43 38.56 -20.90 -32.94
N GLU B 44 38.15 -20.22 -34.01
CA GLU B 44 37.62 -18.87 -33.92
C GLU B 44 36.34 -18.73 -34.74
N VAL B 45 35.41 -17.93 -34.25
CA VAL B 45 34.18 -17.60 -34.98
C VAL B 45 33.97 -16.08 -34.96
N ASN B 46 33.70 -15.51 -36.14
CA ASN B 46 33.35 -14.10 -36.27
C ASN B 46 31.83 -13.93 -36.34
N PHE B 47 31.30 -12.97 -35.60
CA PHE B 47 29.88 -12.66 -35.62
C PHE B 47 29.72 -11.23 -36.12
N ARG B 48 29.42 -11.11 -37.42
CA ARG B 48 29.27 -9.81 -38.07
C ARG B 48 28.08 -8.99 -37.58
N GLU B 49 27.07 -9.66 -37.04
CA GLU B 49 25.84 -8.99 -36.58
C GLU B 49 25.72 -8.87 -35.08
N ILE B 50 26.60 -9.51 -34.31
CA ILE B 50 26.45 -9.47 -32.86
C ILE B 50 27.48 -8.55 -32.23
N PRO B 51 27.03 -7.39 -31.72
CA PRO B 51 27.95 -6.48 -31.03
C PRO B 51 28.41 -6.99 -29.66
N SER B 52 29.50 -6.42 -29.16
CA SER B 52 30.13 -6.87 -27.93
C SER B 52 29.20 -6.79 -26.72
N HIS B 53 28.33 -5.78 -26.67
CA HIS B 53 27.41 -5.66 -25.51
C HIS B 53 26.35 -6.76 -25.47
N VAL B 54 26.15 -7.43 -26.60
CA VAL B 54 25.29 -8.59 -26.68
C VAL B 54 26.10 -9.89 -26.50
N LEU B 55 27.22 -10.00 -27.22
CA LEU B 55 28.01 -11.23 -27.14
C LEU B 55 28.56 -11.49 -25.73
N SER B 56 28.97 -10.45 -25.00
CA SER B 56 29.41 -10.63 -23.61
C SER B 56 28.34 -11.34 -22.77
N LYS B 57 27.09 -10.89 -22.92
CA LYS B 57 25.94 -11.48 -22.21
C LYS B 57 25.67 -12.91 -22.60
N VAL B 58 25.84 -13.20 -23.89
CA VAL B 58 25.73 -14.56 -24.40
C VAL B 58 26.74 -15.46 -23.67
N CYS B 59 27.97 -14.98 -23.54
CA CYS B 59 29.01 -15.74 -22.83
C CYS B 59 28.65 -15.94 -21.36
N MET B 60 28.09 -14.92 -20.73
CA MET B 60 27.62 -15.04 -19.35
C MET B 60 26.51 -16.09 -19.24
N TYR B 61 25.62 -16.15 -20.23
CA TYR B 61 24.56 -17.16 -20.23
C TYR B 61 25.15 -18.58 -20.23
N PHE B 62 26.17 -18.83 -21.07
CA PHE B 62 26.85 -20.13 -21.09
C PHE B 62 27.27 -20.55 -19.71
N THR B 63 27.95 -19.64 -19.04
CA THR B 63 28.45 -19.89 -17.73
C THR B 63 27.30 -20.21 -16.78
N TYR B 64 26.24 -19.41 -16.85
CA TYR B 64 25.05 -19.55 -16.01
C TYR B 64 24.36 -20.90 -16.23
N LYS B 65 24.21 -21.28 -17.50
CA LYS B 65 23.55 -22.54 -17.85
C LYS B 65 24.32 -23.75 -17.35
N VAL B 66 25.62 -23.77 -17.60
CA VAL B 66 26.46 -24.90 -17.19
C VAL B 66 26.49 -25.01 -15.67
N ARG B 67 26.57 -23.88 -14.98
CA ARG B 67 26.59 -23.88 -13.52
C ARG B 67 25.28 -24.35 -12.90
N TYR B 68 24.14 -23.95 -13.46
CA TYR B 68 22.86 -24.18 -12.79
C TYR B 68 21.99 -25.31 -13.37
N THR B 69 22.42 -25.90 -14.48
CA THR B 69 21.66 -26.99 -15.08
C THR B 69 21.85 -28.28 -14.27
N ASN B 70 20.75 -28.97 -14.03
CA ASN B 70 20.76 -30.20 -13.21
C ASN B 70 21.39 -29.92 -11.85
N SER B 71 20.79 -28.97 -11.13
CA SER B 71 21.30 -28.50 -9.85
C SER B 71 20.17 -28.35 -8.86
N SER B 72 20.35 -28.94 -7.66
CA SER B 72 19.34 -28.87 -6.61
C SER B 72 19.29 -27.50 -5.93
N THR B 73 20.37 -26.72 -6.10
CA THR B 73 20.48 -25.37 -5.51
C THR B 73 19.35 -24.45 -5.99
N GLU B 74 19.22 -23.31 -5.31
CA GLU B 74 18.29 -22.28 -5.72
C GLU B 74 18.90 -21.52 -6.91
N ILE B 75 18.14 -21.43 -7.99
CA ILE B 75 18.62 -20.78 -9.21
C ILE B 75 18.25 -19.29 -9.18
N PRO B 76 19.23 -18.40 -9.39
CA PRO B 76 18.90 -16.98 -9.53
C PRO B 76 18.38 -16.67 -10.92
N GLU B 77 17.70 -15.54 -11.03
CA GLU B 77 17.20 -15.04 -12.29
C GLU B 77 18.41 -14.66 -13.17
N PHE B 78 18.36 -14.98 -14.45
CA PHE B 78 19.36 -14.49 -15.39
C PHE B 78 18.96 -13.07 -15.81
N PRO B 79 19.79 -12.07 -15.47
CA PRO B 79 19.38 -10.69 -15.69
C PRO B 79 19.64 -10.20 -17.11
N ILE B 80 18.72 -9.42 -17.65
CA ILE B 80 18.89 -8.78 -18.97
C ILE B 80 18.40 -7.35 -18.87
N ALA B 81 19.28 -6.39 -19.13
CA ALA B 81 18.89 -4.99 -19.11
C ALA B 81 17.91 -4.75 -20.27
N PRO B 82 16.88 -3.93 -20.04
CA PRO B 82 15.94 -3.58 -21.13
C PRO B 82 16.61 -3.16 -22.43
N GLU B 83 17.68 -2.38 -22.34
CA GLU B 83 18.33 -1.79 -23.52
C GLU B 83 18.99 -2.81 -24.45
N ILE B 84 19.32 -3.99 -23.95
CA ILE B 84 19.93 -5.03 -24.78
C ILE B 84 18.96 -6.16 -25.13
N ALA B 85 17.76 -6.16 -24.55
CA ALA B 85 16.84 -7.30 -24.64
C ALA B 85 16.47 -7.67 -26.08
N LEU B 86 16.22 -6.67 -26.92
CA LEU B 86 15.84 -6.93 -28.30
C LEU B 86 16.94 -7.61 -29.09
N GLU B 87 18.14 -7.04 -29.04
CA GLU B 87 19.29 -7.59 -29.77
C GLU B 87 19.69 -8.95 -29.22
N LEU B 88 19.68 -9.07 -27.90
CA LEU B 88 20.01 -10.36 -27.28
C LEU B 88 19.03 -11.44 -27.76
N LEU B 89 17.75 -11.08 -27.87
CA LEU B 89 16.72 -12.00 -28.38
C LEU B 89 17.06 -12.47 -29.80
N MET B 90 17.45 -11.53 -30.66
CA MET B 90 17.80 -11.87 -32.04
C MET B 90 19.02 -12.79 -32.05
N ALA B 91 20.02 -12.49 -31.22
CA ALA B 91 21.19 -13.34 -31.12
C ALA B 91 20.83 -14.75 -30.61
N ALA B 92 19.97 -14.81 -29.58
CA ALA B 92 19.56 -16.10 -29.00
C ALA B 92 18.79 -16.95 -30.01
N ASN B 93 17.94 -16.30 -30.81
CA ASN B 93 17.23 -16.99 -31.90
C ASN B 93 18.22 -17.55 -32.93
N PHE B 94 19.20 -16.74 -33.31
CA PHE B 94 20.20 -17.16 -34.28
C PHE B 94 21.08 -18.31 -33.76
N LEU B 95 21.57 -18.16 -32.54
CA LEU B 95 22.45 -19.16 -31.95
C LEU B 95 21.70 -20.40 -31.42
N ASP B 96 20.37 -20.32 -31.40
CA ASP B 96 19.51 -21.42 -30.96
C ASP B 96 19.74 -21.79 -29.50
N CAS B 97 19.21 -20.97 -28.62
CA CAS B 97 19.32 -21.26 -27.19
CB CAS B 97 20.75 -21.08 -26.76
C CAS B 97 18.52 -20.31 -26.36
O CAS B 97 17.62 -19.64 -26.83
OXT CAS B 97 18.79 -20.17 -25.17
SG CAS B 97 21.26 -19.44 -27.14
AS CAS B 97 23.34 -20.09 -26.83
CE1 CAS B 97 23.54 -21.07 -25.11
CE2 CAS B 97 24.37 -18.40 -26.81
N VAL C 11 -7.55 -36.65 -19.21
CA VAL C 11 -6.43 -37.60 -18.97
C VAL C 11 -5.55 -37.15 -17.82
N LEU C 12 -5.12 -35.89 -17.83
CA LEU C 12 -4.33 -35.33 -16.74
C LEU C 12 -5.29 -34.72 -15.70
N ARG C 13 -5.54 -35.47 -14.63
CA ARG C 13 -6.51 -35.08 -13.61
C ARG C 13 -6.08 -35.62 -12.27
N SER C 14 -6.51 -34.96 -11.19
CA SER C 14 -6.31 -35.46 -9.85
C SER C 14 -7.12 -36.74 -9.66
N VAL C 15 -6.64 -37.63 -8.80
CA VAL C 15 -7.40 -38.80 -8.39
C VAL C 15 -8.19 -38.46 -7.13
N ASN C 16 -9.45 -38.85 -7.08
CA ASN C 16 -10.29 -38.57 -5.91
C ASN C 16 -10.08 -39.60 -4.78
N SER C 17 -8.90 -39.55 -4.18
CA SER C 17 -8.50 -40.51 -3.15
C SER C 17 -9.18 -40.25 -1.80
N ARG C 18 -9.54 -38.99 -1.57
CA ARG C 18 -10.05 -38.54 -0.27
C ARG C 18 -9.11 -38.88 0.89
N GLU C 19 -7.82 -39.00 0.62
CA GLU C 19 -6.84 -39.32 1.65
C GLU C 19 -5.95 -38.11 1.85
N PRO C 20 -6.10 -37.42 3.00
CA PRO C 20 -5.40 -36.15 3.21
C PRO C 20 -3.88 -36.29 3.14
N SER C 21 -3.24 -35.20 2.72
CA SER C 21 -1.78 -35.12 2.60
C SER C 21 -1.42 -33.66 2.79
N GLN C 22 -0.60 -33.38 3.80
CA GLN C 22 -0.18 -32.02 4.10
C GLN C 22 1.09 -31.72 3.33
N VAL C 23 1.16 -30.49 2.82
CA VAL C 23 2.23 -30.09 1.93
C VAL C 23 2.72 -28.71 2.33
N ILE C 24 4.03 -28.49 2.20
CA ILE C 24 4.56 -27.14 2.27
C ILE C 24 4.90 -26.69 0.85
N PHE C 25 4.18 -25.67 0.37
CA PHE C 25 4.56 -24.99 -0.85
C PHE C 25 5.61 -24.01 -0.42
N CAS C 26 6.83 -24.20 -0.91
CA CAS C 26 7.96 -23.33 -0.57
CB CAS C 26 9.05 -24.21 0.03
C CAS C 26 8.41 -22.63 -1.83
O CAS C 26 8.94 -23.25 -2.73
SG CAS C 26 10.51 -23.28 0.37
AS CAS C 26 10.00 -22.30 2.29
CE1 CAS C 26 11.57 -22.50 3.47
CE2 CAS C 26 9.77 -20.35 2.03
N ASN C 27 8.20 -21.30 -1.88
CA ASN C 27 8.59 -20.53 -3.04
C ASN C 27 10.03 -20.05 -2.96
N ARG C 28 10.95 -20.82 -3.55
CA ARG C 28 12.36 -20.45 -3.62
C ARG C 28 12.70 -19.84 -4.98
N SER C 29 11.80 -19.02 -5.49
CA SER C 29 12.01 -18.31 -6.74
C SER C 29 11.81 -16.83 -6.44
N PRO C 30 12.24 -15.96 -7.36
CA PRO C 30 11.98 -14.53 -7.21
C PRO C 30 10.65 -14.10 -7.81
N ARG C 31 9.83 -15.05 -8.27
CA ARG C 31 8.54 -14.74 -8.86
C ARG C 31 7.43 -14.86 -7.81
N VAL C 32 6.34 -14.13 -8.03
CA VAL C 32 5.08 -14.37 -7.33
C VAL C 32 4.51 -15.64 -7.94
N VAL C 33 4.21 -16.64 -7.12
CA VAL C 33 3.85 -17.97 -7.63
C VAL C 33 2.34 -18.22 -7.56
N LEU C 34 1.78 -18.71 -8.66
CA LEU C 34 0.40 -19.17 -8.73
C LEU C 34 0.37 -20.69 -8.71
N PRO C 35 -0.12 -21.29 -7.61
CA PRO C 35 -0.34 -22.72 -7.61
C PRO C 35 -1.62 -23.04 -8.38
N VAL C 36 -1.56 -24.10 -9.17
CA VAL C 36 -2.69 -24.56 -9.96
C VAL C 36 -2.96 -26.03 -9.67
N TRP C 37 -4.16 -26.31 -9.21
CA TRP C 37 -4.59 -27.68 -8.95
C TRP C 37 -5.35 -28.16 -10.17
N LEU C 38 -5.03 -29.36 -10.63
CA LEU C 38 -5.82 -29.96 -11.69
C LEU C 38 -6.95 -30.74 -11.05
N ASN C 39 -8.18 -30.29 -11.29
CA ASN C 39 -9.35 -30.88 -10.65
C ASN C 39 -9.73 -32.24 -11.23
N PHE C 40 -10.80 -32.84 -10.73
CA PHE C 40 -11.13 -34.22 -11.08
C PHE C 40 -11.55 -34.40 -12.56
N ASP C 41 -11.92 -33.32 -13.22
CA ASP C 41 -12.16 -33.31 -14.66
C ASP C 41 -10.93 -32.83 -15.45
N GLY C 42 -9.84 -32.53 -14.76
CA GLY C 42 -8.64 -32.02 -15.42
C GLY C 42 -8.61 -30.52 -15.69
N GLU C 43 -9.59 -29.77 -15.18
CA GLU C 43 -9.59 -28.32 -15.32
C GLU C 43 -8.62 -27.67 -14.33
N PRO C 44 -7.81 -26.71 -14.81
CA PRO C 44 -6.91 -26.03 -13.89
C PRO C 44 -7.67 -25.09 -12.97
N GLN C 45 -7.49 -25.27 -11.67
CA GLN C 45 -8.04 -24.35 -10.67
C GLN C 45 -6.91 -23.54 -10.05
N PRO C 46 -6.93 -22.21 -10.24
CA PRO C 46 -5.95 -21.37 -9.59
C PRO C 46 -6.22 -21.28 -8.09
N TYR C 47 -5.15 -21.12 -7.32
CA TYR C 47 -5.19 -21.03 -5.86
C TYR C 47 -4.50 -19.73 -5.44
N PRO C 48 -4.57 -19.35 -4.14
CA PRO C 48 -3.94 -18.08 -3.76
C PRO C 48 -2.41 -18.05 -4.01
N THR C 49 -1.88 -16.88 -4.35
CA THR C 49 -0.50 -16.75 -4.76
C THR C 49 0.48 -16.74 -3.58
N LEU C 50 1.74 -17.10 -3.85
CA LEU C 50 2.82 -17.03 -2.86
C LEU C 50 3.84 -15.96 -3.26
N PRO C 51 4.09 -14.97 -2.37
CA PRO C 51 5.16 -14.00 -2.65
C PRO C 51 6.53 -14.69 -2.68
N PRO C 52 7.53 -14.07 -3.35
CA PRO C 52 8.90 -14.62 -3.39
C PRO C 52 9.47 -14.96 -2.02
N GLY C 53 10.07 -16.14 -1.89
CA GLY C 53 10.72 -16.56 -0.66
C GLY C 53 9.78 -16.95 0.47
N THR C 54 8.49 -17.11 0.18
CA THR C 54 7.51 -17.45 1.21
C THR C 54 7.08 -18.90 1.12
N GLY C 55 6.45 -19.36 2.19
CA GLY C 55 5.95 -20.71 2.30
C GLY C 55 4.53 -20.73 2.86
N ARG C 56 3.80 -21.79 2.54
CA ARG C 56 2.45 -22.01 3.05
C ARG C 56 2.31 -23.49 3.31
N ARG C 57 1.81 -23.82 4.50
CA ARG C 57 1.43 -25.18 4.81
C ARG C 57 -0.01 -25.33 4.36
N ILE C 58 -0.27 -26.31 3.51
CA ILE C 58 -1.61 -26.45 2.93
C ILE C 58 -2.09 -27.88 2.98
N HIS C 59 -3.41 -28.04 2.92
CA HIS C 59 -4.06 -29.33 2.96
C HIS C 59 -4.41 -29.73 1.54
N SER C 60 -3.83 -30.85 1.10
CA SER C 60 -4.15 -31.43 -0.19
C SER C 60 -4.41 -32.91 0.06
N TYR C 61 -4.32 -33.73 -0.98
CA TYR C 61 -4.68 -35.14 -0.91
C TYR C 61 -3.75 -35.98 -1.77
N ARG C 62 -3.66 -37.26 -1.43
CA ARG C 62 -2.80 -38.17 -2.18
C ARG C 62 -3.34 -38.32 -3.61
N GLY C 63 -2.44 -38.29 -4.58
CA GLY C 63 -2.83 -38.43 -5.97
C GLY C 63 -3.35 -37.16 -6.62
N HIS C 64 -3.39 -36.05 -5.88
CA HIS C 64 -3.82 -34.79 -6.48
C HIS C 64 -2.66 -34.17 -7.26
N LEU C 65 -2.98 -33.46 -8.34
CA LEU C 65 -1.95 -32.96 -9.24
C LEU C 65 -1.88 -31.44 -9.17
N TRP C 66 -0.66 -30.93 -8.97
CA TRP C 66 -0.38 -29.50 -8.94
C TRP C 66 0.69 -29.09 -9.94
N LEU C 67 0.61 -27.86 -10.41
CA LEU C 67 1.70 -27.23 -11.13
C LEU C 67 1.79 -25.78 -10.69
N PHE C 68 2.86 -25.11 -11.07
CA PHE C 68 3.17 -23.79 -10.51
C PHE C 68 3.65 -22.86 -11.60
N ARG C 69 3.09 -21.65 -11.60
N ARG C 69 3.11 -21.64 -11.54
CA ARG C 69 3.37 -20.68 -12.64
CA ARG C 69 3.26 -20.62 -12.57
C ARG C 69 3.60 -19.31 -12.02
C ARG C 69 3.69 -19.31 -11.95
N ASP C 70 4.30 -18.44 -12.75
CA ASP C 70 4.46 -17.05 -12.37
C ASP C 70 3.06 -16.42 -12.43
N ALA C 71 2.62 -15.81 -11.34
CA ALA C 71 1.26 -15.33 -11.25
C ALA C 71 0.95 -14.26 -12.27
N GLY C 72 1.94 -13.44 -12.59
CA GLY C 72 1.76 -12.32 -13.51
C GLY C 72 1.81 -12.71 -14.98
N THR C 73 2.76 -13.56 -15.34
CA THR C 73 3.07 -13.87 -16.73
C THR C 73 2.69 -15.28 -17.18
N HIS C 74 2.37 -16.14 -16.23
CA HIS C 74 2.17 -17.56 -16.46
C HIS C 74 3.39 -18.35 -16.95
N ASP C 75 4.59 -17.77 -16.82
CA ASP C 75 5.83 -18.50 -17.06
C ASP C 75 5.84 -19.77 -16.22
N GLY C 76 6.34 -20.84 -16.83
CA GLY C 76 6.46 -22.12 -16.13
C GLY C 76 7.53 -22.14 -15.05
N LEU C 77 7.22 -22.79 -13.93
CA LEU C 77 8.17 -22.99 -12.86
C LEU C 77 8.30 -24.48 -12.57
N LEU C 78 9.33 -24.86 -11.83
CA LEU C 78 9.55 -26.25 -11.46
C LEU C 78 9.19 -26.45 -10.00
N VAL C 79 8.80 -27.67 -9.68
CA VAL C 79 8.53 -28.06 -8.32
C VAL C 79 9.26 -29.37 -8.11
N ASN C 80 10.14 -29.39 -7.12
CA ASN C 80 11.06 -30.51 -6.92
C ASN C 80 11.68 -30.99 -8.25
N GLN C 81 12.12 -30.03 -9.05
CA GLN C 81 12.89 -30.27 -10.29
C GLN C 81 12.07 -30.82 -11.45
N THR C 82 10.75 -30.90 -11.31
CA THR C 82 9.90 -31.38 -12.39
C THR C 82 8.68 -30.46 -12.54
N GLU C 83 7.82 -30.78 -13.50
CA GLU C 83 6.72 -29.90 -13.87
C GLU C 83 5.48 -30.09 -12.99
N LEU C 84 5.19 -31.34 -12.63
CA LEU C 84 4.02 -31.67 -11.82
C LEU C 84 4.43 -32.13 -10.43
N PHE C 85 3.57 -31.83 -9.46
CA PHE C 85 3.76 -32.26 -8.09
C PHE C 85 2.52 -33.03 -7.64
N VAL C 86 2.76 -34.21 -7.05
CA VAL C 86 1.68 -35.06 -6.56
C VAL C 86 1.91 -35.35 -5.08
N PRO C 87 1.01 -34.84 -4.20
CA PRO C 87 1.21 -35.19 -2.79
C PRO C 87 1.14 -36.69 -2.55
N SER C 88 1.99 -37.16 -1.66
CA SER C 88 2.13 -38.58 -1.35
C SER C 88 1.79 -38.84 0.13
N LEU C 89 1.99 -40.08 0.59
CA LEU C 89 1.78 -40.41 2.00
C LEU C 89 2.73 -39.61 2.89
N ASN C 90 2.17 -38.99 3.93
CA ASN C 90 2.99 -38.29 4.90
C ASN C 90 3.67 -39.29 5.83
N ASP C 92 5.82 -40.28 7.83
CA ASP C 92 5.69 -40.42 9.28
C ASP C 92 5.28 -39.09 9.90
N GLY C 93 4.01 -38.73 9.73
CA GLY C 93 3.46 -37.52 10.35
C GLY C 93 3.81 -36.19 9.71
N GLN C 94 4.89 -36.13 8.94
CA GLN C 94 5.42 -34.84 8.48
C GLN C 94 4.99 -34.46 7.05
N PRO C 95 4.86 -33.15 6.80
CA PRO C 95 4.35 -32.69 5.51
C PRO C 95 5.34 -32.95 4.37
N ILE C 96 4.81 -33.05 3.16
CA ILE C 96 5.65 -33.23 1.98
C ILE C 96 6.13 -31.86 1.54
N PHE C 97 7.42 -31.72 1.29
CA PHE C 97 7.99 -30.46 0.87
C PHE C 97 7.86 -30.32 -0.66
N ALA C 98 7.26 -29.21 -1.11
CA ALA C 98 7.20 -28.87 -2.53
C ALA C 98 8.06 -27.63 -2.80
N ASN C 99 9.26 -27.88 -3.32
CA ASN C 99 10.25 -26.84 -3.53
C ASN C 99 10.07 -26.22 -4.90
N ILE C 100 9.56 -24.99 -4.91
CA ILE C 100 9.24 -24.31 -6.17
C ILE C 100 10.43 -23.43 -6.55
N THR C 101 10.94 -23.62 -7.77
CA THR C 101 12.13 -22.89 -8.24
C THR C 101 11.98 -22.43 -9.68
N LEU C 102 12.83 -21.48 -10.06
CA LEU C 102 12.99 -21.11 -11.47
C LEU C 102 13.61 -22.25 -12.23
N PRO C 103 13.11 -22.57 -13.42
CA PRO C 103 13.94 -23.39 -14.28
C PRO C 103 15.13 -22.58 -14.81
N VAL C 104 16.11 -23.27 -15.39
CA VAL C 104 17.09 -22.60 -16.23
C VAL C 104 16.40 -22.42 -17.58
N TYR C 105 15.82 -21.26 -17.79
CA TYR C 105 15.20 -20.97 -19.08
C TYR C 105 16.27 -20.91 -20.17
N THR C 106 15.87 -21.22 -21.40
CA THR C 106 16.73 -20.98 -22.55
C THR C 106 16.90 -19.46 -22.60
N LEU C 107 17.97 -19.01 -23.25
CA LEU C 107 18.23 -17.58 -23.39
C LEU C 107 17.12 -16.91 -24.17
N LYS C 108 16.65 -17.57 -25.23
CA LYS C 108 15.53 -17.06 -26.01
C LYS C 108 14.25 -16.91 -25.18
N GLU C 109 13.92 -17.92 -24.38
CA GLU C 109 12.68 -17.79 -23.60
C GLU C 109 12.82 -16.67 -22.59
N ARG C 110 14.00 -16.57 -21.98
CA ARG C 110 14.26 -15.51 -21.03
C ARG C 110 14.18 -14.13 -21.71
N CYS C 111 14.74 -14.00 -22.91
CA CYS C 111 14.61 -12.75 -23.67
C CYS C 111 13.17 -12.43 -24.01
N LEU C 112 12.42 -13.44 -24.46
CA LEU C 112 11.01 -13.26 -24.73
C LEU C 112 10.27 -12.77 -23.48
N GLN C 113 10.59 -13.35 -22.32
CA GLN C 113 10.00 -12.90 -21.05
C GLN C 113 10.24 -11.42 -20.81
N VAL C 114 11.48 -10.98 -21.01
CA VAL C 114 11.84 -9.59 -20.72
C VAL C 114 11.15 -8.65 -21.72
N VAL C 115 11.12 -9.02 -23.00
CA VAL C 115 10.49 -8.18 -24.02
C VAL C 115 8.98 -8.06 -23.77
N ARG C 116 8.33 -9.17 -23.44
CA ARG C 116 6.90 -9.14 -23.08
C ARG C 116 6.59 -8.23 -21.88
N SER C 117 7.51 -8.18 -20.92
CA SER C 117 7.33 -7.31 -19.73
C SER C 117 7.50 -5.82 -20.02
N LEU C 118 8.10 -5.49 -21.16
CA LEU C 118 8.33 -4.09 -21.55
C LEU C 118 7.43 -3.60 -22.69
N VAL C 119 6.82 -4.50 -23.44
CA VAL C 119 6.07 -4.12 -24.64
C VAL C 119 4.63 -4.61 -24.54
N LYS C 120 3.69 -3.68 -24.70
CA LYS C 120 2.27 -4.03 -24.69
C LYS C 120 1.97 -4.92 -25.91
N PRO C 121 1.13 -5.94 -25.73
CA PRO C 121 0.84 -6.88 -26.82
C PRO C 121 0.41 -6.22 -28.14
N GLU C 122 -0.25 -5.08 -28.08
CA GLU C 122 -0.64 -4.34 -29.29
C GLU C 122 0.57 -4.00 -30.14
N ASN C 123 1.72 -3.78 -29.50
CA ASN C 123 2.90 -3.28 -30.18
C ASN C 123 4.02 -4.29 -30.44
N TYR C 124 3.78 -5.57 -30.16
CA TYR C 124 4.72 -6.60 -30.59
C TYR C 124 5.00 -6.43 -32.09
N ARG C 125 3.94 -6.17 -32.85
CA ARG C 125 4.01 -6.01 -34.31
C ARG C 125 4.83 -4.82 -34.80
N ARG C 126 5.06 -3.83 -33.93
CA ARG C 126 5.87 -2.66 -34.32
C ARG C 126 7.37 -2.87 -34.09
N LEU C 127 7.75 -4.03 -33.53
CA LEU C 127 9.16 -4.32 -33.26
C LEU C 127 9.88 -4.75 -34.55
N ASP C 128 11.13 -4.33 -34.67
CA ASP C 128 11.90 -4.58 -35.89
C ASP C 128 12.52 -5.98 -35.84
N ILE C 129 11.70 -7.01 -36.00
CA ILE C 129 12.13 -8.40 -35.86
C ILE C 129 11.39 -9.30 -36.87
N VAL C 130 11.95 -10.47 -37.15
CA VAL C 130 11.34 -11.42 -38.08
C VAL C 130 9.98 -11.91 -37.58
N ARG C 131 9.10 -12.25 -38.52
CA ARG C 131 7.75 -12.67 -38.21
C ARG C 131 7.70 -13.76 -37.14
N SER C 132 8.61 -14.74 -37.22
CA SER C 132 8.57 -15.88 -36.30
C SER C 132 8.79 -15.47 -34.85
N LEU C 133 9.49 -14.34 -34.63
CA LEU C 133 9.70 -13.80 -33.29
C LEU C 133 8.47 -13.05 -32.76
N TYR C 134 7.69 -12.43 -33.65
CA TYR C 134 6.39 -11.87 -33.27
C TYR C 134 5.48 -13.00 -32.78
N GLU C 135 5.46 -14.09 -33.54
CA GLU C 135 4.67 -15.27 -33.18
C GLU C 135 5.11 -15.86 -31.82
N ASP C 136 6.42 -15.88 -31.59
CA ASP C 136 6.95 -16.36 -30.30
C ASP C 136 6.53 -15.46 -29.15
N LEU C 137 6.53 -14.15 -29.35
CA LEU C 137 6.06 -13.21 -28.33
C LEU C 137 4.58 -13.40 -28.02
N GLU C 138 3.81 -13.47 -29.09
CA GLU C 138 2.35 -13.59 -28.98
C GLU C 138 1.94 -14.91 -28.38
N ASP C 139 2.70 -15.97 -28.68
CA ASP C 139 2.45 -17.29 -28.09
C ASP C 139 3.03 -17.34 -26.66
N HIS C 140 2.47 -16.53 -25.78
CA HIS C 140 3.00 -16.44 -24.41
C HIS C 140 2.59 -17.67 -23.59
N PRO C 141 3.33 -17.95 -22.50
CA PRO C 141 3.03 -19.13 -21.68
C PRO C 141 1.57 -19.20 -21.26
N ASN C 142 1.08 -20.43 -21.15
CA ASN C 142 -0.36 -20.71 -21.11
C ASN C 142 -0.53 -22.14 -20.61
N VAL C 143 -1.27 -22.31 -19.52
CA VAL C 143 -1.41 -23.61 -18.87
C VAL C 143 -2.04 -24.65 -19.81
N GLN C 144 -2.95 -24.20 -20.67
CA GLN C 144 -3.64 -25.07 -21.64
C GLN C 144 -2.66 -25.81 -22.55
N LYS C 145 -1.80 -25.05 -23.23
CA LYS C 145 -0.80 -25.63 -24.14
C LYS C 145 0.10 -26.61 -23.40
N ASP C 146 0.47 -26.27 -22.18
CA ASP C 146 1.30 -27.15 -21.37
C ASP C 146 0.55 -28.42 -20.97
N LEU C 147 -0.73 -28.31 -20.65
CA LEU C 147 -1.54 -29.50 -20.38
C LEU C 147 -1.76 -30.31 -21.67
N GLU C 148 -2.03 -29.64 -22.78
CA GLU C 148 -2.10 -30.30 -24.09
C GLU C 148 -0.68 -30.51 -24.63
N ARG C 149 0.11 -31.25 -23.86
CA ARG C 149 1.52 -31.46 -24.14
C ARG C 149 2.05 -32.44 -23.09
N LEU C 150 1.86 -32.08 -21.81
CA LEU C 150 2.09 -33.01 -20.71
C LEU C 150 1.17 -34.22 -20.88
N THR C 151 -0.08 -33.95 -21.23
CA THR C 151 -1.01 -34.98 -21.69
C THR C 151 -0.82 -35.16 -23.19
N GLN C 152 0.20 -35.90 -23.59
CA GLN C 152 0.45 -36.24 -24.99
C GLN C 152 1.43 -37.39 -25.11
N MET D 1 9.31 17.38 -10.84
CA MET D 1 8.29 17.73 -11.85
C MET D 1 8.97 18.12 -13.16
N ASP D 2 8.25 17.94 -14.25
CA ASP D 2 8.75 18.35 -15.55
C ASP D 2 8.56 19.85 -15.72
N VAL D 3 9.44 20.42 -16.53
CA VAL D 3 9.45 21.83 -16.81
C VAL D 3 9.46 21.93 -18.34
N PHE D 4 8.60 22.77 -18.91
CA PHE D 4 8.43 22.83 -20.36
C PHE D 4 8.94 24.17 -20.91
N LEU D 5 9.87 24.07 -21.85
CA LEU D 5 10.71 25.19 -22.27
C LEU D 5 10.68 25.48 -23.77
N MET D 6 10.93 26.75 -24.09
CA MET D 6 11.30 27.20 -25.44
C MET D 6 12.69 27.80 -25.33
N ILE D 7 13.68 27.14 -25.91
CA ILE D 7 15.04 27.68 -25.93
C ILE D 7 15.20 28.47 -27.21
N ARG D 8 15.46 29.76 -27.08
CA ARG D 8 15.34 30.70 -28.17
C ARG D 8 16.59 31.51 -28.42
N ARG D 9 16.95 31.61 -29.69
CA ARG D 9 18.03 32.47 -30.17
C ARG D 9 17.67 32.93 -31.58
N HIS D 10 17.78 34.23 -31.84
CA HIS D 10 17.50 34.79 -33.17
C HIS D 10 16.12 34.34 -33.67
N LYS D 11 16.07 33.56 -34.75
CA LYS D 11 14.82 33.04 -35.29
C LYS D 11 14.71 31.52 -35.10
N THR D 12 15.49 30.98 -34.14
CA THR D 12 15.44 29.56 -33.76
C THR D 12 14.73 29.40 -32.41
N THR D 13 13.88 28.39 -32.32
CA THR D 13 13.16 28.07 -31.08
C THR D 13 13.11 26.56 -30.91
N ILE D 14 13.71 26.04 -29.83
CA ILE D 14 13.66 24.61 -29.51
C ILE D 14 12.61 24.34 -28.43
N PHE D 15 11.67 23.45 -28.73
CA PHE D 15 10.70 23.00 -27.75
C PHE D 15 11.22 21.75 -27.06
N THR D 16 11.35 21.81 -25.74
CA THR D 16 11.78 20.65 -24.99
C THR D 16 11.36 20.74 -23.53
N ASP D 17 11.48 19.62 -22.84
CA ASP D 17 11.19 19.54 -21.42
C ASP D 17 12.44 19.11 -20.70
N ALA D 18 12.46 19.36 -19.40
CA ALA D 18 13.53 18.89 -18.54
C ALA D 18 12.99 18.83 -17.13
N LYS D 19 13.76 18.22 -16.23
CA LYS D 19 13.36 18.15 -14.83
C LYS D 19 13.70 19.45 -14.13
N GLU D 20 12.87 19.79 -13.15
CA GLU D 20 13.10 21.00 -12.36
C GLU D 20 14.45 20.91 -11.64
N SER D 21 14.79 19.68 -11.21
CA SER D 21 16.03 19.39 -10.48
C SER D 21 17.27 19.26 -11.36
N SER D 22 17.11 19.19 -12.68
CA SER D 22 18.26 19.16 -13.58
C SER D 22 18.95 20.53 -13.62
N THR D 23 20.18 20.55 -14.14
CA THR D 23 21.02 21.73 -14.09
C THR D 23 21.06 22.48 -15.40
N VAL D 24 21.51 23.73 -15.33
CA VAL D 24 21.71 24.58 -16.50
C VAL D 24 22.72 23.93 -17.46
N PHE D 25 23.77 23.34 -16.88
CA PHE D 25 24.78 22.65 -17.70
C PHE D 25 24.17 21.46 -18.46
N GLU D 26 23.32 20.70 -17.79
CA GLU D 26 22.64 19.59 -18.44
C GLU D 26 21.74 20.08 -19.58
N LEU D 27 21.20 21.28 -19.44
CA LEU D 27 20.37 21.86 -20.51
C LEU D 27 21.24 22.30 -21.69
N LYS D 28 22.46 22.76 -21.41
CA LYS D 28 23.41 23.04 -22.48
C LYS D 28 23.79 21.78 -23.26
N ARG D 29 23.91 20.64 -22.57
CA ARG D 29 24.16 19.36 -23.24
C ARG D 29 23.00 18.98 -24.18
N ILE D 30 21.78 19.25 -23.75
CA ILE D 30 20.60 19.03 -24.58
C ILE D 30 20.74 19.87 -25.86
N VAL D 31 21.09 21.14 -25.69
CA VAL D 31 21.25 22.07 -26.82
C VAL D 31 22.37 21.60 -27.75
N GLU D 32 23.47 21.11 -27.17
CA GLU D 32 24.58 20.58 -27.95
C GLU D 32 24.11 19.44 -28.86
N GLY D 33 23.32 18.53 -28.30
CA GLY D 33 22.70 17.47 -29.09
C GLY D 33 21.94 17.95 -30.32
N ILE D 34 21.26 19.10 -30.20
CA ILE D 34 20.40 19.58 -31.28
C ILE D 34 21.11 20.53 -32.25
N LEU D 35 21.86 21.49 -31.71
CA LEU D 35 22.45 22.55 -32.54
C LEU D 35 23.97 22.38 -32.75
N LYS D 36 24.53 21.31 -32.18
CA LYS D 36 25.91 20.91 -32.44
C LYS D 36 26.93 21.98 -32.03
N ARG D 37 26.72 22.57 -30.86
CA ARG D 37 27.68 23.51 -30.26
C ARG D 37 27.88 23.12 -28.80
N PRO D 38 29.15 23.02 -28.36
CA PRO D 38 29.40 22.59 -26.97
C PRO D 38 28.99 23.60 -25.89
N PRO D 39 28.77 23.13 -24.64
CA PRO D 39 28.33 23.98 -23.53
C PRO D 39 29.17 25.24 -23.32
N ASP D 40 30.49 25.15 -23.51
CA ASP D 40 31.39 26.29 -23.32
C ASP D 40 31.17 27.42 -24.35
N GLU D 41 30.58 27.10 -25.49
CA GLU D 41 30.21 28.11 -26.49
C GLU D 41 28.74 28.55 -26.35
N GLN D 42 28.11 28.29 -25.19
CA GLN D 42 26.71 28.64 -24.94
C GLN D 42 26.54 29.52 -23.72
N ARG D 43 25.63 30.48 -23.82
CA ARG D 43 25.14 31.23 -22.67
C ARG D 43 23.63 31.11 -22.60
N LEU D 44 23.12 30.65 -21.47
CA LEU D 44 21.67 30.58 -21.27
C LEU D 44 21.23 31.69 -20.35
N TYR D 45 20.05 32.24 -20.64
CA TYR D 45 19.51 33.36 -19.89
C TYR D 45 18.08 33.11 -19.44
N LYS D 46 17.69 33.74 -18.33
CA LYS D 46 16.29 34.04 -18.08
C LYS D 46 16.14 35.55 -18.18
N ASP D 47 15.34 36.01 -19.13
CA ASP D 47 15.27 37.43 -19.47
C ASP D 47 16.70 37.94 -19.73
N ASP D 48 17.16 38.95 -19.00
CA ASP D 48 18.51 39.49 -19.17
C ASP D 48 19.57 38.79 -18.29
N GLN D 49 19.13 37.99 -17.33
CA GLN D 49 20.04 37.40 -16.35
C GLN D 49 20.73 36.16 -16.91
N LEU D 50 22.06 36.15 -16.86
CA LEU D 50 22.85 34.97 -17.22
C LEU D 50 22.72 33.90 -16.16
N LEU D 51 22.57 32.64 -16.58
CA LEU D 51 22.40 31.51 -15.68
C LEU D 51 23.71 30.75 -15.42
N ASP D 52 23.96 30.42 -14.16
CA ASP D 52 25.13 29.64 -13.76
C ASP D 52 24.94 28.16 -14.07
N ASP D 53 25.95 27.54 -14.65
CA ASP D 53 25.94 26.12 -15.02
C ASP D 53 25.50 25.18 -13.88
N GLY D 54 25.91 25.46 -12.66
CA GLY D 54 25.64 24.58 -11.53
C GLY D 54 24.24 24.65 -10.92
N LYS D 55 23.53 25.76 -11.15
CA LYS D 55 22.21 25.93 -10.55
C LYS D 55 21.17 25.05 -11.23
N THR D 56 20.18 24.60 -10.46
CA THR D 56 19.06 23.86 -11.04
C THR D 56 18.14 24.82 -11.82
N LEU D 57 17.34 24.25 -12.72
CA LEU D 57 16.37 25.02 -13.49
C LEU D 57 15.34 25.66 -12.56
N GLY D 58 14.92 24.92 -11.54
CA GLY D 58 14.03 25.43 -10.49
C GLY D 58 14.60 26.63 -9.73
N GLU D 59 15.90 26.55 -9.41
CA GLU D 59 16.61 27.69 -8.80
C GLU D 59 16.69 28.89 -9.74
N CYS D 60 16.73 28.65 -11.05
CA CYS D 60 16.77 29.72 -12.05
C CYS D 60 15.38 30.28 -12.40
N GLY D 61 14.34 29.78 -11.74
CA GLY D 61 12.99 30.30 -11.89
C GLY D 61 12.11 29.53 -12.87
N PHE D 62 12.60 28.40 -13.37
CA PHE D 62 11.80 27.52 -14.22
C PHE D 62 11.16 26.45 -13.37
N THR D 63 9.88 26.65 -13.06
CA THR D 63 9.12 25.75 -12.20
C THR D 63 7.95 25.17 -12.95
N SER D 64 7.36 24.11 -12.41
CA SER D 64 6.21 23.48 -13.04
C SER D 64 5.07 24.46 -13.22
N GLN D 65 4.88 25.36 -12.26
CA GLN D 65 3.82 26.36 -12.34
C GLN D 65 3.99 27.38 -13.44
N THR D 66 5.23 27.69 -13.80
CA THR D 66 5.53 28.76 -14.74
C THR D 66 6.12 28.25 -16.05
N ALA D 67 6.22 26.93 -16.21
CA ALA D 67 6.83 26.36 -17.40
C ALA D 67 5.97 25.17 -17.84
N ARG D 68 4.82 25.51 -18.42
CA ARG D 68 3.77 24.53 -18.68
C ARG D 68 3.76 24.10 -20.15
N PRO D 69 3.27 22.88 -20.43
CA PRO D 69 3.24 22.36 -21.80
C PRO D 69 2.59 23.33 -22.79
N GLN D 70 1.45 23.90 -22.40
CA GLN D 70 0.69 24.79 -23.27
C GLN D 70 1.13 26.26 -23.20
N ALA D 71 2.16 26.55 -22.41
CA ALA D 71 2.60 27.91 -22.13
C ALA D 71 4.00 27.79 -21.57
N PRO D 72 4.95 27.34 -22.41
CA PRO D 72 6.27 27.04 -21.89
C PRO D 72 7.07 28.30 -21.55
N ALA D 73 8.07 28.14 -20.69
CA ALA D 73 8.91 29.27 -20.29
C ALA D 73 10.03 29.43 -21.30
N THR D 74 10.45 30.67 -21.54
CA THR D 74 11.51 30.97 -22.51
C THR D 74 12.90 31.02 -21.86
N VAL D 75 13.82 30.26 -22.44
CA VAL D 75 15.23 30.31 -22.08
C VAL D 75 15.96 31.00 -23.23
N GLY D 76 16.66 32.08 -22.93
CA GLY D 76 17.50 32.77 -23.92
C GLY D 76 18.80 32.02 -24.18
N LEU D 77 19.28 32.08 -25.41
CA LEU D 77 20.50 31.42 -25.79
C LEU D 77 21.34 32.37 -26.64
N ALA D 78 22.64 32.40 -26.34
CA ALA D 78 23.61 33.15 -27.15
C ALA D 78 24.85 32.28 -27.36
N PHE D 79 25.40 32.30 -28.57
CA PHE D 79 26.60 31.51 -28.89
C PHE D 79 27.89 32.30 -28.79
N ASP D 83 35.59 33.81 -30.45
CA ASP D 83 36.35 34.69 -29.57
C ASP D 83 35.46 35.31 -28.49
N THR D 84 34.47 36.10 -28.92
CA THR D 84 33.57 36.78 -27.99
C THR D 84 32.13 36.29 -28.17
N PHE D 85 31.38 36.25 -27.08
CA PHE D 85 29.97 35.88 -27.12
C PHE D 85 29.13 36.98 -27.76
N GLU D 86 28.19 36.60 -28.62
CA GLU D 86 27.22 37.54 -29.17
C GLU D 86 26.27 38.03 -28.07
N ALA D 87 25.65 39.19 -28.31
CA ALA D 87 24.64 39.71 -27.40
C ALA D 87 23.36 38.88 -27.57
N LEU D 88 22.66 38.62 -26.46
CA LEU D 88 21.41 37.89 -26.51
C LEU D 88 20.44 38.58 -27.44
N CAS D 89 19.92 37.85 -28.42
CA CAS D 89 18.94 38.39 -29.36
CB CAS D 89 19.70 38.89 -30.60
C CAS D 89 17.91 37.34 -29.66
O CAS D 89 18.23 36.24 -30.09
SG CAS D 89 18.77 38.71 -32.09
AS CAS D 89 17.84 40.74 -32.21
CE1 CAS D 89 16.99 41.28 -30.51
CE2 CAS D 89 16.38 40.71 -33.56
N ILE D 90 16.64 37.68 -29.40
CA ILE D 90 15.50 36.81 -29.70
C ILE D 90 14.54 37.56 -30.61
N GLU D 91 14.41 37.11 -31.85
CA GLU D 91 13.50 37.76 -32.79
C GLU D 91 12.06 37.46 -32.40
N PRO D 92 11.21 38.49 -32.36
CA PRO D 92 9.83 38.26 -31.97
C PRO D 92 9.04 37.48 -33.04
N PHE D 93 8.00 36.77 -32.62
CA PHE D 93 7.10 36.13 -33.56
C PHE D 93 6.29 37.22 -34.27
N SER D 94 5.70 36.86 -35.40
CA SER D 94 4.89 37.81 -36.17
C SER D 94 3.69 38.29 -35.35
N SER D 95 3.05 39.36 -35.82
CA SER D 95 1.93 39.96 -35.10
C SER D 95 0.60 39.48 -35.70
N PRO D 96 -0.39 39.18 -34.85
CA PRO D 96 -1.71 38.81 -35.37
C PRO D 96 -2.45 39.97 -36.06
N PRO D 97 -3.32 39.67 -37.02
CA PRO D 97 -4.13 40.69 -37.67
C PRO D 97 -5.24 41.25 -36.77
N GLU D 98 -5.93 42.27 -37.25
CA GLU D 98 -7.09 42.82 -36.55
C GLU D 98 -8.24 41.82 -36.61
N LEU D 99 -9.07 41.80 -35.58
CA LEU D 99 -10.14 40.80 -35.44
C LEU D 99 -11.14 40.77 -36.60
N PRO D 100 -11.82 41.89 -36.84
CA PRO D 100 -12.94 42.01 -37.81
C PRO D 100 -14.26 41.98 -37.05
N ASP D 101 -15.29 41.33 -37.58
CA ASP D 101 -16.56 41.23 -36.89
C ASP D 101 -16.55 40.13 -35.83
N VAL D 102 -15.69 40.30 -34.82
CA VAL D 102 -15.62 39.40 -33.68
C VAL D 102 -15.16 38.00 -34.07
N MET E 2 15.57 12.20 -34.26
CA MET E 2 14.92 12.47 -32.95
C MET E 2 14.22 13.83 -32.93
N TYR E 3 14.81 14.84 -33.58
CA TYR E 3 14.17 16.15 -33.72
C TYR E 3 13.92 16.49 -35.19
N VAL E 4 12.91 17.32 -35.43
CA VAL E 4 12.65 17.87 -36.76
C VAL E 4 12.49 19.38 -36.67
N LYS E 5 12.63 20.04 -37.81
CA LYS E 5 12.53 21.50 -37.90
C LYS E 5 11.31 21.91 -38.71
N LEU E 6 10.49 22.79 -38.12
CA LEU E 6 9.31 23.31 -38.79
C LEU E 6 9.49 24.82 -38.96
N ILE E 7 9.53 25.26 -40.21
CA ILE E 7 9.85 26.63 -40.53
C ILE E 7 8.60 27.39 -40.95
N SER E 8 8.32 28.50 -40.26
CA SER E 8 7.15 29.33 -40.56
C SER E 8 7.35 30.16 -41.82
N SER E 9 6.28 30.80 -42.29
CA SER E 9 6.30 31.61 -43.49
C SER E 9 7.25 32.82 -43.38
N ASP E 10 7.39 33.35 -42.17
CA ASP E 10 8.29 34.48 -41.91
C ASP E 10 9.72 34.06 -41.48
N GLY E 11 10.09 32.79 -41.68
CA GLY E 11 11.45 32.31 -41.42
C GLY E 11 11.77 31.75 -40.03
N HIS E 12 10.82 31.76 -39.09
CA HIS E 12 11.11 31.22 -37.75
C HIS E 12 11.22 29.70 -37.80
N GLU E 13 12.24 29.16 -37.17
CA GLU E 13 12.52 27.74 -37.22
C GLU E 13 12.18 27.14 -35.85
N PHE E 14 11.23 26.21 -35.84
CA PHE E 14 10.78 25.58 -34.61
C PHE E 14 11.29 24.14 -34.58
N ILE E 15 12.12 23.83 -33.60
CA ILE E 15 12.71 22.50 -33.49
C ILE E 15 11.97 21.70 -32.43
N VAL E 16 11.36 20.61 -32.88
CA VAL E 16 10.44 19.84 -32.07
C VAL E 16 10.83 18.38 -32.17
N LYS E 17 10.51 17.61 -31.14
CA LYS E 17 10.71 16.17 -31.15
C LYS E 17 9.98 15.53 -32.34
N ARG E 18 10.61 14.52 -32.92
CA ARG E 18 10.06 13.87 -34.10
C ARG E 18 8.73 13.20 -33.76
N GLU E 19 8.70 12.49 -32.63
CA GLU E 19 7.47 11.85 -32.15
C GLU E 19 6.31 12.84 -32.09
N HIS E 20 6.58 14.04 -31.56
CA HIS E 20 5.56 15.06 -31.41
C HIS E 20 5.04 15.56 -32.76
N ALA E 21 5.96 15.82 -33.67
CA ALA E 21 5.61 16.33 -34.99
C ALA E 21 4.83 15.31 -35.84
N LEU E 22 5.18 14.04 -35.70
CA LEU E 22 4.52 12.97 -36.46
C LEU E 22 3.06 12.72 -36.04
N THR E 23 2.60 13.36 -34.97
CA THR E 23 1.16 13.32 -34.63
C THR E 23 0.30 13.92 -35.74
N SER E 24 0.89 14.79 -36.57
CA SER E 24 0.22 15.32 -37.76
C SER E 24 0.51 14.43 -38.95
N GLY E 25 -0.56 13.85 -39.52
CA GLY E 25 -0.42 13.03 -40.72
C GLY E 25 0.14 13.84 -41.86
N THR E 26 -0.29 15.09 -41.98
CA THR E 26 0.21 16.01 -42.99
C THR E 26 1.72 16.23 -42.94
N ILE E 27 2.23 16.48 -41.73
CA ILE E 27 3.67 16.68 -41.53
C ILE E 27 4.42 15.38 -41.83
N LYS E 28 3.91 14.25 -41.34
CA LYS E 28 4.50 12.93 -41.65
C LYS E 28 4.68 12.75 -43.15
N ALA E 29 3.64 13.09 -43.92
CA ALA E 29 3.70 13.00 -45.37
C ALA E 29 4.70 13.97 -45.97
N MET E 30 4.85 15.15 -45.36
CA MET E 30 5.83 16.13 -45.82
C MET E 30 7.26 15.73 -45.48
N LEU E 31 7.43 14.89 -44.45
CA LEU E 31 8.76 14.37 -44.10
C LEU E 31 9.21 13.20 -44.99
N SER E 32 8.30 12.59 -45.73
CA SER E 32 8.64 11.49 -46.65
C SER E 32 7.95 11.68 -48.00
N THR E 42 16.33 17.70 -45.17
CA THR E 42 15.78 16.34 -45.07
C THR E 42 14.74 16.26 -43.96
N ASN E 43 15.14 16.66 -42.75
CA ASN E 43 14.27 16.62 -41.58
C ASN E 43 13.62 17.98 -41.30
N GLU E 44 13.42 18.77 -42.35
CA GLU E 44 12.87 20.11 -42.22
C GLU E 44 11.61 20.22 -43.07
N VAL E 45 10.63 20.97 -42.57
CA VAL E 45 9.43 21.28 -43.35
C VAL E 45 9.19 22.78 -43.35
N ASN E 46 8.97 23.34 -44.54
CA ASN E 46 8.64 24.75 -44.66
C ASN E 46 7.14 24.93 -44.79
N PHE E 47 6.60 25.88 -44.04
CA PHE E 47 5.19 26.24 -44.14
C PHE E 47 5.08 27.65 -44.68
N ARG E 48 4.73 27.76 -45.95
CA ARG E 48 4.61 29.04 -46.62
C ARG E 48 3.40 29.85 -46.19
N GLU E 49 2.40 29.19 -45.63
CA GLU E 49 1.16 29.89 -45.23
C GLU E 49 1.03 30.06 -43.74
N ILE E 50 1.90 29.44 -42.96
CA ILE E 50 1.74 29.47 -41.51
C ILE E 50 2.79 30.41 -40.89
N PRO E 51 2.35 31.58 -40.39
CA PRO E 51 3.27 32.51 -39.74
C PRO E 51 3.68 32.05 -38.33
N SER E 52 4.74 32.64 -37.79
CA SER E 52 5.36 32.18 -36.55
C SER E 52 4.44 32.27 -35.32
N HIS E 53 3.55 33.27 -35.28
CA HIS E 53 2.61 33.37 -34.16
C HIS E 53 1.55 32.27 -34.17
N VAL E 54 1.37 31.62 -35.32
CA VAL E 54 0.48 30.47 -35.42
C VAL E 54 1.26 29.18 -35.19
N LEU E 55 2.38 29.02 -35.88
CA LEU E 55 3.16 27.79 -35.79
C LEU E 55 3.72 27.54 -34.39
N SER E 56 4.08 28.61 -33.68
CA SER E 56 4.52 28.47 -32.30
C SER E 56 3.43 27.81 -31.47
N LYS E 57 2.19 28.24 -31.69
CA LYS E 57 1.05 27.69 -30.98
C LYS E 57 0.83 26.22 -31.29
N VAL E 58 1.04 25.86 -32.56
CA VAL E 58 0.92 24.48 -33.00
C VAL E 58 1.92 23.60 -32.26
N CYS E 59 3.13 24.11 -32.06
CA CYS E 59 4.17 23.36 -31.37
C CYS E 59 3.84 23.17 -29.89
N MET E 60 3.28 24.20 -29.27
CA MET E 60 2.79 24.10 -27.89
C MET E 60 1.66 23.07 -27.79
N TYR E 61 0.80 23.00 -28.81
CA TYR E 61 -0.26 22.00 -28.82
C TYR E 61 0.32 20.59 -28.76
N PHE E 62 1.32 20.31 -29.58
CA PHE E 62 1.98 18.99 -29.58
C PHE E 62 2.39 18.60 -28.19
N THR E 63 3.10 19.51 -27.53
CA THR E 63 3.59 19.29 -26.17
C THR E 63 2.41 18.98 -25.23
N TYR E 64 1.39 19.82 -25.31
CA TYR E 64 0.15 19.68 -24.50
C TYR E 64 -0.53 18.33 -24.74
N LYS E 65 -0.69 17.96 -26.00
CA LYS E 65 -1.30 16.69 -26.37
C LYS E 65 -0.55 15.50 -25.79
N VAL E 66 0.75 15.44 -26.07
CA VAL E 66 1.57 14.32 -25.61
C VAL E 66 1.57 14.25 -24.08
N ARG E 67 1.66 15.40 -23.42
CA ARG E 67 1.65 15.41 -21.95
C ARG E 67 0.33 14.96 -21.33
N TYR E 68 -0.79 15.39 -21.89
CA TYR E 68 -2.08 15.18 -21.22
C TYR E 68 -2.95 14.04 -21.78
N THR E 69 -2.58 13.47 -22.93
CA THR E 69 -3.33 12.37 -23.53
C THR E 69 -3.22 11.12 -22.65
N ASN E 70 -4.33 10.41 -22.49
CA ASN E 70 -4.39 9.20 -21.65
C ASN E 70 -3.84 9.46 -20.25
N SER E 71 -4.24 10.58 -19.67
CA SER E 71 -3.70 11.03 -18.39
C SER E 71 -4.82 11.12 -17.36
N SER E 72 -4.49 10.75 -16.12
CA SER E 72 -5.47 10.75 -15.02
C SER E 72 -5.52 12.11 -14.33
N THR E 73 -4.41 12.83 -14.33
CA THR E 73 -4.36 14.20 -13.80
C THR E 73 -5.42 15.12 -14.42
N GLU E 74 -5.66 16.24 -13.74
CA GLU E 74 -6.58 17.25 -14.23
C GLU E 74 -5.96 17.98 -15.43
N ILE E 75 -6.76 18.14 -16.48
CA ILE E 75 -6.28 18.66 -17.74
C ILE E 75 -6.66 20.14 -17.83
N PRO E 76 -5.68 21.02 -18.10
CA PRO E 76 -6.02 22.44 -18.26
C PRO E 76 -6.52 22.74 -19.66
N GLU E 77 -7.18 23.88 -19.81
CA GLU E 77 -7.67 24.34 -21.09
C GLU E 77 -6.49 24.72 -21.97
N PHE E 78 -6.54 24.35 -23.24
CA PHE E 78 -5.55 24.85 -24.17
C PHE E 78 -5.99 26.26 -24.59
N PRO E 79 -5.17 27.27 -24.28
CA PRO E 79 -5.57 28.65 -24.52
C PRO E 79 -5.34 29.09 -25.97
N ILE E 80 -6.30 29.82 -26.53
CA ILE E 80 -6.16 30.38 -27.87
C ILE E 80 -6.66 31.81 -27.87
N ALA E 81 -5.74 32.75 -28.02
CA ALA E 81 -6.09 34.16 -28.09
C ALA E 81 -7.05 34.37 -29.26
N PRO E 82 -8.10 35.16 -29.06
CA PRO E 82 -9.03 35.42 -30.14
C PRO E 82 -8.39 35.91 -31.43
N GLU E 83 -7.29 36.65 -31.32
CA GLU E 83 -6.62 37.26 -32.46
C GLU E 83 -5.99 36.24 -33.41
N ILE E 84 -5.68 35.05 -32.92
CA ILE E 84 -5.06 34.02 -33.74
C ILE E 84 -6.00 32.84 -34.07
N ALA E 85 -7.19 32.83 -33.47
CA ALA E 85 -8.10 31.69 -33.57
C ALA E 85 -8.39 31.28 -35.01
N LEU E 86 -8.66 32.26 -35.87
CA LEU E 86 -9.00 31.98 -37.26
C LEU E 86 -7.84 31.34 -38.00
N GLU E 87 -6.66 31.93 -37.87
CA GLU E 87 -5.49 31.42 -38.56
C GLU E 87 -5.12 30.03 -38.03
N LEU E 88 -5.19 29.86 -36.72
CA LEU E 88 -4.84 28.59 -36.10
C LEU E 88 -5.80 27.50 -36.57
N LEU E 89 -7.08 27.85 -36.70
CA LEU E 89 -8.09 26.95 -37.23
C LEU E 89 -7.71 26.43 -38.62
N MET E 90 -7.33 27.35 -39.51
CA MET E 90 -6.91 26.99 -40.86
C MET E 90 -5.68 26.06 -40.83
N ALA E 91 -4.67 26.41 -40.04
CA ALA E 91 -3.50 25.55 -39.89
C ALA E 91 -3.88 24.15 -39.39
N ALA E 92 -4.75 24.09 -38.39
CA ALA E 92 -5.14 22.82 -37.80
C ALA E 92 -5.88 21.96 -38.81
N ASN E 93 -6.72 22.61 -39.62
CA ASN E 93 -7.45 21.93 -40.68
C ASN E 93 -6.49 21.37 -41.74
N PHE E 94 -5.45 22.13 -42.03
CA PHE E 94 -4.45 21.73 -43.00
C PHE E 94 -3.59 20.57 -42.48
N LEU E 95 -3.16 20.70 -41.23
CA LEU E 95 -2.32 19.69 -40.59
C LEU E 95 -3.10 18.49 -40.04
N ASP E 96 -4.43 18.62 -39.99
CA ASP E 96 -5.33 17.55 -39.55
C ASP E 96 -5.04 17.13 -38.12
N CAS E 97 -5.44 17.98 -37.19
CA CAS E 97 -5.22 17.70 -35.78
CB CAS E 97 -3.75 17.92 -35.55
C CAS E 97 -5.95 18.59 -34.85
O CAS E 97 -6.78 19.40 -35.24
OXT CAS E 97 -5.69 18.51 -33.65
SG CAS E 97 -3.39 19.62 -35.86
AS CAS E 97 -1.34 19.34 -35.07
CE1 CAS E 97 -0.90 17.39 -35.04
CE2 CAS E 97 -0.13 20.35 -36.26
N VAL F 11 -31.71 2.02 -27.95
CA VAL F 11 -30.55 1.09 -27.77
C VAL F 11 -29.71 1.48 -26.57
N LEU F 12 -29.29 2.75 -26.54
CA LEU F 12 -28.51 3.30 -25.44
C LEU F 12 -29.48 3.89 -24.42
N ARG F 13 -29.59 3.24 -23.26
CA ARG F 13 -30.58 3.61 -22.27
C ARG F 13 -30.21 3.06 -20.91
N SER F 14 -30.77 3.65 -19.85
CA SER F 14 -30.50 3.18 -18.50
C SER F 14 -31.23 1.87 -18.25
N VAL F 15 -30.57 0.96 -17.55
CA VAL F 15 -31.17 -0.28 -17.11
C VAL F 15 -31.96 0.06 -15.86
N ASN F 16 -33.21 -0.40 -15.81
CA ASN F 16 -34.03 -0.19 -14.64
C ASN F 16 -33.72 -1.19 -13.52
N SER F 17 -32.48 -1.16 -13.03
CA SER F 17 -32.04 -2.05 -11.95
C SER F 17 -32.84 -1.87 -10.68
N ARG F 18 -33.24 -0.64 -10.39
CA ARG F 18 -33.85 -0.30 -9.11
C ARG F 18 -32.89 -0.57 -7.93
N GLU F 19 -31.58 -0.54 -8.21
CA GLU F 19 -30.55 -0.86 -7.22
C GLU F 19 -29.72 0.39 -6.92
N PRO F 20 -29.92 1.00 -5.74
CA PRO F 20 -29.26 2.28 -5.45
C PRO F 20 -27.74 2.25 -5.56
N SER F 21 -27.18 3.37 -6.02
CA SER F 21 -25.74 3.55 -6.11
C SER F 21 -25.44 5.02 -5.92
N GLN F 22 -24.65 5.34 -4.91
CA GLN F 22 -24.30 6.72 -4.64
C GLN F 22 -23.00 7.05 -5.35
N VAL F 23 -22.92 8.29 -5.82
CA VAL F 23 -21.89 8.73 -6.74
C VAL F 23 -21.48 10.14 -6.34
N ILE F 24 -20.21 10.44 -6.50
CA ILE F 24 -19.74 11.81 -6.42
C ILE F 24 -19.41 12.33 -7.82
N PHE F 25 -20.17 13.32 -8.28
CA PHE F 25 -19.83 14.08 -9.47
C PHE F 25 -18.80 15.12 -9.09
N CAS F 26 -17.56 14.96 -9.53
CA CAS F 26 -16.48 15.90 -9.22
CB CAS F 26 -15.33 15.09 -8.63
C CAS F 26 -16.07 16.59 -10.50
O CAS F 26 -15.51 15.98 -11.40
SG CAS F 26 -13.91 16.08 -8.29
AS CAS F 26 -14.50 17.08 -6.40
CE1 CAS F 26 -13.03 16.86 -5.10
CE2 CAS F 26 -14.62 19.03 -6.69
N ASN F 27 -16.38 17.88 -10.59
CA ASN F 27 -16.03 18.67 -11.77
C ASN F 27 -14.60 19.22 -11.69
N ARG F 28 -13.67 18.46 -12.25
CA ARG F 28 -12.28 18.86 -12.37
C ARG F 28 -12.00 19.48 -13.74
N SER F 29 -12.91 20.32 -14.20
CA SER F 29 -12.76 21.04 -15.44
C SER F 29 -12.98 22.51 -15.13
N PRO F 30 -12.60 23.40 -16.06
CA PRO F 30 -12.91 24.81 -15.90
C PRO F 30 -14.27 25.20 -16.51
N ARG F 31 -15.03 24.22 -16.99
CA ARG F 31 -16.34 24.47 -17.59
C ARG F 31 -17.44 24.29 -16.54
N VAL F 32 -18.56 24.98 -16.73
CA VAL F 32 -19.79 24.64 -16.03
C VAL F 32 -20.31 23.34 -16.65
N VAL F 33 -20.50 22.31 -15.84
CA VAL F 33 -20.87 20.98 -16.33
C VAL F 33 -22.37 20.71 -16.22
N LEU F 34 -22.93 20.20 -17.31
CA LEU F 34 -24.29 19.71 -17.37
C LEU F 34 -24.25 18.19 -17.35
N PRO F 35 -24.69 17.57 -16.23
CA PRO F 35 -24.87 16.12 -16.23
C PRO F 35 -26.09 15.76 -17.05
N VAL F 36 -26.03 14.66 -17.80
CA VAL F 36 -27.15 14.19 -18.61
C VAL F 36 -27.39 12.73 -18.34
N TRP F 37 -28.57 12.39 -17.85
CA TRP F 37 -28.95 11.00 -17.62
C TRP F 37 -29.73 10.49 -18.85
N LEU F 38 -29.34 9.33 -19.37
CA LEU F 38 -30.13 8.69 -20.41
C LEU F 38 -31.24 7.90 -19.73
N ASN F 39 -32.48 8.28 -19.98
CA ASN F 39 -33.59 7.67 -19.27
C ASN F 39 -33.95 6.26 -19.81
N PHE F 40 -35.02 5.66 -19.30
CA PHE F 40 -35.33 4.27 -19.64
C PHE F 40 -35.74 4.08 -21.11
N ASP F 41 -36.24 5.14 -21.74
CA ASP F 41 -36.48 5.16 -23.20
C ASP F 41 -35.27 5.67 -23.99
N GLY F 42 -34.19 6.00 -23.30
CA GLY F 42 -32.98 6.51 -23.95
C GLY F 42 -33.01 7.99 -24.32
N GLU F 43 -33.96 8.74 -23.76
CA GLU F 43 -33.98 10.19 -23.94
C GLU F 43 -33.03 10.87 -22.95
N PRO F 44 -32.21 11.82 -23.42
CA PRO F 44 -31.35 12.54 -22.49
C PRO F 44 -32.15 13.46 -21.56
N GLN F 45 -31.90 13.35 -20.27
CA GLN F 45 -32.52 14.21 -19.27
C GLN F 45 -31.43 15.04 -18.60
N PRO F 46 -31.49 16.37 -18.76
CA PRO F 46 -30.54 17.25 -18.10
C PRO F 46 -30.77 17.33 -16.59
N TYR F 47 -29.69 17.50 -15.85
CA TYR F 47 -29.70 17.59 -14.39
C TYR F 47 -29.05 18.90 -13.99
N PRO F 48 -29.14 19.29 -12.70
CA PRO F 48 -28.58 20.60 -12.35
C PRO F 48 -27.08 20.72 -12.63
N THR F 49 -26.62 21.92 -12.93
CA THR F 49 -25.23 22.13 -13.35
C THR F 49 -24.24 22.11 -12.17
N LEU F 50 -22.98 21.83 -12.47
CA LEU F 50 -21.90 21.93 -11.48
C LEU F 50 -20.89 23.00 -11.90
N PRO F 51 -20.68 24.02 -11.04
CA PRO F 51 -19.64 25.02 -11.35
C PRO F 51 -18.25 24.39 -11.35
N PRO F 52 -17.27 25.04 -12.01
CA PRO F 52 -15.92 24.48 -12.06
C PRO F 52 -15.34 24.19 -10.68
N GLY F 53 -14.65 23.06 -10.56
CA GLY F 53 -13.96 22.73 -9.31
C GLY F 53 -14.85 22.27 -8.18
N THR F 54 -16.13 22.05 -8.44
CA THR F 54 -17.05 21.62 -7.38
C THR F 54 -17.44 20.16 -7.54
N GLY F 55 -17.93 19.60 -6.44
CA GLY F 55 -18.38 18.22 -6.38
C GLY F 55 -19.76 18.14 -5.73
N ARG F 56 -20.50 17.09 -6.09
N ARG F 56 -20.50 17.09 -6.06
CA ARG F 56 -21.84 16.83 -5.57
CA ARG F 56 -21.81 16.85 -5.47
C ARG F 56 -21.97 15.33 -5.31
C ARG F 56 -22.03 15.36 -5.31
N ARG F 57 -22.48 14.97 -4.12
CA ARG F 57 -22.78 13.58 -3.84
C ARG F 57 -24.22 13.36 -4.23
N ILE F 58 -24.48 12.40 -5.11
CA ILE F 58 -25.81 12.22 -5.67
C ILE F 58 -26.29 10.77 -5.63
N HIS F 59 -27.60 10.61 -5.69
CA HIS F 59 -28.24 9.29 -5.71
C HIS F 59 -28.59 8.88 -7.13
N SER F 60 -28.02 7.77 -7.55
CA SER F 60 -28.32 7.19 -8.85
C SER F 60 -28.50 5.69 -8.65
N TYR F 61 -28.36 4.92 -9.73
CA TYR F 61 -28.63 3.49 -9.69
C TYR F 61 -27.68 2.71 -10.56
N ARG F 62 -27.44 1.46 -10.17
CA ARG F 62 -26.61 0.54 -10.95
C ARG F 62 -27.15 0.43 -12.37
N GLY F 63 -26.27 0.48 -13.36
CA GLY F 63 -26.68 0.34 -14.75
C GLY F 63 -27.28 1.59 -15.39
N HIS F 64 -27.36 2.70 -14.66
CA HIS F 64 -27.85 3.96 -15.23
C HIS F 64 -26.71 4.65 -15.99
N LEU F 65 -27.05 5.29 -17.11
CA LEU F 65 -26.05 5.87 -18.00
C LEU F 65 -26.04 7.39 -17.90
N TRP F 66 -24.84 7.95 -17.74
CA TRP F 66 -24.67 9.38 -17.68
C TRP F 66 -23.62 9.84 -18.65
N LEU F 67 -23.80 11.03 -19.20
CA LEU F 67 -22.72 11.72 -19.89
C LEU F 67 -22.67 13.16 -19.39
N PHE F 68 -21.60 13.87 -19.75
CA PHE F 68 -21.32 15.18 -19.21
C PHE F 68 -20.91 16.15 -20.30
N ARG F 69 -21.54 17.34 -20.27
N ARG F 69 -21.54 17.34 -20.30
CA ARG F 69 -21.40 18.37 -21.30
CA ARG F 69 -21.29 18.34 -21.33
C ARG F 69 -21.04 19.70 -20.66
C ARG F 69 -21.09 19.70 -20.71
N ASP F 70 -20.43 20.58 -21.45
CA ASP F 70 -20.33 21.98 -21.09
C ASP F 70 -21.75 22.55 -21.18
N ALA F 71 -22.24 23.09 -20.07
CA ALA F 71 -23.60 23.58 -19.97
C ALA F 71 -23.95 24.70 -20.96
N GLY F 72 -22.98 25.54 -21.28
CA GLY F 72 -23.19 26.65 -22.21
C GLY F 72 -23.11 26.27 -23.68
N THR F 73 -22.11 25.47 -24.04
CA THR F 73 -21.83 25.15 -25.44
C THR F 73 -22.16 23.73 -25.86
N HIS F 74 -22.40 22.86 -24.89
CA HIS F 74 -22.57 21.42 -25.12
C HIS F 74 -21.34 20.68 -25.65
N ASP F 75 -20.15 21.30 -25.52
CA ASP F 75 -18.90 20.58 -25.78
C ASP F 75 -18.83 19.31 -24.91
N GLY F 76 -18.34 18.24 -25.50
CA GLY F 76 -18.17 16.98 -24.80
C GLY F 76 -17.10 17.05 -23.72
N LEU F 77 -17.36 16.38 -22.61
CA LEU F 77 -16.39 16.21 -21.54
C LEU F 77 -16.18 14.73 -21.26
N LEU F 78 -15.13 14.41 -20.52
CA LEU F 78 -14.89 13.02 -20.15
C LEU F 78 -15.26 12.80 -18.70
N VAL F 79 -15.57 11.55 -18.39
CA VAL F 79 -15.86 11.15 -17.03
C VAL F 79 -15.06 9.85 -16.82
N ASN F 80 -14.20 9.85 -15.82
CA ASN F 80 -13.21 8.79 -15.65
C ASN F 80 -12.58 8.39 -16.99
N GLN F 81 -12.11 9.41 -17.72
CA GLN F 81 -11.37 9.27 -18.98
C GLN F 81 -12.14 8.64 -20.14
N THR F 82 -13.46 8.51 -20.02
CA THR F 82 -14.26 8.05 -21.13
C THR F 82 -15.53 8.89 -21.27
N GLU F 83 -16.36 8.56 -22.24
CA GLU F 83 -17.51 9.37 -22.58
C GLU F 83 -18.73 9.09 -21.70
N LEU F 84 -18.99 7.81 -21.42
CA LEU F 84 -20.16 7.39 -20.64
C LEU F 84 -19.78 6.93 -19.25
N PHE F 85 -20.66 7.21 -18.29
CA PHE F 85 -20.46 6.79 -16.91
C PHE F 85 -21.64 5.95 -16.45
N VAL F 86 -21.33 4.80 -15.87
CA VAL F 86 -22.33 3.90 -15.36
C VAL F 86 -22.02 3.59 -13.90
N PRO F 87 -22.88 4.04 -12.96
CA PRO F 87 -22.66 3.67 -11.57
C PRO F 87 -22.59 2.16 -11.35
N SER F 88 -21.69 1.75 -10.47
CA SER F 88 -21.50 0.35 -10.11
C SER F 88 -21.74 0.15 -8.60
N LEU F 89 -21.49 -1.07 -8.12
CA LEU F 89 -21.64 -1.39 -6.71
C LEU F 89 -20.82 -0.45 -5.81
N ASN F 90 -21.45 0.08 -4.77
CA ASN F 90 -20.74 0.85 -3.74
C ASN F 90 -20.08 -0.14 -2.79
N VAL F 91 -18.76 -0.27 -2.86
CA VAL F 91 -18.05 -1.21 -1.98
C VAL F 91 -17.90 -0.61 -0.58
N ASP F 92 -18.35 -1.37 0.42
CA ASP F 92 -18.33 -0.95 1.84
C ASP F 92 -19.02 0.40 2.06
N GLY F 93 -20.12 0.65 1.34
CA GLY F 93 -20.80 1.95 1.40
C GLY F 93 -20.14 3.11 0.67
N GLN F 94 -18.95 2.91 0.09
CA GLN F 94 -18.19 4.02 -0.50
C GLN F 94 -18.86 4.46 -1.81
N PRO F 95 -19.10 5.77 -1.96
CA PRO F 95 -19.70 6.24 -3.21
C PRO F 95 -18.72 6.12 -4.36
N ILE F 96 -19.22 5.96 -5.58
CA ILE F 96 -18.36 5.85 -6.76
C ILE F 96 -17.88 7.24 -7.15
N PHE F 97 -16.59 7.36 -7.46
CA PHE F 97 -16.08 8.64 -7.89
C PHE F 97 -16.24 8.82 -9.40
N ALA F 98 -16.94 9.89 -9.80
CA ALA F 98 -17.07 10.27 -11.20
C ALA F 98 -16.25 11.54 -11.45
N ASN F 99 -15.03 11.34 -11.93
CA ASN F 99 -14.08 12.42 -12.15
C ASN F 99 -14.30 13.03 -13.54
N ILE F 100 -14.89 14.23 -13.56
CA ILE F 100 -15.24 14.90 -14.80
C ILE F 100 -14.13 15.87 -15.23
N THR F 101 -13.61 15.69 -16.44
CA THR F 101 -12.50 16.51 -16.94
C THR F 101 -12.68 16.92 -18.39
N LEU F 102 -11.88 17.89 -18.83
CA LEU F 102 -11.76 18.19 -20.26
C LEU F 102 -11.12 17.00 -20.93
N PRO F 103 -11.58 16.67 -22.14
CA PRO F 103 -10.73 15.83 -22.97
C PRO F 103 -9.58 16.68 -23.52
N VAL F 104 -8.59 16.01 -24.10
CA VAL F 104 -7.64 16.70 -24.95
C VAL F 104 -8.32 16.84 -26.30
N TYR F 105 -8.95 17.99 -26.52
CA TYR F 105 -9.62 18.25 -27.79
C TYR F 105 -8.58 18.29 -28.88
N THR F 106 -8.97 17.93 -30.10
CA THR F 106 -8.08 18.17 -31.24
C THR F 106 -7.89 19.68 -31.31
N LEU F 107 -6.80 20.10 -31.92
CA LEU F 107 -6.53 21.51 -32.10
C LEU F 107 -7.66 22.16 -32.93
N LYS F 108 -8.11 21.46 -33.95
CA LYS F 108 -9.22 21.96 -34.77
C LYS F 108 -10.49 22.15 -33.95
N GLU F 109 -10.85 21.13 -33.16
CA GLU F 109 -12.05 21.23 -32.33
C GLU F 109 -11.93 22.40 -31.37
N ARG F 110 -10.77 22.53 -30.73
CA ARG F 110 -10.52 23.64 -29.83
C ARG F 110 -10.64 24.99 -30.54
N CYS F 111 -10.10 25.09 -31.74
CA CYS F 111 -10.22 26.33 -32.53
C CYS F 111 -11.66 26.66 -32.84
N LEU F 112 -12.43 25.65 -33.28
CA LEU F 112 -13.83 25.82 -33.58
C LEU F 112 -14.59 26.34 -32.37
N GLN F 113 -14.30 25.76 -31.20
CA GLN F 113 -14.90 26.21 -29.93
C GLN F 113 -14.70 27.71 -29.72
N VAL F 114 -13.47 28.17 -29.88
CA VAL F 114 -13.16 29.57 -29.60
C VAL F 114 -13.85 30.48 -30.62
N VAL F 115 -13.86 30.08 -31.89
CA VAL F 115 -14.52 30.86 -32.92
C VAL F 115 -16.04 30.90 -32.72
N ARG F 116 -16.63 29.76 -32.33
CA ARG F 116 -18.06 29.72 -31.97
C ARG F 116 -18.42 30.65 -30.81
N SER F 117 -17.53 30.77 -29.83
CA SER F 117 -17.77 31.63 -28.69
C SER F 117 -17.74 33.13 -29.06
N LEU F 118 -17.02 33.46 -30.13
CA LEU F 118 -16.83 34.85 -30.56
C LEU F 118 -17.75 35.33 -31.70
N VAL F 119 -18.23 34.40 -32.53
CA VAL F 119 -19.06 34.75 -33.69
C VAL F 119 -20.47 34.17 -33.55
N LYS F 120 -21.49 35.01 -33.75
CA LYS F 120 -22.87 34.56 -33.71
C LYS F 120 -23.13 33.64 -34.91
N PRO F 121 -23.96 32.59 -34.74
CA PRO F 121 -24.20 31.63 -35.81
C PRO F 121 -24.60 32.26 -37.15
N GLU F 122 -25.34 33.36 -37.08
CA GLU F 122 -25.73 34.13 -38.25
C GLU F 122 -24.53 34.50 -39.11
N ASN F 123 -23.44 34.89 -38.44
CA ASN F 123 -22.29 35.46 -39.13
C ASN F 123 -21.16 34.47 -39.48
N TYR F 124 -21.32 33.18 -39.21
CA TYR F 124 -20.27 32.20 -39.56
C TYR F 124 -19.91 32.36 -41.03
N ARG F 125 -20.94 32.48 -41.86
CA ARG F 125 -20.80 32.58 -43.31
C ARG F 125 -19.99 33.80 -43.78
N ARG F 126 -19.84 34.80 -42.91
CA ARG F 126 -19.08 36.01 -43.24
C ARG F 126 -17.59 35.86 -42.99
N LEU F 127 -17.17 34.75 -42.39
CA LEU F 127 -15.75 34.51 -42.13
C LEU F 127 -15.02 34.13 -43.41
N ASP F 128 -13.80 34.62 -43.58
CA ASP F 128 -13.02 34.34 -44.78
C ASP F 128 -12.34 32.97 -44.70
N ILE F 129 -13.13 31.91 -44.80
CA ILE F 129 -12.65 30.53 -44.68
C ILE F 129 -13.37 29.59 -45.68
N VAL F 130 -12.78 28.43 -45.93
CA VAL F 130 -13.39 27.43 -46.83
C VAL F 130 -14.75 26.93 -46.34
N ARG F 131 -15.55 26.43 -47.28
CA ARG F 131 -16.93 26.01 -47.01
C ARG F 131 -17.03 24.91 -45.95
N SER F 132 -16.18 23.89 -46.05
CA SER F 132 -16.22 22.78 -45.10
C SER F 132 -16.06 23.26 -43.64
N LEU F 133 -15.32 24.34 -43.43
CA LEU F 133 -15.17 24.93 -42.08
C LEU F 133 -16.44 25.64 -41.60
N TYR F 134 -17.18 26.31 -42.49
CA TYR F 134 -18.51 26.83 -42.16
C TYR F 134 -19.35 25.68 -41.62
N GLU F 135 -19.35 24.58 -42.35
CA GLU F 135 -20.12 23.39 -41.96
C GLU F 135 -19.68 22.86 -40.58
N ASP F 136 -18.37 22.85 -40.34
CA ASP F 136 -17.83 22.39 -39.07
C ASP F 136 -18.28 23.33 -37.94
N LEU F 137 -18.22 24.63 -38.18
CA LEU F 137 -18.71 25.61 -37.20
C LEU F 137 -20.19 25.40 -36.89
N GLU F 138 -20.97 25.24 -37.95
CA GLU F 138 -22.43 25.13 -37.83
C GLU F 138 -22.86 23.85 -37.16
N ASP F 139 -22.04 22.80 -37.31
CA ASP F 139 -22.31 21.51 -36.70
C ASP F 139 -21.92 21.51 -35.22
N HIS F 140 -22.68 22.24 -34.41
CA HIS F 140 -22.38 22.40 -32.97
C HIS F 140 -22.32 21.05 -32.27
N PRO F 141 -21.48 20.93 -31.23
CA PRO F 141 -21.61 19.73 -30.43
C PRO F 141 -23.07 19.56 -30.00
N ASN F 142 -23.56 18.33 -30.05
CA ASN F 142 -24.89 18.02 -29.54
C ASN F 142 -24.98 16.55 -29.13
N VAL F 143 -25.84 16.29 -28.16
CA VAL F 143 -25.92 14.98 -27.54
C VAL F 143 -26.45 13.93 -28.51
N GLN F 144 -27.46 14.30 -29.30
CA GLN F 144 -28.11 13.36 -30.22
C GLN F 144 -27.11 12.71 -31.19
N LYS F 145 -26.27 13.53 -31.82
CA LYS F 145 -25.25 13.03 -32.76
C LYS F 145 -24.30 12.05 -32.06
N ASP F 146 -23.82 12.45 -30.90
CA ASP F 146 -22.92 11.60 -30.13
C ASP F 146 -23.62 10.31 -29.69
N LEU F 147 -24.91 10.40 -29.33
CA LEU F 147 -25.71 9.21 -29.03
C LEU F 147 -25.86 8.32 -30.27
N GLU F 148 -26.10 8.93 -31.43
CA GLU F 148 -26.11 8.20 -32.70
C GLU F 148 -24.76 7.53 -32.97
N ARG F 149 -23.67 8.24 -32.67
CA ARG F 149 -22.33 7.68 -32.81
C ARG F 149 -22.09 6.53 -31.82
N LEU F 150 -22.47 6.75 -30.55
CA LEU F 150 -22.26 5.75 -29.50
C LEU F 150 -23.15 4.51 -29.63
N THR F 151 -24.08 4.51 -30.57
CA THR F 151 -24.81 3.30 -30.93
C THR F 151 -24.03 2.49 -31.97
N GLN F 152 -23.58 3.14 -33.04
CA GLN F 152 -22.93 2.47 -34.18
C GLN F 152 -21.68 1.66 -33.79
N MET G 1 -6.91 14.18 30.75
CA MET G 1 -8.00 14.69 29.89
C MET G 1 -7.42 15.26 28.60
N ASP G 2 -8.06 14.92 27.48
CA ASP G 2 -7.63 15.42 26.18
C ASP G 2 -8.07 16.86 25.99
N VAL G 3 -7.26 17.60 25.24
CA VAL G 3 -7.50 19.01 24.96
C VAL G 3 -7.48 19.16 23.44
N PHE G 4 -8.38 19.96 22.88
CA PHE G 4 -8.56 20.04 21.43
C PHE G 4 -8.22 21.42 20.90
N LEU G 5 -7.30 21.44 19.93
CA LEU G 5 -6.66 22.67 19.53
C LEU G 5 -6.78 22.97 18.05
N MET G 6 -6.72 24.26 17.75
CA MET G 6 -6.40 24.78 16.43
C MET G 6 -5.07 25.51 16.54
N ILE G 7 -4.04 25.02 15.84
CA ILE G 7 -2.75 25.70 15.79
C ILE G 7 -2.74 26.51 14.50
N ARG G 8 -2.61 27.83 14.64
CA ARG G 8 -2.87 28.73 13.53
C ARG G 8 -1.73 29.69 13.22
N ARG G 9 -1.39 29.76 11.93
CA ARG G 9 -0.39 30.68 11.41
C ARG G 9 -0.84 31.14 10.03
N HIS G 10 -0.97 32.46 9.84
CA HIS G 10 -1.35 33.04 8.56
C HIS G 10 -2.64 32.36 8.10
N LYS G 11 -2.60 31.68 6.94
CA LYS G 11 -3.78 31.00 6.41
C LYS G 11 -3.74 29.48 6.64
N THR G 12 -2.88 29.03 7.57
CA THR G 12 -2.80 27.62 7.95
C THR G 12 -3.44 27.39 9.33
N THR G 13 -4.23 26.33 9.43
CA THR G 13 -4.86 25.93 10.69
C THR G 13 -4.69 24.42 10.84
N ILE G 14 -4.01 23.99 11.90
CA ILE G 14 -3.90 22.57 12.19
C ILE G 14 -4.87 22.21 13.28
N PHE G 15 -5.74 21.23 13.02
CA PHE G 15 -6.61 20.67 14.01
C PHE G 15 -5.91 19.46 14.61
N THR G 16 -5.62 19.51 15.91
CA THR G 16 -5.03 18.36 16.61
C THR G 16 -5.44 18.38 18.06
N ASP G 17 -5.13 17.30 18.75
CA ASP G 17 -5.43 17.18 20.17
C ASP G 17 -4.19 16.69 20.90
N ALA G 18 -4.20 16.86 22.22
CA ALA G 18 -3.08 16.44 23.05
C ALA G 18 -3.59 16.33 24.49
N LYS G 19 -2.74 15.85 25.39
CA LYS G 19 -3.12 15.75 26.80
C LYS G 19 -2.95 17.07 27.52
N GLU G 20 -3.81 17.32 28.50
CA GLU G 20 -3.67 18.49 29.35
C GLU G 20 -2.28 18.48 30.01
N SER G 21 -1.80 17.28 30.35
CA SER G 21 -0.49 17.10 30.99
C SER G 21 0.72 17.20 30.04
N SER G 22 0.50 17.08 28.73
CA SER G 22 1.60 17.21 27.77
C SER G 22 2.14 18.64 27.78
N THR G 23 3.34 18.81 27.22
CA THR G 23 4.04 20.09 27.25
C THR G 23 3.97 20.83 25.93
N VAL G 24 4.33 22.11 25.98
CA VAL G 24 4.40 22.96 24.81
C VAL G 24 5.40 22.42 23.79
N PHE G 25 6.54 21.92 24.27
CA PHE G 25 7.58 21.37 23.40
C PHE G 25 7.06 20.16 22.63
N GLU G 26 6.31 19.30 23.32
CA GLU G 26 5.71 18.13 22.68
C GLU G 26 4.74 18.56 21.58
N LEU G 27 4.07 19.69 21.79
CA LEU G 27 3.20 20.26 20.77
C LEU G 27 4.01 20.75 19.56
N LYS G 28 5.17 21.36 19.81
CA LYS G 28 6.06 21.76 18.72
C LYS G 28 6.56 20.56 17.92
N ARG G 29 6.75 19.42 18.58
CA ARG G 29 7.12 18.18 17.90
C ARG G 29 6.01 17.74 16.95
N ILE G 30 4.76 17.87 17.38
CA ILE G 30 3.62 17.57 16.50
C ILE G 30 3.60 18.48 15.28
N VAL G 31 3.86 19.77 15.49
CA VAL G 31 3.91 20.73 14.38
C VAL G 31 5.07 20.40 13.42
N GLU G 32 6.19 19.97 13.98
CA GLU G 32 7.34 19.56 13.17
C GLU G 32 7.00 18.44 12.21
N GLY G 33 6.29 17.42 12.71
CA GLY G 33 5.87 16.29 11.90
C GLY G 33 4.97 16.66 10.74
N ILE G 34 4.18 17.72 10.93
CA ILE G 34 3.26 18.20 9.89
C ILE G 34 3.89 19.25 8.98
N LEU G 35 4.48 20.30 9.57
CA LEU G 35 4.96 21.44 8.79
C LEU G 35 6.49 21.45 8.56
N LYS G 36 7.17 20.41 9.04
CA LYS G 36 8.60 20.17 8.72
C LYS G 36 9.50 21.34 9.11
N ARG G 37 9.27 21.84 10.32
CA ARG G 37 10.09 22.90 10.91
C ARG G 37 10.34 22.50 12.37
N PRO G 38 11.61 22.47 12.79
CA PRO G 38 11.93 21.99 14.15
C PRO G 38 11.47 22.92 15.27
N PRO G 39 11.33 22.40 16.51
CA PRO G 39 10.85 23.18 17.65
C PRO G 39 11.58 24.50 17.90
N ASP G 40 12.90 24.53 17.63
CA ASP G 40 13.71 25.73 17.86
C ASP G 40 13.36 26.86 16.90
N GLU G 41 12.71 26.52 15.79
CA GLU G 41 12.25 27.50 14.80
C GLU G 41 10.76 27.86 14.96
N GLN G 42 10.16 27.47 16.08
CA GLN G 42 8.74 27.69 16.34
C GLN G 42 8.52 28.50 17.61
N ARG G 43 7.61 29.45 17.53
CA ARG G 43 7.06 30.06 18.74
C ARG G 43 5.56 29.77 18.78
N LEU G 44 5.10 29.29 19.94
CA LEU G 44 3.67 29.08 20.14
C LEU G 44 3.15 30.09 21.14
N TYR G 45 1.92 30.54 20.90
CA TYR G 45 1.30 31.58 21.71
C TYR G 45 -0.08 31.18 22.21
N LYS G 46 -0.44 31.70 23.37
CA LYS G 46 -1.85 31.82 23.74
C LYS G 46 -2.18 33.29 23.70
N ASP G 47 -3.06 33.68 22.78
CA ASP G 47 -3.29 35.09 22.49
C ASP G 47 -1.93 35.73 22.18
N ASP G 48 -1.56 36.80 22.89
CA ASP G 48 -0.28 37.47 22.66
C ASP G 48 0.86 36.87 23.50
N GLN G 49 0.56 35.98 24.43
CA GLN G 49 1.58 35.47 25.35
C GLN G 49 2.38 34.29 24.79
N LEU G 50 3.69 34.49 24.69
CA LEU G 50 4.60 33.43 24.26
C LEU G 50 4.64 32.32 25.29
N LEU G 51 4.51 31.08 24.84
CA LEU G 51 4.45 29.94 25.75
C LEU G 51 5.82 29.28 25.90
N ASP G 52 6.19 28.98 27.13
CA ASP G 52 7.47 28.35 27.45
C ASP G 52 7.40 26.85 27.21
N ASP G 53 8.47 26.28 26.67
CA ASP G 53 8.52 24.86 26.31
C ASP G 53 8.17 23.91 27.46
N GLY G 54 8.61 24.23 28.67
CA GLY G 54 8.46 23.34 29.81
C GLY G 54 7.08 23.31 30.44
N LYS G 55 6.28 24.35 30.21
CA LYS G 55 4.95 24.42 30.81
C LYS G 55 3.99 23.44 30.15
N THR G 56 3.07 22.87 30.94
CA THR G 56 2.06 21.97 30.41
C THR G 56 0.96 22.78 29.74
N LEU G 57 0.16 22.11 28.91
CA LEU G 57 -0.95 22.75 28.22
C LEU G 57 -1.99 23.25 29.24
N GLY G 58 -2.26 22.44 30.26
CA GLY G 58 -3.11 22.84 31.39
C GLY G 58 -2.66 24.14 32.07
N GLU G 59 -1.36 24.24 32.31
CA GLU G 59 -0.75 25.43 32.90
C GLU G 59 -0.88 26.67 32.01
N CYS G 60 -0.89 26.44 30.70
CA CYS G 60 -1.06 27.52 29.72
C CYS G 60 -2.53 27.92 29.55
N GLY G 61 -3.45 27.22 30.22
CA GLY G 61 -4.86 27.59 30.21
C GLY G 61 -5.72 26.76 29.27
N PHE G 62 -5.12 25.77 28.61
CA PHE G 62 -5.85 24.87 27.73
C PHE G 62 -6.38 23.73 28.56
N THR G 63 -7.69 23.74 28.79
CA THR G 63 -8.33 22.75 29.63
C THR G 63 -9.48 22.12 28.87
N SER G 64 -9.99 21.03 29.44
CA SER G 64 -11.14 20.34 28.86
C SER G 64 -12.35 21.26 28.73
N GLN G 65 -12.52 22.19 29.66
CA GLN G 65 -13.65 23.12 29.59
C GLN G 65 -13.51 24.14 28.46
N THR G 66 -12.27 24.50 28.11
CA THR G 66 -12.01 25.58 27.16
C THR G 66 -11.38 25.13 25.84
N ALA G 67 -11.08 23.85 25.69
CA ALA G 67 -10.48 23.34 24.46
C ALA G 67 -11.24 22.08 24.08
N ARG G 68 -12.41 22.28 23.50
CA ARG G 68 -13.35 21.20 23.23
C ARG G 68 -13.36 20.80 21.77
N PRO G 69 -13.70 19.54 21.48
CA PRO G 69 -13.69 19.05 20.09
C PRO G 69 -14.50 19.94 19.14
N GLN G 70 -15.67 20.37 19.59
CA GLN G 70 -16.58 21.17 18.79
C GLN G 70 -16.35 22.68 18.93
N ALA G 71 -15.35 23.05 19.73
CA ALA G 71 -14.97 24.45 19.93
C ALA G 71 -13.52 24.48 20.45
N PRO G 72 -12.56 24.16 19.57
CA PRO G 72 -11.18 23.99 20.02
C PRO G 72 -10.52 25.31 20.37
N ALA G 73 -9.53 25.27 21.24
CA ALA G 73 -8.79 26.46 21.64
C ALA G 73 -7.71 26.77 20.61
N THR G 74 -7.42 28.05 20.44
CA THR G 74 -6.49 28.48 19.41
C THR G 74 -5.11 28.67 20.00
N VAL G 75 -4.13 28.09 19.33
CA VAL G 75 -2.72 28.32 19.63
C VAL G 75 -2.09 29.02 18.43
N GLY G 76 -1.52 30.19 18.67
CA GLY G 76 -0.84 30.95 17.62
C GLY G 76 0.54 30.36 17.36
N LEU G 77 0.94 30.32 16.10
CA LEU G 77 2.24 29.80 15.68
C LEU G 77 2.97 30.83 14.82
N ALA G 78 4.24 31.04 15.13
CA ALA G 78 5.14 31.86 14.32
C ALA G 78 6.44 31.09 14.10
N PHE G 79 6.99 31.21 12.90
CA PHE G 79 8.24 30.56 12.52
C PHE G 79 9.42 31.53 12.47
N ARG G 80 10.62 31.02 12.75
CA ARG G 80 11.85 31.77 12.49
C ARG G 80 12.13 31.70 11.00
N ALA G 81 12.18 32.86 10.36
CA ALA G 81 12.53 32.96 8.95
C ALA G 81 13.95 33.50 8.86
N ASP G 82 14.88 32.63 8.43
CA ASP G 82 16.29 32.95 8.36
C ASP G 82 16.83 33.31 9.77
N ASP G 83 17.30 34.54 9.97
CA ASP G 83 17.88 34.93 11.26
C ASP G 83 16.86 34.95 12.39
N THR G 84 15.79 35.73 12.21
CA THR G 84 14.87 36.08 13.29
C THR G 84 13.47 35.51 13.14
N PHE G 85 12.70 35.58 14.22
CA PHE G 85 11.31 35.13 14.22
C PHE G 85 10.39 36.15 13.56
N GLU G 86 9.45 35.64 12.77
CA GLU G 86 8.37 36.46 12.24
C GLU G 86 7.40 36.81 13.36
N ALA G 87 6.68 37.90 13.18
CA ALA G 87 5.64 38.29 14.13
C ALA G 87 4.47 37.31 14.04
N LEU G 88 3.79 37.08 15.15
CA LEU G 88 2.56 36.29 15.16
C LEU G 88 1.52 36.98 14.30
N CAS G 89 0.94 36.24 13.36
CA CAS G 89 -0.09 36.79 12.50
CB CAS G 89 0.62 37.55 11.37
C CAS G 89 -1.05 35.69 12.08
O CAS G 89 -0.62 34.64 11.58
SG CAS G 89 -0.09 37.24 9.79
AS CAS G 89 -1.97 38.44 9.86
CE1 CAS G 89 -2.49 38.86 7.98
CE2 CAS G 89 -1.77 40.17 10.83
N ILE G 90 -2.33 35.91 12.30
CA ILE G 90 -3.36 34.89 12.03
C ILE G 90 -4.44 35.49 11.15
N GLU G 91 -4.57 34.99 9.93
CA GLU G 91 -5.59 35.50 9.02
C GLU G 91 -6.95 35.05 9.51
N PRO G 92 -7.89 36.01 9.64
CA PRO G 92 -9.23 35.60 10.07
C PRO G 92 -9.92 34.78 8.99
N PHE G 93 -10.83 33.90 9.40
CA PHE G 93 -11.71 33.21 8.46
C PHE G 93 -12.61 34.25 7.80
N SER G 94 -13.29 33.85 6.74
CA SER G 94 -14.10 34.78 5.97
C SER G 94 -15.29 35.24 6.79
N SER G 95 -15.87 36.37 6.39
CA SER G 95 -17.05 36.92 7.06
C SER G 95 -18.32 36.30 6.48
N PRO G 96 -19.22 35.82 7.35
CA PRO G 96 -20.51 35.36 6.86
C PRO G 96 -21.34 36.53 6.33
N PRO G 97 -22.27 36.26 5.41
CA PRO G 97 -23.09 37.34 4.89
C PRO G 97 -24.10 37.80 5.94
N GLU G 98 -24.78 38.91 5.65
CA GLU G 98 -25.88 39.37 6.51
C GLU G 98 -26.92 38.27 6.61
N LEU G 99 -27.44 38.03 7.82
CA LEU G 99 -28.60 37.16 7.98
C LEU G 99 -29.68 37.57 7.00
N PRO G 100 -30.27 36.62 6.27
CA PRO G 100 -31.48 36.92 5.50
C PRO G 100 -32.60 37.49 6.39
N ASP G 101 -33.47 38.31 5.80
CA ASP G 101 -34.59 38.91 6.52
C ASP G 101 -35.41 37.87 7.31
N VAL G 102 -35.59 36.68 6.73
CA VAL G 102 -36.42 35.64 7.34
C VAL G 102 -35.79 34.95 8.57
N MET G 103 -34.50 35.20 8.84
CA MET G 103 -33.81 34.61 10.00
C MET G 103 -33.57 35.65 11.09
N MET H 2 -1.14 10.23 7.73
CA MET H 2 -1.37 10.71 9.11
C MET H 2 -2.24 11.97 9.11
N TYR H 3 -1.89 12.94 8.27
CA TYR H 3 -2.66 14.18 8.14
C TYR H 3 -3.03 14.47 6.67
N VAL H 4 -4.15 15.15 6.46
CA VAL H 4 -4.56 15.61 5.15
C VAL H 4 -4.91 17.08 5.20
N LYS H 5 -4.95 17.71 4.02
CA LYS H 5 -5.20 19.14 3.90
C LYS H 5 -6.52 19.40 3.18
N LEU H 6 -7.31 20.32 3.71
CA LEU H 6 -8.58 20.72 3.10
C LEU H 6 -8.52 22.24 2.91
N ILE H 7 -8.72 22.69 1.67
CA ILE H 7 -8.51 24.09 1.33
C ILE H 7 -9.84 24.74 0.98
N SER H 8 -10.13 25.85 1.64
CA SER H 8 -11.39 26.55 1.43
C SER H 8 -11.34 27.39 0.16
N SER H 9 -12.49 27.91 -0.25
CA SER H 9 -12.59 28.73 -1.47
C SER H 9 -11.77 30.00 -1.36
N ASP H 10 -11.67 30.54 -0.15
CA ASP H 10 -10.85 31.74 0.09
C ASP H 10 -9.39 31.44 0.46
N GLY H 11 -8.93 30.21 0.25
CA GLY H 11 -7.50 29.87 0.37
C GLY H 11 -7.00 29.44 1.74
N HIS H 12 -7.87 29.30 2.73
CA HIS H 12 -7.44 28.80 4.04
C HIS H 12 -7.15 27.31 3.95
N GLU H 13 -6.07 26.88 4.59
CA GLU H 13 -5.65 25.49 4.55
C GLU H 13 -5.84 24.86 5.93
N PHE H 14 -6.71 23.87 5.98
CA PHE H 14 -7.04 23.16 7.20
C PHE H 14 -6.39 21.79 7.16
N ILE H 15 -5.53 21.54 8.14
CA ILE H 15 -4.82 20.29 8.23
C ILE H 15 -5.44 19.50 9.37
N VAL H 16 -5.97 18.33 9.03
CA VAL H 16 -6.72 17.50 9.97
C VAL H 16 -6.18 16.07 9.87
N LYS H 17 -6.38 15.30 10.93
CA LYS H 17 -5.95 13.89 10.94
C LYS H 17 -6.72 13.11 9.89
N ARG H 18 -6.00 12.27 9.15
CA ARG H 18 -6.60 11.48 8.08
C ARG H 18 -7.77 10.66 8.60
N GLU H 19 -7.58 10.00 9.75
CA GLU H 19 -8.64 9.21 10.39
C GLU H 19 -9.89 10.04 10.62
N HIS H 20 -9.73 11.29 11.04
CA HIS H 20 -10.84 12.19 11.30
C HIS H 20 -11.54 12.61 10.00
N ALA H 21 -10.76 12.89 8.96
CA ALA H 21 -11.34 13.26 7.65
C ALA H 21 -12.13 12.12 7.03
N LEU H 22 -11.60 10.89 7.16
CA LEU H 22 -12.25 9.71 6.61
C LEU H 22 -13.57 9.36 7.30
N THR H 23 -13.88 10.05 8.40
CA THR H 23 -15.19 9.97 9.01
C THR H 23 -16.31 10.29 8.01
N SER H 24 -16.02 11.18 7.06
CA SER H 24 -16.92 11.44 5.95
C SER H 24 -16.55 10.55 4.76
N GLY H 25 -17.54 9.81 4.26
CA GLY H 25 -17.35 8.97 3.09
C GLY H 25 -17.07 9.79 1.85
N THR H 26 -17.69 10.96 1.75
CA THR H 26 -17.48 11.83 0.60
C THR H 26 -16.02 12.21 0.54
N ILE H 27 -15.48 12.71 1.64
CA ILE H 27 -14.06 13.08 1.70
C ILE H 27 -13.15 11.86 1.53
N LYS H 28 -13.53 10.73 2.13
CA LYS H 28 -12.77 9.50 1.95
C LYS H 28 -12.69 9.10 0.48
N ALA H 29 -13.79 9.31 -0.26
CA ALA H 29 -13.82 9.06 -1.70
C ALA H 29 -13.06 10.13 -2.49
N MET H 30 -13.18 11.39 -2.08
CA MET H 30 -12.44 12.49 -2.72
C MET H 30 -10.93 12.31 -2.62
N LEU H 31 -10.47 11.85 -1.45
CA LEU H 31 -9.05 11.57 -1.24
C LEU H 31 -8.62 10.31 -1.99
N SER H 32 -9.47 9.29 -1.99
CA SER H 32 -9.22 8.07 -2.75
C SER H 32 -9.07 8.35 -4.24
N GLY H 33 -9.84 9.32 -4.74
CA GLY H 33 -9.78 9.70 -6.14
C GLY H 33 -10.51 8.71 -7.02
N GLU H 41 -5.02 8.44 -4.94
CA GLU H 41 -4.64 8.78 -3.56
C GLU H 41 -4.00 10.17 -3.50
N THR H 42 -4.67 11.09 -2.82
CA THR H 42 -4.14 12.44 -2.58
C THR H 42 -4.25 12.77 -1.10
N ASN H 43 -3.43 13.72 -0.66
CA ASN H 43 -3.46 14.20 0.73
C ASN H 43 -4.11 15.57 0.85
N GLU H 44 -4.63 16.10 -0.25
CA GLU H 44 -5.21 17.44 -0.29
C GLU H 44 -6.49 17.48 -1.11
N VAL H 45 -7.43 18.31 -0.69
CA VAL H 45 -8.69 18.51 -1.42
C VAL H 45 -9.00 20.00 -1.46
N ASN H 46 -9.30 20.51 -2.64
CA ASN H 46 -9.76 21.90 -2.79
C ASN H 46 -11.27 21.96 -2.78
N PHE H 47 -11.82 22.94 -2.07
CA PHE H 47 -13.26 23.17 -2.07
C PHE H 47 -13.52 24.59 -2.56
N ARG H 48 -13.57 24.74 -3.88
CA ARG H 48 -13.73 26.04 -4.52
C ARG H 48 -15.03 26.76 -4.15
N GLU H 49 -15.97 26.02 -3.56
CA GLU H 49 -17.30 26.53 -3.24
C GLU H 49 -17.53 26.75 -1.74
N ILE H 50 -16.65 26.23 -0.88
CA ILE H 50 -16.85 26.31 0.56
C ILE H 50 -15.88 27.29 1.22
N PRO H 51 -16.39 28.41 1.75
CA PRO H 51 -15.52 29.38 2.39
C PRO H 51 -15.05 28.90 3.76
N SER H 52 -14.02 29.57 4.29
CA SER H 52 -13.33 29.12 5.49
C SER H 52 -14.22 29.15 6.75
N HIS H 53 -15.18 30.07 6.80
CA HIS H 53 -16.05 30.16 7.98
C HIS H 53 -17.03 29.00 8.01
N VAL H 54 -17.14 28.31 6.88
CA VAL H 54 -17.90 27.06 6.80
C VAL H 54 -16.98 25.86 7.01
N LEU H 55 -15.88 25.80 6.27
CA LEU H 55 -15.02 24.63 6.27
C LEU H 55 -14.32 24.39 7.60
N SER H 56 -14.04 25.48 8.32
CA SER H 56 -13.48 25.36 9.67
C SER H 56 -14.45 24.60 10.59
N LYS H 57 -15.74 24.86 10.43
CA LYS H 57 -16.79 24.16 11.18
C LYS H 57 -16.94 22.70 10.78
N VAL H 58 -16.77 22.41 9.50
CA VAL H 58 -16.74 21.01 9.06
C VAL H 58 -15.62 20.23 9.76
N CYS H 59 -14.45 20.84 9.93
CA CYS H 59 -13.33 20.16 10.59
C CYS H 59 -13.59 19.96 12.07
N MET H 60 -14.21 20.94 12.71
CA MET H 60 -14.59 20.77 14.11
C MET H 60 -15.57 19.60 14.21
N TYR H 61 -16.50 19.50 13.26
CA TYR H 61 -17.45 18.39 13.26
C TYR H 61 -16.74 17.03 13.23
N PHE H 62 -15.70 16.89 12.40
CA PHE H 62 -14.92 15.65 12.37
C PHE H 62 -14.42 15.27 13.75
N THR H 63 -13.87 16.25 14.47
CA THR H 63 -13.31 16.04 15.80
C THR H 63 -14.39 15.59 16.78
N TYR H 64 -15.49 16.34 16.77
CA TYR H 64 -16.69 16.04 17.54
C TYR H 64 -17.17 14.62 17.27
N LYS H 65 -17.34 14.29 16.00
CA LYS H 65 -17.86 12.97 15.64
C LYS H 65 -16.96 11.82 16.13
N VAL H 66 -15.66 11.96 15.94
CA VAL H 66 -14.71 10.92 16.37
C VAL H 66 -14.65 10.79 17.89
N ARG H 67 -14.73 11.92 18.60
CA ARG H 67 -14.69 11.91 20.06
C ARG H 67 -15.95 11.29 20.68
N TYR H 68 -17.11 11.61 20.13
CA TYR H 68 -18.37 11.32 20.80
C TYR H 68 -19.18 10.15 20.23
N THR H 69 -18.78 9.62 19.07
CA THR H 69 -19.45 8.44 18.50
C THR H 69 -19.19 7.21 19.36
N ASN H 70 -20.26 6.49 19.68
CA ASN H 70 -20.20 5.31 20.55
C ASN H 70 -19.46 5.62 21.85
N SER H 71 -20.03 6.54 22.63
CA SER H 71 -19.39 7.03 23.85
C SER H 71 -20.34 6.95 25.04
N SER H 72 -19.78 6.66 26.21
CA SER H 72 -20.54 6.62 27.46
C SER H 72 -20.53 7.99 28.16
N THR H 73 -19.66 8.90 27.71
CA THR H 73 -19.64 10.26 28.22
C THR H 73 -20.81 11.05 27.61
N GLU H 74 -21.37 11.95 28.40
CA GLU H 74 -22.48 12.78 27.96
C GLU H 74 -22.05 13.60 26.73
N ILE H 75 -22.87 13.55 25.70
CA ILE H 75 -22.59 14.21 24.44
C ILE H 75 -23.17 15.62 24.47
N PRO H 76 -22.34 16.65 24.23
CA PRO H 76 -22.87 18.01 24.18
C PRO H 76 -23.38 18.33 22.78
N GLU H 77 -24.09 19.45 22.66
CA GLU H 77 -24.63 19.91 21.38
C GLU H 77 -23.50 20.34 20.46
N PHE H 78 -23.63 20.09 19.15
CA PHE H 78 -22.71 20.67 18.19
C PHE H 78 -23.23 22.07 17.83
N PRO H 79 -22.47 23.11 18.17
CA PRO H 79 -22.98 24.47 18.00
C PRO H 79 -22.86 24.97 16.57
N ILE H 80 -23.85 25.73 16.13
CA ILE H 80 -23.82 26.36 14.81
C ILE H 80 -24.40 27.76 14.93
N ALA H 81 -23.58 28.78 14.67
CA ALA H 81 -24.04 30.16 14.73
C ALA H 81 -25.10 30.39 13.65
N PRO H 82 -26.13 31.20 13.96
CA PRO H 82 -27.16 31.47 12.96
C PRO H 82 -26.57 32.01 11.64
N GLU H 83 -25.55 32.84 11.76
CA GLU H 83 -24.98 33.52 10.61
C GLU H 83 -24.33 32.58 9.60
N ILE H 84 -23.97 31.37 10.02
CA ILE H 84 -23.33 30.38 9.13
C ILE H 84 -24.23 29.20 8.78
N ALA H 85 -25.39 29.13 9.39
CA ALA H 85 -26.26 27.95 9.28
C ALA H 85 -26.62 27.61 7.83
N LEU H 86 -27.06 28.61 7.07
CA LEU H 86 -27.50 28.37 5.70
C LEU H 86 -26.34 27.84 4.87
N GLU H 87 -25.19 28.48 4.97
CA GLU H 87 -24.03 28.05 4.17
C GLU H 87 -23.53 26.69 4.59
N LEU H 88 -23.56 26.41 5.89
CA LEU H 88 -23.11 25.11 6.38
C LEU H 88 -24.07 24.02 5.94
N LEU H 89 -25.36 24.34 5.93
CA LEU H 89 -26.37 23.41 5.40
C LEU H 89 -26.08 23.12 3.93
N MET H 90 -25.89 24.18 3.15
CA MET H 90 -25.63 24.06 1.71
C MET H 90 -24.42 23.17 1.45
N ALA H 91 -23.35 23.41 2.20
CA ALA H 91 -22.14 22.58 2.13
C ALA H 91 -22.47 21.17 2.51
N ALA H 92 -23.05 21.00 3.71
CA ALA H 92 -23.39 19.67 4.24
C ALA H 92 -24.23 18.86 3.26
N ASN H 93 -25.23 19.53 2.66
CA ASN H 93 -26.14 18.92 1.68
C ASN H 93 -25.44 18.32 0.45
N PHE H 94 -24.37 18.96 -0.02
CA PHE H 94 -23.61 18.48 -1.20
C PHE H 94 -22.64 17.35 -0.91
N LEU H 95 -22.04 17.39 0.28
CA LEU H 95 -21.14 16.32 0.72
C LEU H 95 -22.00 15.18 1.25
N VAL I 11 -46.64 -4.67 15.44
CA VAL I 11 -45.34 -5.27 15.90
C VAL I 11 -44.73 -4.42 17.02
N LEU I 12 -44.50 -3.15 16.74
CA LEU I 12 -43.97 -2.20 17.73
C LEU I 12 -45.07 -1.71 18.67
N ARG I 13 -45.31 -2.49 19.72
CA ARG I 13 -46.29 -2.14 20.73
C ARG I 13 -45.84 -2.65 22.08
N SER I 14 -46.43 -2.11 23.15
CA SER I 14 -46.15 -2.59 24.50
C SER I 14 -46.87 -3.90 24.74
N VAL I 15 -46.20 -4.78 25.49
CA VAL I 15 -46.79 -6.02 25.96
C VAL I 15 -47.60 -5.68 27.21
N ASN I 16 -48.82 -6.21 27.33
CA ASN I 16 -49.66 -5.95 28.49
C ASN I 16 -49.37 -6.93 29.61
N SER I 17 -48.14 -6.87 30.11
CA SER I 17 -47.63 -7.83 31.10
C SER I 17 -48.35 -7.70 32.44
N ARG I 18 -48.72 -6.48 32.80
CA ARG I 18 -49.23 -6.15 34.13
C ARG I 18 -48.16 -6.40 35.22
N GLU I 19 -46.88 -6.40 34.81
CA GLU I 19 -45.77 -6.56 35.74
C GLU I 19 -45.16 -5.17 35.98
N PRO I 20 -45.40 -4.57 37.16
CA PRO I 20 -44.78 -3.27 37.47
C PRO I 20 -43.25 -3.28 37.32
N SER I 21 -42.70 -2.20 36.77
CA SER I 21 -41.26 -2.00 36.66
C SER I 21 -40.95 -0.53 36.93
N GLN I 22 -40.05 -0.30 37.89
CA GLN I 22 -39.65 1.04 38.31
C GLN I 22 -38.47 1.49 37.46
N VAL I 23 -38.53 2.74 36.98
CA VAL I 23 -37.56 3.24 36.01
C VAL I 23 -37.12 4.65 36.39
N ILE I 24 -35.83 4.93 36.20
CA ILE I 24 -35.36 6.32 36.25
C ILE I 24 -35.12 6.81 34.83
N PHE I 25 -35.92 7.80 34.44
CA PHE I 25 -35.70 8.57 33.22
C PHE I 25 -34.71 9.66 33.57
N CAS I 26 -33.51 9.57 33.00
CA CAS I 26 -32.38 10.46 33.33
CB CAS I 26 -31.23 9.58 33.83
C CAS I 26 -31.99 11.21 32.08
O CAS I 26 -31.41 10.64 31.16
SG CAS I 26 -29.77 10.46 34.27
AS CAS I 26 -30.49 11.86 35.84
CE1 CAS I 26 -29.64 13.60 35.42
CE2 CAS I 26 -29.88 11.29 37.63
N ASN I 27 -32.33 12.49 32.05
CA ASN I 27 -32.07 13.34 30.88
C ASN I 27 -30.64 13.89 30.87
N ARG I 28 -29.73 13.15 30.24
CA ARG I 28 -28.34 13.58 30.08
C ARG I 28 -28.10 14.23 28.71
N SER I 29 -29.03 15.08 28.30
CA SER I 29 -28.93 15.83 27.07
C SER I 29 -29.25 17.27 27.41
N PRO I 30 -28.95 18.21 26.50
CA PRO I 30 -29.32 19.61 26.72
C PRO I 30 -30.72 19.95 26.22
N ARG I 31 -31.48 18.96 25.78
CA ARG I 31 -32.82 19.18 25.28
C ARG I 31 -33.88 18.96 26.36
N VAL I 32 -35.02 19.65 26.22
CA VAL I 32 -36.24 19.28 26.91
C VAL I 32 -36.75 18.00 26.25
N VAL I 33 -36.88 16.95 27.05
CA VAL I 33 -37.16 15.60 26.55
C VAL I 33 -38.64 15.25 26.66
N LEU I 34 -39.18 14.69 25.58
CA LEU I 34 -40.54 14.13 25.57
C LEU I 34 -40.44 12.60 25.57
N PRO I 35 -40.79 11.95 26.69
CA PRO I 35 -40.91 10.50 26.64
C PRO I 35 -42.19 10.11 25.93
N VAL I 36 -42.10 9.02 25.17
CA VAL I 36 -43.21 8.54 24.37
C VAL I 36 -43.39 7.07 24.66
N TRP I 37 -44.58 6.70 25.13
CA TRP I 37 -44.90 5.31 25.40
C TRP I 37 -45.69 4.76 24.22
N LEU I 38 -45.26 3.62 23.70
CA LEU I 38 -46.03 2.95 22.65
C LEU I 38 -47.09 2.11 23.35
N ASN I 39 -48.35 2.47 23.15
CA ASN I 39 -49.46 1.79 23.83
C ASN I 39 -49.72 0.39 23.24
N PHE I 40 -50.75 -0.28 23.73
CA PHE I 40 -50.98 -1.69 23.40
C PHE I 40 -51.35 -1.92 21.93
N ASP I 41 -51.87 -0.88 21.27
CA ASP I 41 -52.11 -0.91 19.82
C ASP I 41 -50.93 -0.33 19.01
N GLY I 42 -49.83 -0.01 19.68
CA GLY I 42 -48.65 0.57 19.01
C GLY I 42 -48.74 2.05 18.73
N GLU I 43 -49.74 2.72 19.30
CA GLU I 43 -49.92 4.16 19.11
C GLU I 43 -49.05 4.93 20.11
N PRO I 44 -48.26 5.92 19.63
CA PRO I 44 -47.42 6.68 20.54
C PRO I 44 -48.23 7.56 21.49
N GLN I 45 -47.88 7.51 22.77
CA GLN I 45 -48.57 8.29 23.79
C GLN I 45 -47.53 9.18 24.47
N PRO I 46 -47.68 10.51 24.35
CA PRO I 46 -46.70 11.40 24.98
C PRO I 46 -46.90 11.46 26.49
N TYR I 47 -45.79 11.65 27.20
CA TYR I 47 -45.79 11.76 28.65
C TYR I 47 -45.14 13.07 29.02
N PRO I 48 -45.24 13.47 30.31
CA PRO I 48 -44.68 14.77 30.72
C PRO I 48 -43.20 14.93 30.39
N THR I 49 -42.83 16.17 30.06
CA THR I 49 -41.48 16.47 29.60
C THR I 49 -40.48 16.52 30.76
N LEU I 50 -39.21 16.25 30.44
CA LEU I 50 -38.12 16.35 31.41
C LEU I 50 -37.18 17.48 31.01
N PRO I 51 -37.02 18.49 31.88
CA PRO I 51 -36.04 19.53 31.56
C PRO I 51 -34.62 18.96 31.45
N PRO I 52 -33.74 19.67 30.74
CA PRO I 52 -32.35 19.24 30.57
C PRO I 52 -31.67 18.91 31.90
N GLY I 53 -30.90 17.83 31.94
CA GLY I 53 -30.11 17.50 33.12
C GLY I 53 -30.90 16.96 34.33
N THR I 54 -32.20 16.71 34.16
CA THR I 54 -33.06 16.24 35.26
C THR I 54 -33.38 14.75 35.16
N GLY I 55 -33.70 14.15 36.30
CA GLY I 55 -34.10 12.76 36.38
C GLY I 55 -35.42 12.61 37.10
N ARG I 56 -36.17 11.57 36.73
CA ARG I 56 -37.41 11.24 37.41
C ARG I 56 -37.57 9.73 37.58
N ARG I 57 -37.95 9.34 38.79
CA ARG I 57 -38.32 7.96 39.08
C ARG I 57 -39.77 7.76 38.70
N ILE I 58 -40.05 6.79 37.81
CA ILE I 58 -41.40 6.61 37.26
C ILE I 58 -41.81 5.14 37.26
N HIS I 59 -43.13 4.92 37.21
CA HIS I 59 -43.68 3.56 37.24
C HIS I 59 -44.13 3.15 35.83
N SER I 60 -43.50 2.09 35.32
CA SER I 60 -43.89 1.53 34.03
C SER I 60 -44.09 0.04 34.26
N TYR I 61 -43.96 -0.75 33.20
CA TYR I 61 -44.20 -2.20 33.29
C TYR I 61 -43.26 -2.96 32.40
N ARG I 62 -43.03 -4.22 32.75
CA ARG I 62 -42.15 -5.09 31.96
C ARG I 62 -42.68 -5.22 30.53
N GLY I 63 -41.78 -5.11 29.57
CA GLY I 63 -42.15 -5.26 28.16
C GLY I 63 -42.85 -4.07 27.54
N HIS I 64 -42.95 -2.96 28.28
CA HIS I 64 -43.50 -1.74 27.70
C HIS I 64 -42.43 -1.04 26.85
N LEU I 65 -42.86 -0.35 25.81
CA LEU I 65 -41.93 0.25 24.86
C LEU I 65 -41.93 1.76 25.00
N TRP I 66 -40.73 2.33 25.11
CA TRP I 66 -40.57 3.79 25.19
C TRP I 66 -39.56 4.29 24.17
N LEU I 67 -39.79 5.50 23.67
CA LEU I 67 -38.74 6.23 22.97
C LEU I 67 -38.76 7.67 23.45
N PHE I 68 -37.74 8.43 23.06
CA PHE I 68 -37.53 9.76 23.61
C PHE I 68 -37.19 10.73 22.50
N ARG I 69 -37.77 11.91 22.56
CA ARG I 69 -37.63 12.91 21.50
C ARG I 69 -37.43 14.27 22.13
N ASP I 70 -36.91 15.22 21.34
CA ASP I 70 -36.92 16.63 21.72
C ASP I 70 -38.38 17.09 21.75
N ALA I 71 -38.80 17.68 22.87
CA ALA I 71 -40.21 18.01 23.07
C ALA I 71 -40.72 19.12 22.16
N GLY I 72 -39.82 20.01 21.74
CA GLY I 72 -40.19 21.12 20.87
C GLY I 72 -40.10 20.80 19.38
N THR I 73 -39.07 20.07 18.98
CA THR I 73 -38.81 19.82 17.56
C THR I 73 -39.01 18.37 17.10
N HIS I 74 -39.19 17.47 18.05
CA HIS I 74 -39.26 16.03 17.81
C HIS I 74 -37.99 15.39 17.27
N ASP I 75 -36.86 16.11 17.36
CA ASP I 75 -35.56 15.51 17.08
C ASP I 75 -35.40 14.20 17.87
N GLY I 76 -34.85 13.18 17.20
CA GLY I 76 -34.64 11.87 17.80
C GLY I 76 -33.52 11.85 18.83
N LEU I 77 -33.75 11.17 19.95
CA LEU I 77 -32.75 11.00 20.99
C LEU I 77 -32.47 9.53 21.23
N LEU I 78 -31.38 9.23 21.91
CA LEU I 78 -31.05 7.85 22.23
C LEU I 78 -31.39 7.60 23.68
N VAL I 79 -31.71 6.36 23.98
CA VAL I 79 -31.87 5.93 25.36
C VAL I 79 -31.02 4.68 25.51
N ASN I 80 -30.14 4.68 26.51
CA ASN I 80 -29.12 3.66 26.66
C ASN I 80 -28.45 3.30 25.32
N GLN I 81 -28.09 4.36 24.59
CA GLN I 81 -27.43 4.28 23.29
C GLN I 81 -28.20 3.58 22.16
N THR I 82 -29.52 3.47 22.28
CA THR I 82 -30.32 2.92 21.20
C THR I 82 -31.64 3.69 21.07
N GLU I 83 -32.52 3.23 20.19
CA GLU I 83 -33.74 3.99 19.88
C GLU I 83 -34.85 3.69 20.87
N LEU I 84 -34.99 2.42 21.25
CA LEU I 84 -36.11 1.96 22.05
C LEU I 84 -35.67 1.51 23.44
N PHE I 85 -36.50 1.79 24.43
CA PHE I 85 -36.24 1.37 25.80
C PHE I 85 -37.39 0.48 26.26
N VAL I 86 -37.04 -0.64 26.86
CA VAL I 86 -38.01 -1.60 27.39
C VAL I 86 -37.67 -1.92 28.85
N PRO I 87 -38.53 -1.49 29.79
CA PRO I 87 -38.26 -1.84 31.18
C PRO I 87 -38.15 -3.35 31.39
N SER I 88 -37.21 -3.75 32.23
CA SER I 88 -36.99 -5.14 32.59
C SER I 88 -37.31 -5.33 34.09
N LEU I 89 -37.04 -6.53 34.60
CA LEU I 89 -37.20 -6.82 36.03
C LEU I 89 -36.35 -5.96 36.93
N ASN I 90 -36.95 -5.38 37.97
CA ASN I 90 -36.17 -4.77 39.04
C ASN I 90 -35.59 -5.89 39.90
N VAL I 91 -34.27 -5.96 39.97
CA VAL I 91 -33.59 -6.90 40.84
C VAL I 91 -33.26 -6.23 42.17
N ASP I 92 -33.42 -6.97 43.26
CA ASP I 92 -33.29 -6.43 44.59
C ASP I 92 -34.38 -5.37 44.73
N GLY I 93 -34.00 -4.11 44.82
CA GLY I 93 -34.98 -3.02 44.73
C GLY I 93 -34.50 -1.93 43.78
N GLN I 94 -33.66 -2.31 42.81
CA GLN I 94 -33.04 -1.33 41.94
C GLN I 94 -33.95 -0.95 40.78
N PRO I 95 -34.12 0.36 40.54
CA PRO I 95 -34.83 0.81 39.37
C PRO I 95 -33.97 0.67 38.13
N ILE I 96 -34.59 0.59 36.96
CA ILE I 96 -33.85 0.48 35.72
C ILE I 96 -33.53 1.90 35.28
N PHE I 97 -32.27 2.12 34.90
CA PHE I 97 -31.86 3.42 34.39
C PHE I 97 -32.09 3.56 32.91
N ALA I 98 -32.87 4.57 32.52
CA ALA I 98 -33.01 4.96 31.13
C ALA I 98 -32.21 6.25 30.90
N ASN I 99 -30.99 6.11 30.41
CA ASN I 99 -30.11 7.25 30.17
C ASN I 99 -30.38 7.89 28.81
N ILE I 100 -30.95 9.09 28.82
CA ILE I 100 -31.33 9.76 27.60
C ILE I 100 -30.25 10.74 27.18
N THR I 101 -29.68 10.54 25.99
CA THR I 101 -28.58 11.37 25.49
C THR I 101 -28.87 11.84 24.07
N LEU I 102 -28.16 12.89 23.65
CA LEU I 102 -28.10 13.26 22.24
C LEU I 102 -27.37 12.18 21.47
N PRO I 103 -27.86 11.84 20.27
CA PRO I 103 -27.01 11.09 19.38
C PRO I 103 -26.02 12.04 18.73
N VAL I 104 -25.08 11.48 17.99
CA VAL I 104 -24.26 12.28 17.11
C VAL I 104 -25.05 12.46 15.83
N TYR I 105 -25.69 13.60 15.64
CA TYR I 105 -26.42 13.86 14.41
C TYR I 105 -25.44 14.03 13.25
N THR I 106 -25.86 13.68 12.05
CA THR I 106 -25.08 14.03 10.85
C THR I 106 -25.06 15.54 10.78
N LEU I 107 -24.05 16.08 10.11
CA LEU I 107 -23.91 17.52 10.07
C LEU I 107 -25.12 18.12 9.40
N LYS I 108 -25.57 17.48 8.32
CA LYS I 108 -26.73 17.92 7.57
C LYS I 108 -27.97 17.99 8.48
N GLU I 109 -28.22 16.92 9.23
CA GLU I 109 -29.39 16.93 10.12
C GLU I 109 -29.25 18.01 11.19
N ARG I 110 -28.06 18.15 11.74
CA ARG I 110 -27.81 19.23 12.69
C ARG I 110 -28.07 20.60 12.04
N CYS I 111 -27.60 20.83 10.81
CA CYS I 111 -27.86 22.09 10.12
C CYS I 111 -29.34 22.35 9.89
N LEU I 112 -30.06 21.31 9.46
CA LEU I 112 -31.50 21.39 9.26
C LEU I 112 -32.20 21.81 10.55
N GLN I 113 -31.79 21.20 11.66
CA GLN I 113 -32.33 21.57 12.97
C GLN I 113 -32.16 23.06 13.24
N VAL I 114 -30.97 23.58 13.01
CA VAL I 114 -30.68 24.97 13.32
C VAL I 114 -31.49 25.93 12.45
N VAL I 115 -31.57 25.63 11.15
CA VAL I 115 -32.32 26.45 10.21
C VAL I 115 -33.81 26.47 10.55
N ARG I 116 -34.39 25.29 10.79
CA ARG I 116 -35.76 25.16 11.29
C ARG I 116 -36.03 26.02 12.53
N SER I 117 -35.06 26.09 13.43
CA SER I 117 -35.23 26.87 14.66
C SER I 117 -35.25 28.38 14.40
N LEU I 118 -34.72 28.82 13.26
CA LEU I 118 -34.55 30.24 12.99
C LEU I 118 -35.57 30.83 12.02
N VAL I 119 -36.17 29.98 11.19
CA VAL I 119 -37.07 30.41 10.14
C VAL I 119 -38.46 29.82 10.36
N LYS I 120 -39.49 30.65 10.24
CA LYS I 120 -40.87 30.17 10.35
C LYS I 120 -41.15 29.28 9.14
N PRO I 121 -41.94 28.19 9.33
CA PRO I 121 -42.19 27.26 8.22
C PRO I 121 -42.74 27.93 6.95
N GLU I 122 -43.53 28.99 7.12
CA GLU I 122 -44.08 29.76 6.00
C GLU I 122 -43.02 30.48 5.17
N ASN I 123 -41.87 30.78 5.77
CA ASN I 123 -40.78 31.49 5.09
C ASN I 123 -39.64 30.60 4.59
N TYR I 124 -39.78 29.27 4.69
CA TYR I 124 -38.73 28.35 4.23
C TYR I 124 -38.40 28.61 2.78
N ARG I 125 -39.43 28.76 1.97
CA ARG I 125 -39.28 28.96 0.53
C ARG I 125 -38.70 30.32 0.14
N ARG I 126 -38.74 31.28 1.05
CA ARG I 126 -38.08 32.58 0.82
C ARG I 126 -36.54 32.52 0.97
N LEU I 127 -36.02 31.39 1.46
CA LEU I 127 -34.55 31.20 1.56
C LEU I 127 -33.90 30.99 0.19
N ASP I 128 -32.69 31.51 0.03
CA ASP I 128 -31.93 31.41 -1.21
C ASP I 128 -31.06 30.15 -1.21
N ILE I 129 -31.72 29.00 -1.33
CA ILE I 129 -31.08 27.69 -1.28
C ILE I 129 -31.75 26.81 -2.31
N VAL I 130 -31.12 25.69 -2.65
CA VAL I 130 -31.72 24.77 -3.63
C VAL I 130 -33.08 24.24 -3.16
N ARG I 131 -33.96 24.01 -4.13
CA ARG I 131 -35.34 23.57 -3.90
C ARG I 131 -35.44 22.31 -3.05
N SER I 132 -34.57 21.33 -3.28
CA SER I 132 -34.60 20.07 -2.52
C SER I 132 -34.40 20.31 -1.02
N LEU I 133 -33.71 21.40 -0.68
CA LEU I 133 -33.55 21.80 0.71
C LEU I 133 -34.85 22.34 1.32
N TYR I 134 -35.73 22.97 0.52
CA TYR I 134 -37.05 23.36 1.06
C TYR I 134 -37.78 22.09 1.52
N GLU I 135 -37.67 21.03 0.72
CA GLU I 135 -38.28 19.73 1.06
C GLU I 135 -37.71 19.16 2.35
N ASP I 136 -36.39 19.23 2.51
CA ASP I 136 -35.75 18.68 3.71
C ASP I 136 -36.15 19.44 4.96
N LEU I 137 -36.19 20.77 4.85
CA LEU I 137 -36.70 21.62 5.94
C LEU I 137 -38.13 21.28 6.35
N GLU I 138 -38.98 20.98 5.37
CA GLU I 138 -40.38 20.63 5.65
C GLU I 138 -40.59 19.19 6.14
N ASP I 139 -39.61 18.31 5.91
CA ASP I 139 -39.67 16.94 6.40
C ASP I 139 -39.23 16.88 7.88
N HIS I 140 -40.06 17.42 8.76
CA HIS I 140 -39.73 17.51 10.17
C HIS I 140 -39.56 16.12 10.79
N PRO I 141 -38.65 15.98 11.76
CA PRO I 141 -38.60 14.71 12.52
C PRO I 141 -39.99 14.33 12.98
N ASN I 142 -40.29 13.04 12.95
CA ASN I 142 -41.67 12.57 13.06
C ASN I 142 -41.68 11.15 13.60
N VAL I 143 -42.33 10.97 14.76
CA VAL I 143 -42.32 9.69 15.46
C VAL I 143 -42.98 8.57 14.65
N GLN I 144 -44.15 8.86 14.07
CA GLN I 144 -44.85 7.86 13.25
C GLN I 144 -43.94 7.37 12.11
N LYS I 145 -43.27 8.29 11.43
CA LYS I 145 -42.35 7.92 10.34
C LYS I 145 -41.17 7.08 10.85
N ASP I 146 -40.65 7.42 12.03
CA ASP I 146 -39.57 6.63 12.65
C ASP I 146 -40.04 5.22 12.98
N LEU I 147 -41.26 5.09 13.50
CA LEU I 147 -41.81 3.77 13.80
C LEU I 147 -42.00 2.94 12.52
N GLU I 148 -42.47 3.59 11.45
CA GLU I 148 -42.55 2.93 10.15
C GLU I 148 -41.16 2.44 9.71
N ARG I 149 -40.15 3.32 9.84
CA ARG I 149 -38.77 2.98 9.47
C ARG I 149 -38.24 1.81 10.30
N LEU I 150 -38.40 1.89 11.61
CA LEU I 150 -37.94 0.83 12.50
C LEU I 150 -38.58 -0.50 12.14
N THR I 151 -39.91 -0.50 12.06
CA THR I 151 -40.67 -1.71 11.70
C THR I 151 -40.15 -2.32 10.39
N GLN I 152 -39.86 -1.47 9.42
CA GLN I 152 -39.36 -1.92 8.11
C GLN I 152 -37.99 -2.60 8.21
N GLU I 153 -37.09 -2.02 9.00
CA GLU I 153 -35.76 -2.59 9.21
C GLU I 153 -35.86 -3.92 9.95
N ARG I 154 -36.64 -3.95 11.04
CA ARG I 154 -36.81 -5.16 11.84
C ARG I 154 -37.72 -6.17 11.16
N MET J 1 17.68 -25.24 39.06
CA MET J 1 16.66 -24.56 38.21
C MET J 1 17.28 -24.21 36.86
N ASP J 2 16.55 -24.47 35.78
CA ASP J 2 16.92 -23.97 34.47
C ASP J 2 16.51 -22.51 34.35
N VAL J 3 17.37 -21.71 33.75
CA VAL J 3 17.02 -20.33 33.38
C VAL J 3 17.13 -20.21 31.87
N PHE J 4 16.29 -19.36 31.28
CA PHE J 4 16.11 -19.28 29.84
C PHE J 4 16.46 -17.88 29.36
N LEU J 5 17.39 -17.84 28.41
CA LEU J 5 18.07 -16.61 28.01
C LEU J 5 17.97 -16.35 26.53
N MET J 6 18.13 -15.07 26.19
CA MET J 6 18.40 -14.59 24.85
C MET J 6 19.74 -13.86 24.91
N ILE J 7 20.75 -14.41 24.23
CA ILE J 7 22.06 -13.77 24.17
C ILE J 7 22.08 -12.94 22.88
N ARG J 8 22.18 -11.63 23.02
CA ARG J 8 21.94 -10.73 21.91
C ARG J 8 23.12 -9.79 21.61
N ARG J 9 23.44 -9.72 20.32
CA ARG J 9 24.48 -8.85 19.81
C ARG J 9 24.07 -8.42 18.42
N HIS J 10 24.01 -7.12 18.19
CA HIS J 10 23.68 -6.60 16.87
C HIS J 10 22.38 -7.21 16.37
N LYS J 11 22.42 -8.01 15.29
CA LYS J 11 21.20 -8.61 14.76
C LYS J 11 21.14 -10.12 15.00
N THR J 12 21.91 -10.59 15.97
CA THR J 12 21.99 -11.99 16.31
C THR J 12 21.35 -12.20 17.67
N THR J 13 20.48 -13.21 17.78
CA THR J 13 19.88 -13.61 19.06
C THR J 13 20.01 -15.11 19.23
N ILE J 14 20.72 -15.52 20.28
CA ILE J 14 20.83 -16.93 20.62
C ILE J 14 19.87 -17.25 21.75
N PHE J 15 18.98 -18.21 21.49
CA PHE J 15 18.11 -18.75 22.52
C PHE J 15 18.81 -19.92 23.15
N THR J 16 19.00 -19.89 24.46
CA THR J 16 19.60 -21.01 25.14
C THR J 16 19.14 -21.03 26.57
N ASP J 17 19.45 -22.11 27.26
CA ASP J 17 19.14 -22.22 28.66
C ASP J 17 20.36 -22.74 29.37
N ALA J 18 20.40 -22.50 30.67
CA ALA J 18 21.49 -23.00 31.49
C ALA J 18 20.96 -23.11 32.90
N LYS J 19 21.78 -23.69 33.78
CA LYS J 19 21.40 -23.79 35.18
C LYS J 19 21.64 -22.47 35.88
N GLU J 20 20.78 -22.15 36.83
CA GLU J 20 20.97 -20.97 37.66
C GLU J 20 22.32 -21.00 38.36
N SER J 21 22.78 -22.20 38.73
CA SER J 21 24.09 -22.37 39.36
C SER J 21 25.29 -22.34 38.42
N SER J 22 25.06 -22.46 37.10
CA SER J 22 26.17 -22.38 36.13
C SER J 22 26.73 -20.96 36.10
N THR J 23 27.87 -20.79 35.45
CA THR J 23 28.58 -19.51 35.47
C THR J 23 28.51 -18.73 34.15
N VAL J 24 28.88 -17.46 34.25
CA VAL J 24 28.98 -16.57 33.09
C VAL J 24 29.98 -17.11 32.07
N PHE J 25 31.13 -17.58 32.54
CA PHE J 25 32.10 -18.22 31.64
C PHE J 25 31.47 -19.35 30.84
N GLU J 26 30.68 -20.17 31.52
CA GLU J 26 30.04 -21.30 30.87
C GLU J 26 29.07 -20.84 29.76
N LEU J 27 28.44 -19.68 29.95
CA LEU J 27 27.67 -19.06 28.86
C LEU J 27 28.54 -18.66 27.67
N LYS J 28 29.72 -18.15 27.95
CA LYS J 28 30.67 -17.80 26.90
C LYS J 28 31.11 -19.02 26.10
N ARG J 29 31.19 -20.19 26.76
CA ARG J 29 31.50 -21.43 26.04
C ARG J 29 30.38 -21.79 25.07
N ILE J 30 29.13 -21.59 25.49
CA ILE J 30 27.99 -21.81 24.59
C ILE J 30 28.07 -20.88 23.39
N VAL J 31 28.36 -19.61 23.63
CA VAL J 31 28.51 -18.61 22.55
C VAL J 31 29.67 -18.99 21.62
N GLU J 32 30.75 -19.51 22.20
CA GLU J 32 31.92 -19.91 21.43
C GLU J 32 31.56 -21.01 20.44
N GLY J 33 30.84 -22.02 20.91
CA GLY J 33 30.43 -23.13 20.06
C GLY J 33 29.57 -22.71 18.88
N ILE J 34 28.83 -21.61 19.05
CA ILE J 34 27.90 -21.15 18.03
C ILE J 34 28.55 -20.10 17.14
N LEU J 35 29.14 -19.07 17.74
CA LEU J 35 29.64 -17.94 16.95
C LEU J 35 31.14 -18.00 16.74
N LYS J 36 31.78 -19.06 17.22
CA LYS J 36 33.20 -19.35 16.95
C LYS J 36 34.14 -18.23 17.40
N ARG J 37 33.88 -17.67 18.57
CA ARG J 37 34.79 -16.70 19.17
C ARG J 37 35.05 -17.12 20.62
N PRO J 38 36.34 -17.24 21.00
CA PRO J 38 36.64 -17.71 22.35
C PRO J 38 36.14 -16.78 23.46
N PRO J 39 36.03 -17.31 24.69
CA PRO J 39 35.53 -16.54 25.84
C PRO J 39 36.29 -15.25 26.13
N ASP J 40 37.61 -15.26 25.96
CA ASP J 40 38.40 -14.05 26.23
C ASP J 40 38.11 -12.91 25.24
N GLU J 41 37.45 -13.22 24.13
CA GLU J 41 37.07 -12.19 23.15
C GLU J 41 35.60 -11.80 23.28
N GLN J 42 34.96 -12.15 24.41
CA GLN J 42 33.55 -11.86 24.65
C GLN J 42 33.36 -11.06 25.93
N ARG J 43 32.48 -10.08 25.89
CA ARG J 43 31.93 -9.47 27.10
C ARG J 43 30.43 -9.73 27.15
N LEU J 44 29.95 -10.22 28.28
CA LEU J 44 28.52 -10.42 28.49
C LEU J 44 28.01 -9.38 29.47
N TYR J 45 26.79 -8.91 29.22
CA TYR J 45 26.19 -7.81 29.97
C TYR J 45 24.79 -8.17 30.42
N LYS J 46 24.40 -7.65 31.58
CA LYS J 46 22.99 -7.55 31.93
C LYS J 46 22.64 -6.07 31.94
N ASP J 47 21.73 -5.64 31.07
CA ASP J 47 21.59 -4.23 30.74
C ASP J 47 22.95 -3.64 30.35
N ASP J 48 23.38 -2.56 31.02
CA ASP J 48 24.67 -1.94 30.72
C ASP J 48 25.79 -2.50 31.59
N GLN J 49 25.46 -3.44 32.46
CA GLN J 49 26.37 -3.90 33.49
C GLN J 49 27.19 -5.11 32.99
N LEU J 50 28.50 -4.94 32.90
CA LEU J 50 29.40 -6.03 32.52
C LEU J 50 29.40 -7.13 33.58
N LEU J 51 29.27 -8.39 33.15
CA LEU J 51 29.18 -9.52 34.07
C LEU J 51 30.54 -10.20 34.24
N ASP J 52 30.83 -10.63 35.47
CA ASP J 52 32.08 -11.34 35.80
C ASP J 52 31.98 -12.83 35.51
N ASP J 53 33.05 -13.39 34.95
CA ASP J 53 33.11 -14.78 34.50
C ASP J 53 32.76 -15.80 35.57
N GLY J 54 33.22 -15.54 36.79
CA GLY J 54 33.07 -16.50 37.91
C GLY J 54 31.72 -16.46 38.60
N LYS J 55 30.91 -15.44 38.33
CA LYS J 55 29.61 -15.32 39.00
C LYS J 55 28.61 -16.29 38.38
N THR J 56 27.71 -16.80 39.21
CA THR J 56 26.64 -17.66 38.74
C THR J 56 25.54 -16.81 38.05
N LEU J 57 24.73 -17.46 37.25
CA LEU J 57 23.64 -16.78 36.56
C LEU J 57 22.64 -16.23 37.58
N GLY J 58 22.34 -17.04 38.59
CA GLY J 58 21.53 -16.61 39.73
C GLY J 58 22.07 -15.36 40.39
N GLU J 59 23.40 -15.29 40.54
CA GLU J 59 24.03 -14.10 41.11
C GLU J 59 23.94 -12.86 40.19
N CYS J 60 23.81 -13.08 38.89
CA CYS J 60 23.59 -11.99 37.95
C CYS J 60 22.11 -11.59 37.81
N GLY J 61 21.22 -12.26 38.53
CA GLY J 61 19.80 -11.93 38.49
C GLY J 61 18.96 -12.76 37.53
N PHE J 62 19.53 -13.82 36.97
CA PHE J 62 18.80 -14.71 36.08
C PHE J 62 18.23 -15.87 36.88
N THR J 63 16.92 -15.82 37.12
CA THR J 63 16.21 -16.76 37.97
C THR J 63 14.98 -17.34 37.27
N SER J 64 14.28 -18.23 37.95
CA SER J 64 13.02 -18.77 37.45
C SER J 64 11.95 -17.70 37.27
N GLN J 65 12.04 -16.61 38.03
CA GLN J 65 11.09 -15.51 37.91
C GLN J 65 11.37 -14.62 36.71
N THR J 66 12.65 -14.39 36.44
CA THR J 66 13.08 -13.39 35.47
C THR J 66 13.50 -13.98 34.12
N ALA J 67 13.73 -15.29 34.07
CA ALA J 67 14.31 -15.93 32.91
C ALA J 67 13.50 -17.19 32.59
N ARG J 68 12.33 -16.95 32.01
CA ARG J 68 11.34 -17.98 31.78
C ARG J 68 11.35 -18.41 30.31
N PRO J 69 10.96 -19.67 30.03
CA PRO J 69 10.94 -20.18 28.66
C PRO J 69 10.18 -19.26 27.70
N GLN J 70 8.99 -18.84 28.14
CA GLN J 70 8.10 -18.02 27.34
C GLN J 70 8.38 -16.53 27.44
N ALA J 71 9.35 -16.15 28.26
CA ALA J 71 9.76 -14.76 28.46
C ALA J 71 11.22 -14.75 28.93
N PRO J 72 12.15 -15.06 28.03
CA PRO J 72 13.54 -15.25 28.46
C PRO J 72 14.23 -13.94 28.83
N ALA J 73 15.22 -14.01 29.72
CA ALA J 73 16.02 -12.83 30.07
C ALA J 73 17.07 -12.56 29.00
N THR J 74 17.37 -11.27 28.78
CA THR J 74 18.33 -10.86 27.78
C THR J 74 19.73 -10.68 28.36
N VAL J 75 20.71 -11.26 27.68
CA VAL J 75 22.11 -11.06 27.98
C VAL J 75 22.75 -10.40 26.77
N GLY J 76 23.35 -9.23 26.98
CA GLY J 76 24.07 -8.54 25.91
C GLY J 76 25.43 -9.16 25.66
N LEU J 77 25.86 -9.12 24.40
CA LEU J 77 27.15 -9.67 23.97
C LEU J 77 27.90 -8.67 23.11
N ALA J 78 29.18 -8.47 23.43
CA ALA J 78 30.08 -7.63 22.65
C ALA J 78 31.37 -8.42 22.40
N PHE J 79 31.87 -8.37 21.18
CA PHE J 79 33.13 -9.00 20.82
C PHE J 79 34.32 -8.04 20.82
N ARG J 80 35.51 -8.60 21.05
CA ARG J 80 36.77 -7.91 20.80
C ARG J 80 36.95 -7.77 19.28
N ALA J 81 37.37 -6.59 18.83
CA ALA J 81 37.64 -6.33 17.41
C ALA J 81 39.00 -5.66 17.24
N ASP J 82 40.03 -6.43 16.90
CA ASP J 82 41.40 -5.92 16.71
C ASP J 82 41.90 -5.11 17.90
N ASP J 83 42.13 -5.79 19.03
CA ASP J 83 42.69 -5.13 20.23
C ASP J 83 41.62 -4.62 21.20
N THR J 84 40.72 -3.75 20.73
CA THR J 84 39.68 -3.19 21.60
C THR J 84 38.31 -3.86 21.41
N PHE J 85 37.55 -3.89 22.50
CA PHE J 85 36.18 -4.40 22.46
C PHE J 85 35.28 -3.37 21.83
N GLU J 86 34.37 -3.83 20.98
CA GLU J 86 33.31 -2.99 20.43
C GLU J 86 32.35 -2.61 21.54
N ALA J 87 31.59 -1.53 21.34
CA ALA J 87 30.54 -1.15 22.27
C ALA J 87 29.39 -2.15 22.20
N LEU J 88 28.67 -2.30 23.31
CA LEU J 88 27.49 -3.16 23.36
C LEU J 88 26.40 -2.57 22.48
N CAS J 89 25.96 -3.32 21.49
CA CAS J 89 24.91 -2.85 20.58
CB CAS J 89 25.55 -2.28 19.31
C CAS J 89 23.95 -3.98 20.29
O CAS J 89 24.36 -5.05 19.87
SG CAS J 89 24.41 -2.24 17.96
AS CAS J 89 23.39 -0.30 18.36
CE1 CAS J 89 22.56 -0.12 20.15
CE2 CAS J 89 21.86 -0.10 17.10
N ILE J 90 22.68 -3.73 20.55
CA ILE J 90 21.62 -4.71 20.29
C ILE J 90 20.59 -4.02 19.40
N GLU J 91 20.38 -4.55 18.20
CA GLU J 91 19.38 -3.97 17.30
C GLU J 91 17.99 -4.38 17.81
N PRO J 92 17.07 -3.42 17.95
CA PRO J 92 15.74 -3.79 18.42
C PRO J 92 15.02 -4.65 17.38
N PHE J 93 14.07 -5.46 17.82
CA PHE J 93 13.20 -6.16 16.89
C PHE J 93 12.32 -5.13 16.21
N SER J 94 11.66 -5.53 15.13
CA SER J 94 10.79 -4.63 14.37
C SER J 94 9.59 -4.19 15.21
N SER J 95 8.99 -3.07 14.82
CA SER J 95 7.81 -2.58 15.53
C SER J 95 6.57 -3.18 14.91
N PRO J 96 5.61 -3.59 15.76
CA PRO J 96 4.30 -3.99 15.26
C PRO J 96 3.58 -2.81 14.66
N PRO J 97 2.73 -3.06 13.64
CA PRO J 97 1.88 -2.00 13.13
C PRO J 97 0.82 -1.64 14.16
N GLU J 98 0.12 -0.52 13.97
CA GLU J 98 -0.86 -0.05 14.95
C GLU J 98 -1.95 -1.09 15.17
N LEU J 99 -2.47 -1.15 16.40
CA LEU J 99 -3.58 -2.04 16.71
C LEU J 99 -4.79 -1.54 15.94
N PRO J 100 -5.38 -2.39 15.06
CA PRO J 100 -6.51 -1.92 14.26
C PRO J 100 -7.72 -1.45 15.08
N ASP J 101 -8.63 -0.75 14.41
CA ASP J 101 -9.89 -0.31 15.04
C ASP J 101 -10.62 -1.51 15.64
N VAL J 102 -10.73 -2.58 14.86
CA VAL J 102 -11.38 -3.82 15.30
C VAL J 102 -10.96 -4.22 16.73
N MET J 103 -9.71 -3.95 17.07
CA MET J 103 -9.21 -4.17 18.42
C MET J 103 -9.09 -2.83 19.14
N MET K 1 26.09 -29.86 21.13
CA MET K 1 24.70 -29.35 21.07
C MET K 1 24.48 -28.64 19.74
N MET K 2 23.63 -29.20 18.90
CA MET K 2 23.35 -28.62 17.59
C MET K 2 22.32 -27.49 17.69
N TYR K 3 22.56 -26.47 16.88
CA TYR K 3 21.76 -25.26 16.82
C TYR K 3 21.40 -25.02 15.36
N VAL K 4 20.29 -24.33 15.12
CA VAL K 4 19.92 -23.92 13.76
C VAL K 4 19.61 -22.43 13.74
N LYS K 5 19.66 -21.85 12.54
CA LYS K 5 19.47 -20.42 12.38
C LYS K 5 18.15 -20.12 11.64
N LEU K 6 17.35 -19.24 12.22
CA LEU K 6 16.09 -18.82 11.62
C LEU K 6 16.18 -17.31 11.42
N ILE K 7 15.99 -16.87 10.17
CA ILE K 7 16.24 -15.49 9.81
C ILE K 7 14.94 -14.80 9.46
N SER K 8 14.67 -13.68 10.10
CA SER K 8 13.42 -12.95 9.90
C SER K 8 13.46 -12.11 8.63
N SER K 9 12.30 -11.54 8.27
CA SER K 9 12.18 -10.73 7.05
C SER K 9 13.06 -9.48 7.09
N ASP K 10 13.25 -8.94 8.29
CA ASP K 10 14.07 -7.77 8.53
C ASP K 10 15.53 -8.10 8.89
N GLY K 11 15.97 -9.33 8.62
CA GLY K 11 17.37 -9.71 8.76
C GLY K 11 17.87 -10.14 10.13
N HIS K 12 16.99 -10.25 11.13
CA HIS K 12 17.43 -10.74 12.43
C HIS K 12 17.68 -12.24 12.37
N GLU K 13 18.77 -12.67 12.99
CA GLU K 13 19.17 -14.07 12.95
C GLU K 13 18.95 -14.66 14.34
N PHE K 14 18.06 -15.66 14.40
CA PHE K 14 17.70 -16.31 15.65
C PHE K 14 18.33 -17.70 15.64
N ILE K 15 19.16 -17.96 16.64
CA ILE K 15 19.84 -19.25 16.74
C ILE K 15 19.18 -20.02 17.87
N VAL K 16 18.58 -21.15 17.54
CA VAL K 16 17.85 -21.98 18.51
C VAL K 16 18.35 -23.42 18.47
N LYS K 17 18.18 -24.14 19.57
CA LYS K 17 18.58 -25.54 19.63
C LYS K 17 17.80 -26.32 18.59
N ARG K 18 18.49 -27.20 17.88
CA ARG K 18 17.88 -28.00 16.82
C ARG K 18 16.68 -28.76 17.36
N GLU K 19 16.87 -29.41 18.51
CA GLU K 19 15.79 -30.16 19.15
C GLU K 19 14.52 -29.32 19.31
N HIS K 20 14.71 -28.07 19.71
CA HIS K 20 13.61 -27.14 19.93
C HIS K 20 12.94 -26.72 18.62
N ALA K 21 13.73 -26.50 17.56
CA ALA K 21 13.18 -26.13 16.25
C ALA K 21 12.36 -27.26 15.61
N LEU K 22 12.80 -28.50 15.83
CA LEU K 22 12.13 -29.68 15.31
C LEU K 22 10.77 -29.95 15.95
N THR K 23 10.42 -29.17 16.95
CA THR K 23 9.09 -29.16 17.50
C THR K 23 8.06 -28.66 16.45
N SER K 24 8.50 -27.85 15.50
CA SER K 24 7.67 -27.46 14.35
C SER K 24 7.85 -28.45 13.21
N GLY K 25 6.76 -29.12 12.84
CA GLY K 25 6.74 -30.03 11.70
C GLY K 25 7.22 -29.37 10.42
N THR K 26 6.83 -28.10 10.20
CA THR K 26 7.26 -27.38 9.02
C THR K 26 8.76 -27.20 9.03
N ILE K 27 9.27 -26.70 10.14
CA ILE K 27 10.71 -26.46 10.23
C ILE K 27 11.45 -27.78 10.07
N LYS K 28 10.97 -28.81 10.76
CA LYS K 28 11.56 -30.13 10.61
C LYS K 28 11.65 -30.51 9.13
N ALA K 29 10.57 -30.26 8.37
CA ALA K 29 10.58 -30.53 6.93
C ALA K 29 11.50 -29.56 6.19
N MET K 30 11.48 -28.28 6.57
CA MET K 30 12.30 -27.24 5.90
C MET K 30 13.80 -27.50 6.00
N LEU K 31 14.23 -28.13 7.09
CA LEU K 31 15.64 -28.45 7.28
C LEU K 31 15.99 -29.74 6.56
N THR K 42 19.98 -26.64 5.07
CA THR K 42 19.94 -27.74 6.04
C THR K 42 20.12 -27.21 7.47
N ASN K 43 20.79 -26.06 7.63
CA ASN K 43 20.99 -25.45 8.96
C ASN K 43 20.41 -24.02 9.13
N GLU K 44 20.09 -23.35 8.02
CA GLU K 44 19.48 -22.01 8.06
C GLU K 44 18.13 -22.04 7.35
N VAL K 45 17.20 -21.24 7.84
CA VAL K 45 15.94 -21.01 7.13
C VAL K 45 15.62 -19.52 7.10
N ASN K 46 15.33 -19.01 5.91
CA ASN K 46 14.91 -17.63 5.72
C ASN K 46 13.41 -17.53 5.66
N PHE K 47 12.83 -16.74 6.57
CA PHE K 47 11.40 -16.45 6.54
C PHE K 47 11.20 -15.03 6.02
N ARG K 48 11.13 -14.90 4.70
CA ARG K 48 11.04 -13.60 4.05
C ARG K 48 9.78 -12.78 4.35
N GLU K 49 8.73 -13.39 4.88
CA GLU K 49 7.56 -12.59 5.29
C GLU K 49 7.26 -12.63 6.79
N ILE K 50 8.17 -13.17 7.60
CA ILE K 50 7.97 -13.17 9.06
C ILE K 50 8.94 -12.21 9.75
N PRO K 51 8.42 -11.08 10.26
CA PRO K 51 9.29 -10.11 10.91
C PRO K 51 9.80 -10.57 12.29
N SER K 52 10.85 -9.91 12.78
CA SER K 52 11.56 -10.31 13.99
C SER K 52 10.70 -10.25 15.26
N HIS K 53 9.76 -9.31 15.32
CA HIS K 53 8.89 -9.20 16.48
C HIS K 53 7.87 -10.34 16.54
N VAL K 54 7.70 -11.06 15.43
CA VAL K 54 6.92 -12.29 15.41
C VAL K 54 7.82 -13.51 15.60
N LEU K 55 8.90 -13.58 14.82
CA LEU K 55 9.76 -14.75 14.82
C LEU K 55 10.44 -14.98 16.17
N SER K 56 10.75 -13.90 16.89
CA SER K 56 11.29 -14.01 18.25
C SER K 56 10.32 -14.74 19.19
N LYS K 57 9.04 -14.42 19.06
CA LYS K 57 7.96 -15.12 19.80
C LYS K 57 7.80 -16.57 19.40
N VAL K 58 7.99 -16.86 18.12
CA VAL K 58 7.97 -18.24 17.66
C VAL K 58 9.07 -19.05 18.37
N CYS K 59 10.26 -18.48 18.51
CA CYS K 59 11.36 -19.15 19.19
C CYS K 59 11.08 -19.35 20.67
N MET K 60 10.46 -18.36 21.30
CA MET K 60 10.07 -18.50 22.68
C MET K 60 9.07 -19.66 22.83
N TYR K 61 8.14 -19.77 21.89
CA TYR K 61 7.17 -20.87 21.89
C TYR K 61 7.86 -22.24 21.84
N PHE K 62 8.89 -22.39 21.01
CA PHE K 62 9.66 -23.65 20.99
C PHE K 62 10.15 -24.00 22.39
N THR K 63 10.79 -23.04 23.05
CA THR K 63 11.33 -23.23 24.39
C THR K 63 10.25 -23.66 25.37
N TYR K 64 9.13 -22.93 25.34
CA TYR K 64 7.97 -23.17 26.19
C TYR K 64 7.40 -24.57 26.01
N LYS K 65 7.23 -24.97 24.76
CA LYS K 65 6.66 -26.26 24.43
C LYS K 65 7.55 -27.43 24.88
N VAL K 66 8.85 -27.30 24.70
CA VAL K 66 9.79 -28.36 25.09
C VAL K 66 9.90 -28.45 26.61
N ARG K 67 9.87 -27.30 27.28
CA ARG K 67 9.90 -27.27 28.72
C ARG K 67 8.63 -27.87 29.36
N TYR K 68 7.46 -27.54 28.82
CA TYR K 68 6.22 -27.88 29.51
C TYR K 68 5.47 -29.09 28.97
N THR K 69 5.87 -29.60 27.81
CA THR K 69 5.25 -30.82 27.27
C THR K 69 5.53 -32.00 28.20
N ASN K 70 4.48 -32.74 28.54
CA ASN K 70 4.58 -33.88 29.46
C ASN K 70 5.29 -33.50 30.74
N SER K 71 4.67 -32.59 31.49
CA SER K 71 5.27 -32.04 32.70
C SER K 71 4.22 -31.99 33.82
N SER K 72 4.62 -32.44 35.01
CA SER K 72 3.74 -32.41 36.18
C SER K 72 3.71 -31.01 36.80
N THR K 73 4.83 -30.30 36.71
CA THR K 73 4.91 -28.89 37.14
C THR K 73 3.83 -28.03 36.46
N GLU K 74 3.30 -27.07 37.22
CA GLU K 74 2.19 -26.26 36.73
C GLU K 74 2.61 -25.47 35.50
N ILE K 75 1.78 -25.51 34.48
CA ILE K 75 2.11 -24.91 33.22
C ILE K 75 1.55 -23.49 33.22
N PRO K 76 2.41 -22.50 32.94
CA PRO K 76 1.94 -21.14 32.84
C PRO K 76 1.40 -20.85 31.44
N GLU K 77 0.65 -19.75 31.34
CA GLU K 77 0.06 -19.30 30.10
C GLU K 77 1.18 -18.84 29.15
N PHE K 78 1.04 -19.10 27.85
CA PHE K 78 1.93 -18.46 26.87
C PHE K 78 1.39 -17.06 26.53
N PRO K 79 2.15 -15.99 26.81
CA PRO K 79 1.63 -14.64 26.64
C PRO K 79 1.78 -14.15 25.21
N ILE K 80 0.78 -13.41 24.74
CA ILE K 80 0.85 -12.81 23.43
C ILE K 80 0.28 -11.41 23.51
N ALA K 81 1.10 -10.39 23.24
CA ALA K 81 0.64 -9.00 23.25
C ALA K 81 -0.38 -8.79 22.14
N PRO K 82 -1.43 -8.01 22.43
CA PRO K 82 -2.44 -7.72 21.42
C PRO K 82 -1.84 -7.23 20.10
N GLU K 83 -0.84 -6.36 20.18
CA GLU K 83 -0.25 -5.73 18.99
C GLU K 83 0.41 -6.73 18.01
N ILE K 84 0.78 -7.91 18.47
CA ILE K 84 1.42 -8.91 17.60
C ILE K 84 0.55 -10.12 17.28
N ALA K 85 -0.61 -10.25 17.92
CA ALA K 85 -1.41 -11.47 17.82
C ALA K 85 -1.78 -11.88 16.40
N LEU K 86 -2.18 -10.93 15.56
CA LEU K 86 -2.59 -11.24 14.18
C LEU K 86 -1.45 -11.79 13.35
N GLU K 87 -0.33 -11.10 13.38
CA GLU K 87 0.83 -11.54 12.61
C GLU K 87 1.35 -12.85 13.12
N LEU K 88 1.30 -13.05 14.44
CA LEU K 88 1.75 -14.31 15.01
C LEU K 88 0.83 -15.45 14.56
N LEU K 89 -0.48 -15.19 14.52
CA LEU K 89 -1.47 -16.17 14.05
C LEU K 89 -1.19 -16.52 12.58
N MET K 90 -0.96 -15.49 11.77
CA MET K 90 -0.61 -15.69 10.35
C MET K 90 0.58 -16.61 10.21
N ALA K 91 1.63 -16.30 10.96
CA ALA K 91 2.82 -17.13 10.98
C ALA K 91 2.47 -18.52 11.43
N ALA K 92 1.85 -18.61 12.61
CA ALA K 92 1.64 -19.89 13.28
C ALA K 92 1.01 -20.92 12.35
N ASN K 93 0.04 -20.52 11.56
CA ASN K 93 -0.51 -21.45 10.61
C ASN K 93 0.58 -22.24 9.86
N PHE K 94 1.57 -21.52 9.32
CA PHE K 94 2.61 -22.18 8.57
C PHE K 94 3.55 -22.92 9.52
N LEU K 95 3.10 -24.11 9.96
CA LEU K 95 3.91 -25.04 10.76
C LEU K 95 3.09 -25.85 11.78
N ASP K 96 3.79 -26.75 12.49
CA ASP K 96 3.47 -27.01 13.88
C ASP K 96 4.06 -25.79 14.58
N CAS K 97 3.41 -24.67 14.26
CA CAS K 97 3.85 -23.28 14.39
CB CAS K 97 2.62 -22.66 15.02
C CAS K 97 4.99 -22.81 15.23
O CAS K 97 5.38 -23.40 16.24
OXT CAS K 97 5.51 -21.72 14.90
SG CAS K 97 1.18 -23.43 14.33
AS CAS K 97 0.60 -24.86 15.96
CE1 CAS K 97 2.13 -25.64 16.97
CE2 CAS K 97 -0.42 -26.34 15.06
N VAL L 11 -23.09 -43.81 24.55
CA VAL L 11 -21.61 -43.69 24.70
C VAL L 11 -21.30 -42.33 25.35
N LEU L 12 -20.17 -42.25 26.05
CA LEU L 12 -19.78 -41.05 26.82
C LEU L 12 -20.92 -40.51 27.67
N ARG L 13 -21.20 -41.23 28.74
CA ARG L 13 -22.20 -40.85 29.70
C ARG L 13 -21.75 -41.34 31.04
N SER L 14 -22.32 -40.75 32.09
CA SER L 14 -22.04 -41.23 33.42
C SER L 14 -22.80 -42.54 33.63
N VAL L 15 -22.18 -43.46 34.35
CA VAL L 15 -22.82 -44.70 34.80
C VAL L 15 -23.52 -44.42 36.13
N ASN L 16 -24.74 -44.89 36.30
CA ASN L 16 -25.54 -44.60 37.50
C ASN L 16 -25.24 -45.57 38.64
N SER L 17 -24.02 -45.51 39.16
CA SER L 17 -23.56 -46.44 40.19
C SER L 17 -24.24 -46.27 41.55
N ARG L 18 -24.60 -45.03 41.88
CA ARG L 18 -25.02 -44.66 43.23
C ARG L 18 -23.97 -45.00 44.29
N GLU L 19 -22.70 -45.10 43.89
CA GLU L 19 -21.62 -45.32 44.83
C GLU L 19 -20.85 -43.99 44.98
N PRO L 20 -21.00 -43.31 46.13
CA PRO L 20 -20.36 -42.02 46.38
C PRO L 20 -18.84 -42.04 46.24
N SER L 21 -18.29 -40.90 45.81
CA SER L 21 -16.85 -40.75 45.69
C SER L 21 -16.54 -39.29 45.94
N GLN L 22 -15.64 -39.04 46.90
CA GLN L 22 -15.26 -37.68 47.21
C GLN L 22 -14.02 -37.30 46.39
N VAL L 23 -14.03 -36.08 45.87
CA VAL L 23 -13.05 -35.62 44.90
C VAL L 23 -12.62 -34.23 45.27
N ILE L 24 -11.35 -33.90 45.01
CA ILE L 24 -10.87 -32.54 45.06
C ILE L 24 -10.72 -32.03 43.64
N PHE L 25 -11.51 -31.04 43.26
CA PHE L 25 -11.28 -30.30 42.01
C PHE L 25 -10.25 -29.24 42.34
N CAS L 26 -9.04 -29.37 41.79
CA CAS L 26 -7.92 -28.45 42.09
CB CAS L 26 -6.79 -29.31 42.62
C CAS L 26 -7.53 -27.73 40.83
O CAS L 26 -6.99 -28.32 39.90
SG CAS L 26 -5.29 -28.41 42.95
AS CAS L 26 -5.94 -27.01 44.53
CE1 CAS L 26 -5.02 -25.30 44.17
CE2 CAS L 26 -5.34 -27.63 46.31
N ASN L 27 -7.81 -26.42 40.78
CA ASN L 27 -7.50 -25.61 39.61
C ASN L 27 -6.07 -25.09 39.64
N ARG L 28 -5.17 -25.81 38.97
CA ARG L 28 -3.78 -25.41 38.83
C ARG L 28 -3.59 -24.81 37.44
N SER L 29 -4.49 -23.91 37.07
CA SER L 29 -4.40 -23.20 35.83
C SER L 29 -4.67 -21.76 36.19
N PRO L 30 -4.33 -20.83 35.30
CA PRO L 30 -4.67 -19.42 35.47
C PRO L 30 -6.06 -19.06 34.96
N ARG L 31 -6.83 -20.04 34.47
CA ARG L 31 -8.17 -19.76 33.97
C ARG L 31 -9.23 -19.96 35.05
N VAL L 32 -10.35 -19.26 34.92
CA VAL L 32 -11.58 -19.61 35.63
C VAL L 32 -12.09 -20.91 34.99
N VAL L 33 -12.28 -21.95 35.81
CA VAL L 33 -12.59 -23.27 35.31
C VAL L 33 -14.09 -23.58 35.48
N LEU L 34 -14.68 -24.10 34.41
CA LEU L 34 -16.04 -24.64 34.41
C LEU L 34 -15.96 -26.17 34.44
N PRO L 35 -16.36 -26.82 35.55
CA PRO L 35 -16.51 -28.26 35.57
C PRO L 35 -17.77 -28.65 34.83
N VAL L 36 -17.69 -29.71 34.05
CA VAL L 36 -18.83 -30.18 33.25
C VAL L 36 -19.03 -31.67 33.51
N TRP L 37 -20.19 -32.00 34.05
CA TRP L 37 -20.55 -33.38 34.34
C TRP L 37 -21.33 -33.95 33.16
N LEU L 38 -20.93 -35.12 32.68
CA LEU L 38 -21.73 -35.79 31.65
C LEU L 38 -22.82 -36.59 32.33
N ASN L 39 -24.06 -36.19 32.10
CA ASN L 39 -25.18 -36.82 32.78
C ASN L 39 -25.48 -38.21 32.23
N PHE L 40 -26.56 -38.84 32.71
CA PHE L 40 -26.82 -40.24 32.37
C PHE L 40 -27.21 -40.45 30.91
N ASP L 41 -27.66 -39.37 30.24
CA ASP L 41 -27.89 -39.37 28.79
C ASP L 41 -26.69 -38.91 27.98
N GLY L 42 -25.58 -38.56 28.65
CA GLY L 42 -24.41 -38.02 27.97
C GLY L 42 -24.51 -36.53 27.67
N GLU L 43 -25.49 -35.85 28.26
CA GLU L 43 -25.65 -34.42 28.06
C GLU L 43 -24.76 -33.64 29.05
N PRO L 44 -23.98 -32.66 28.54
CA PRO L 44 -23.10 -31.92 29.43
C PRO L 44 -23.83 -30.99 30.41
N GLN L 45 -23.50 -31.10 31.69
CA GLN L 45 -24.13 -30.27 32.72
C GLN L 45 -23.06 -29.43 33.39
N PRO L 46 -23.15 -28.11 33.26
CA PRO L 46 -22.18 -27.24 33.89
C PRO L 46 -22.39 -27.18 35.40
N TYR L 47 -21.29 -27.02 36.14
CA TYR L 47 -21.30 -26.94 37.59
C TYR L 47 -20.63 -25.62 37.96
N PRO L 48 -20.69 -25.23 39.25
CA PRO L 48 -20.10 -23.95 39.61
C PRO L 48 -18.62 -23.82 39.26
N THR L 49 -18.22 -22.60 38.91
CA THR L 49 -16.88 -22.33 38.43
C THR L 49 -15.87 -22.25 39.56
N LEU L 50 -14.62 -22.57 39.26
CA LEU L 50 -13.50 -22.43 40.20
C LEU L 50 -12.54 -21.35 39.74
N PRO L 51 -12.32 -20.30 40.57
CA PRO L 51 -11.30 -19.31 40.22
C PRO L 51 -9.89 -19.92 40.14
N PRO L 52 -8.95 -19.25 39.45
CA PRO L 52 -7.59 -19.78 39.29
C PRO L 52 -6.91 -20.11 40.60
N GLY L 53 -6.20 -21.24 40.66
CA GLY L 53 -5.43 -21.58 41.86
C GLY L 53 -6.25 -21.97 43.07
N THR L 54 -7.55 -22.23 42.91
CA THR L 54 -8.42 -22.64 44.02
C THR L 54 -8.77 -24.12 43.89
N GLY L 55 -9.11 -24.74 45.02
CA GLY L 55 -9.59 -26.11 45.03
C GLY L 55 -10.86 -26.27 45.87
N ARG L 56 -11.65 -27.30 45.57
CA ARG L 56 -12.88 -27.60 46.31
C ARG L 56 -13.08 -29.09 46.44
N ARG L 57 -13.52 -29.50 47.63
CA ARG L 57 -13.86 -30.88 47.89
C ARG L 57 -15.32 -31.05 47.49
N ILE L 58 -15.59 -32.00 46.60
CA ILE L 58 -16.93 -32.16 46.07
C ILE L 58 -17.39 -33.60 46.12
N HIS L 59 -18.71 -33.77 46.05
CA HIS L 59 -19.32 -35.09 46.13
C HIS L 59 -19.78 -35.54 44.77
N SER L 60 -19.19 -36.62 44.27
CA SER L 60 -19.58 -37.21 43.01
C SER L 60 -19.75 -38.71 43.26
N TYR L 61 -19.68 -39.50 42.19
CA TYR L 61 -19.97 -40.93 42.27
C TYR L 61 -19.05 -41.68 41.34
N ARG L 62 -18.79 -42.93 41.70
CA ARG L 62 -17.96 -43.79 40.88
C ARG L 62 -18.59 -43.91 39.49
N GLY L 63 -17.74 -43.91 38.47
CA GLY L 63 -18.21 -44.08 37.10
C GLY L 63 -18.87 -42.84 36.53
N HIS L 64 -18.78 -41.71 37.21
CA HIS L 64 -19.32 -40.46 36.66
C HIS L 64 -18.26 -39.78 35.79
N LEU L 65 -18.68 -39.13 34.71
CA LEU L 65 -17.71 -38.54 33.78
C LEU L 65 -17.70 -37.03 33.89
N TRP L 66 -16.50 -36.46 34.00
CA TRP L 66 -16.29 -35.01 34.04
C TRP L 66 -15.25 -34.55 33.04
N LEU L 67 -15.40 -33.30 32.60
CA LEU L 67 -14.37 -32.61 31.86
C LEU L 67 -14.36 -31.17 32.32
N PHE L 68 -13.35 -30.41 31.89
CA PHE L 68 -13.12 -29.10 32.44
C PHE L 68 -12.77 -28.14 31.32
N ARG L 69 -13.37 -26.95 31.39
N ARG L 69 -13.35 -26.94 31.36
CA ARG L 69 -13.30 -25.92 30.36
CA ARG L 69 -13.17 -25.97 30.30
C ARG L 69 -12.93 -24.59 30.99
C ARG L 69 -13.03 -24.60 30.93
N ASP L 70 -12.48 -23.66 30.15
CA ASP L 70 -12.38 -22.25 30.55
C ASP L 70 -13.82 -21.73 30.58
N ALA L 71 -14.20 -21.14 31.70
CA ALA L 71 -15.58 -20.73 31.92
C ALA L 71 -16.04 -19.61 30.98
N GLY L 72 -15.10 -18.78 30.55
CA GLY L 72 -15.41 -17.64 29.68
C GLY L 72 -15.38 -17.96 28.18
N THR L 73 -14.39 -18.73 27.75
CA THR L 73 -14.15 -19.01 26.33
C THR L 73 -14.41 -20.44 25.90
N HIS L 74 -14.58 -21.34 26.86
CA HIS L 74 -14.73 -22.78 26.61
C HIS L 74 -13.50 -23.50 26.07
N ASP L 75 -12.32 -22.87 26.15
CA ASP L 75 -11.09 -23.55 25.82
C ASP L 75 -10.94 -24.85 26.63
N GLY L 76 -10.39 -25.87 25.97
CA GLY L 76 -10.15 -27.17 26.57
C GLY L 76 -9.08 -27.12 27.64
N LEU L 77 -9.31 -27.84 28.74
CA LEU L 77 -8.30 -27.98 29.79
C LEU L 77 -8.05 -29.46 30.06
N LEU L 78 -6.96 -29.77 30.74
CA LEU L 78 -6.66 -31.16 31.05
C LEU L 78 -6.96 -31.40 32.50
N VAL L 79 -7.29 -32.64 32.81
CA VAL L 79 -7.47 -33.07 34.19
C VAL L 79 -6.70 -34.37 34.36
N ASN L 80 -5.79 -34.39 35.33
CA ASN L 80 -4.79 -35.44 35.45
C ASN L 80 -4.19 -35.81 34.09
N GLN L 81 -3.76 -34.78 33.36
CA GLN L 81 -3.06 -34.91 32.07
C GLN L 81 -3.89 -35.49 30.92
N THR L 82 -5.19 -35.62 31.11
CA THR L 82 -6.05 -36.16 30.06
C THR L 82 -7.35 -35.36 29.99
N GLU L 83 -8.23 -35.76 29.08
CA GLU L 83 -9.43 -34.97 28.79
C GLU L 83 -10.59 -35.25 29.73
N LEU L 84 -10.75 -36.50 30.13
CA LEU L 84 -11.88 -36.93 30.96
C LEU L 84 -11.42 -37.41 32.32
N PHE L 85 -12.24 -37.12 33.34
CA PHE L 85 -11.99 -37.55 34.70
C PHE L 85 -13.16 -38.38 35.19
N VAL L 86 -12.86 -39.52 35.81
CA VAL L 86 -13.88 -40.43 36.33
C VAL L 86 -13.59 -40.72 37.82
N PRO L 87 -14.50 -40.30 38.72
CA PRO L 87 -14.27 -40.59 40.14
C PRO L 87 -14.21 -42.09 40.40
N SER L 88 -13.28 -42.51 41.26
CA SER L 88 -13.05 -43.91 41.55
C SER L 88 -13.22 -44.17 43.06
N LEU L 89 -12.97 -45.41 43.47
CA LEU L 89 -13.10 -45.81 44.88
C LEU L 89 -12.08 -45.09 45.76
N ASN L 90 -12.58 -44.46 46.83
CA ASN L 90 -11.72 -43.77 47.79
C ASN L 90 -10.94 -44.76 48.66
N VAL L 91 -9.62 -44.80 48.48
CA VAL L 91 -8.76 -45.76 49.18
C VAL L 91 -8.25 -45.16 50.50
N ASP L 92 -8.80 -45.66 51.61
CA ASP L 92 -8.39 -45.26 52.95
C ASP L 92 -8.79 -43.81 53.26
N GLY L 93 -10.05 -43.48 52.98
CA GLY L 93 -10.60 -42.15 53.28
C GLY L 93 -10.03 -40.97 52.49
N GLN L 94 -9.12 -41.24 51.55
CA GLN L 94 -8.51 -40.18 50.76
C GLN L 94 -9.46 -39.77 49.65
N PRO L 95 -9.62 -38.46 49.42
CA PRO L 95 -10.35 -38.05 48.25
C PRO L 95 -9.47 -38.24 47.00
N ILE L 96 -10.11 -38.39 45.84
CA ILE L 96 -9.38 -38.49 44.58
C ILE L 96 -9.07 -37.06 44.14
N PHE L 97 -7.83 -36.80 43.74
CA PHE L 97 -7.46 -35.50 43.19
C PHE L 97 -7.74 -35.39 41.69
N ALA L 98 -8.49 -34.35 41.30
CA ALA L 98 -8.63 -34.01 39.90
C ALA L 98 -7.83 -32.74 39.68
N ASN L 99 -6.60 -32.91 39.19
CA ASN L 99 -5.70 -31.79 38.97
C ASN L 99 -5.94 -31.20 37.59
N ILE L 100 -6.48 -29.99 37.57
CA ILE L 100 -6.87 -29.32 36.34
C ILE L 100 -5.77 -28.34 35.93
N THR L 101 -5.25 -28.48 34.71
CA THR L 101 -4.13 -27.68 34.23
C THR L 101 -4.36 -27.20 32.80
N LEU L 102 -3.64 -26.15 32.41
CA LEU L 102 -3.58 -25.76 31.00
C LEU L 102 -2.90 -26.87 30.22
N PRO L 103 -3.43 -27.19 29.04
CA PRO L 103 -2.55 -27.93 28.15
C PRO L 103 -1.51 -26.99 27.54
N VAL L 104 -0.50 -27.56 26.89
CA VAL L 104 0.36 -26.79 26.02
C VAL L 104 -0.43 -26.69 24.72
N TYR L 105 -1.10 -25.56 24.52
CA TYR L 105 -1.83 -25.36 23.30
C TYR L 105 -0.83 -25.24 22.14
N THR L 106 -1.29 -25.53 20.93
CA THR L 106 -0.50 -25.22 19.75
C THR L 106 -0.42 -23.70 19.65
N LEU L 107 0.63 -23.18 19.01
CA LEU L 107 0.77 -21.73 18.91
C LEU L 107 -0.40 -21.11 18.19
N LYS L 108 -0.87 -21.78 17.14
CA LYS L 108 -2.06 -21.34 16.40
C LYS L 108 -3.30 -21.29 17.29
N GLU L 109 -3.56 -22.36 18.04
CA GLU L 109 -4.75 -22.34 18.92
C GLU L 109 -4.60 -21.19 19.90
N ARG L 110 -3.42 -21.07 20.49
CA ARG L 110 -3.16 -19.96 21.41
C ARG L 110 -3.40 -18.59 20.76
N CYS L 111 -2.87 -18.38 19.54
CA CYS L 111 -3.13 -17.13 18.83
C CYS L 111 -4.62 -16.92 18.55
N LEU L 112 -5.32 -17.96 18.14
CA LEU L 112 -6.75 -17.87 17.91
C LEU L 112 -7.49 -17.43 19.18
N GLN L 113 -7.04 -17.94 20.34
CA GLN L 113 -7.64 -17.56 21.63
C GLN L 113 -7.48 -16.08 21.86
N VAL L 114 -6.27 -15.56 21.68
CA VAL L 114 -6.00 -14.17 21.97
C VAL L 114 -6.77 -13.24 21.03
N VAL L 115 -6.84 -13.59 19.74
CA VAL L 115 -7.54 -12.75 18.77
C VAL L 115 -9.04 -12.72 19.16
N ARG L 116 -9.63 -13.89 19.42
CA ARG L 116 -11.01 -13.97 19.87
C ARG L 116 -11.26 -13.12 21.12
N SER L 117 -10.29 -13.06 22.03
CA SER L 117 -10.43 -12.29 23.26
C SER L 117 -10.44 -10.75 23.06
N LEU L 118 -9.95 -10.27 21.92
CA LEU L 118 -9.76 -8.83 21.71
C LEU L 118 -10.77 -8.21 20.75
N VAL L 119 -11.45 -9.06 19.99
CA VAL L 119 -12.35 -8.61 18.97
C VAL L 119 -13.75 -9.11 19.29
N LYS L 120 -14.76 -8.29 19.04
CA LYS L 120 -16.16 -8.72 19.11
C LYS L 120 -16.44 -9.58 17.87
N PRO L 121 -17.21 -10.68 18.02
CA PRO L 121 -17.40 -11.62 16.90
C PRO L 121 -18.05 -10.99 15.66
N GLU L 122 -18.84 -9.93 15.87
CA GLU L 122 -19.41 -9.14 14.77
C GLU L 122 -18.34 -8.41 13.95
N ASN L 123 -17.17 -8.17 14.55
CA ASN L 123 -16.06 -7.48 13.88
C ASN L 123 -14.92 -8.38 13.38
N TYR L 124 -15.05 -9.71 13.48
CA TYR L 124 -13.96 -10.62 13.04
C TYR L 124 -13.61 -10.41 11.57
N GLU L 135 -12.54 -18.27 9.76
CA GLU L 135 -13.03 -19.64 9.78
C GLU L 135 -12.66 -20.29 11.10
N ASP L 136 -11.36 -20.34 11.36
CA ASP L 136 -10.86 -20.96 12.58
C ASP L 136 -11.29 -20.13 13.78
N LEU L 137 -11.31 -18.80 13.59
CA LEU L 137 -11.81 -17.88 14.61
C LEU L 137 -13.27 -18.10 14.97
N GLU L 138 -14.10 -18.35 13.95
CA GLU L 138 -15.55 -18.56 14.16
C GLU L 138 -15.82 -19.93 14.78
N ASP L 139 -14.91 -20.88 14.60
CA ASP L 139 -15.03 -22.21 15.16
C ASP L 139 -14.61 -22.26 16.65
N HIS L 140 -15.44 -21.65 17.51
CA HIS L 140 -15.15 -21.55 18.94
C HIS L 140 -15.00 -22.92 19.56
N PRO L 141 -14.11 -23.08 20.55
CA PRO L 141 -14.09 -24.34 21.27
C PRO L 141 -15.49 -24.63 21.77
N ASN L 142 -15.87 -25.90 21.76
CA ASN L 142 -17.27 -26.29 21.88
C ASN L 142 -17.32 -27.69 22.47
N VAL L 143 -17.87 -27.84 23.67
CA VAL L 143 -17.86 -29.12 24.35
C VAL L 143 -18.58 -30.19 23.52
N GLN L 144 -19.73 -29.84 22.97
CA GLN L 144 -20.53 -30.79 22.18
C GLN L 144 -19.68 -31.34 21.04
N LYS L 145 -19.01 -30.46 20.29
CA LYS L 145 -18.09 -30.89 19.22
C LYS L 145 -16.97 -31.79 19.74
N ASP L 146 -16.42 -31.48 20.92
CA ASP L 146 -15.35 -32.29 21.50
C ASP L 146 -15.82 -33.69 21.91
N LEU L 147 -17.04 -33.77 22.43
CA LEU L 147 -17.64 -35.06 22.77
C LEU L 147 -17.82 -35.92 21.51
N GLU L 148 -18.26 -35.31 20.43
CA GLU L 148 -18.39 -36.01 19.15
C GLU L 148 -17.03 -36.59 18.75
N ARG L 149 -16.00 -35.75 18.77
CA ARG L 149 -14.64 -36.17 18.46
C ARG L 149 -14.16 -37.31 19.38
N LEU L 150 -14.30 -37.13 20.69
CA LEU L 150 -13.86 -38.14 21.65
C LEU L 150 -14.58 -39.47 21.38
N THR L 151 -15.90 -39.39 21.21
CA THR L 151 -16.71 -40.55 20.84
C THR L 151 -16.13 -41.25 19.61
N GLN L 152 -15.86 -40.50 18.54
CA GLN L 152 -15.24 -41.05 17.35
C GLN L 152 -13.76 -41.35 17.60
N GLU L 153 -13.48 -42.39 18.37
CA GLU L 153 -12.10 -42.73 18.77
C GLU L 153 -12.09 -43.98 19.65
CAB 3JU M . -12.69 -30.49 -4.23
CBC 3JU M . -11.86 -29.74 -3.19
CAC 3JU M . -12.75 -29.55 -1.95
CAD 3JU M . -11.42 -28.39 -3.78
CAN 3JU M . -10.66 -30.60 -2.89
CAT 3JU M . -9.71 -29.83 -1.93
OAE 3JU M . -10.03 -29.63 -0.76
N 3JU M . -8.52 -29.42 -2.42
CD2 3JU M . -7.94 -29.62 -3.78
CG 3JU M . -6.45 -29.59 -3.57
OD1 3JU M . -5.99 -30.87 -3.18
CB 3JU M . -6.29 -28.59 -2.46
CA 3JU M . -7.49 -28.77 -1.54
C 3JU M . -7.85 -27.52 -1.00
O 3JU M . -8.56 -26.74 -1.62
NAR 3JU M . -7.27 -27.21 0.17
CAM 3JU M . -7.46 -25.94 0.87
CAV 3JU M . -6.40 -25.06 0.51
CAI 3JU M . -6.59 -23.69 0.68
CAK 3JU M . -5.58 -22.78 0.32
CAH 3JU M . -5.18 -25.49 -0.02
CAJ 3JU M . -4.19 -24.58 -0.38
CAX 3JU M . -4.35 -23.21 -0.21
CAY 3JU M . -3.37 -22.33 -0.56
SAS 3JU M . -2.46 -22.36 -1.98
CAL 3JU M . -1.58 -21.03 -1.67
NAQ 3JU M . -1.97 -20.55 -0.49
CAW 3JU M . -2.95 -21.25 0.11
CAA 3JU M . -3.48 -20.77 1.49
CAB 3JU N . -36.92 7.99 -12.71
CBC 3JU N . -36.06 8.72 -11.68
CAC 3JU N . -36.87 8.92 -10.39
CAD 3JU N . -35.65 10.08 -12.28
CAN 3JU N . -34.84 7.86 -11.43
CAT 3JU N . -33.85 8.63 -10.51
OAE 3JU N . -34.13 8.86 -9.34
N 3JU N . -32.66 8.98 -11.02
CD2 3JU N . -32.08 8.76 -12.38
CG 3JU N . -30.59 8.87 -12.16
OD1 3JU N . -30.08 7.61 -11.70
CB 3JU N . -30.47 9.90 -11.06
CA 3JU N . -31.66 9.66 -10.14
C 3JU N . -32.08 10.91 -9.61
O 3JU N . -32.86 11.63 -10.22
NAR 3JU N . -31.51 11.24 -8.43
CAM 3JU N . -31.76 12.52 -7.76
CAV 3JU N . -30.74 13.46 -8.13
CAI 3JU N . -30.95 14.83 -7.90
CAK 3JU N . -30.00 15.78 -8.24
CAH 3JU N . -29.52 13.09 -8.72
CAJ 3JU N . -28.57 14.05 -9.06
CAX 3JU N . -28.79 15.40 -8.84
CAY 3JU N . -27.83 16.31 -9.17
SAS 3JU N . -26.88 16.32 -10.63
CAL 3JU N . -26.00 17.64 -10.24
NAQ 3JU N . -26.39 18.06 -9.02
CAW 3JU N . -27.37 17.35 -8.44
CAA 3JU N . -27.88 17.76 -7.05
CAB 3JU O . -52.90 2.14 30.51
CBC 3JU O . -52.04 2.92 31.51
CAC 3JU O . -52.80 2.96 32.86
CAD 3JU O . -51.80 4.33 30.99
CAN 3JU O . -50.73 2.17 31.62
CAT 3JU O . -49.76 2.91 32.58
OAE 3JU O . -50.07 3.11 33.75
N 3JU O . -48.57 3.30 32.08
CD2 3JU O . -47.98 3.11 30.71
CG 3JU O . -46.48 3.23 30.90
OD1 3JU O . -45.93 1.98 31.29
CB 3JU O . -46.32 4.23 32.03
CA 3JU O . -47.54 3.97 32.94
C 3JU O . -47.93 5.20 33.46
O 3JU O . -48.77 5.90 32.88
NAR 3JU O . -47.30 5.52 34.61
CAM 3JU O . -47.51 6.78 35.30
CAV 3JU O . -46.51 7.72 34.89
CAI 3JU O . -46.76 9.08 35.01
CAK 3JU O . -45.84 10.05 34.63
CAH 3JU O . -45.26 7.35 34.35
CAJ 3JU O . -44.33 8.31 33.96
CAX 3JU O . -44.60 9.68 34.10
CAY 3JU O . -43.68 10.59 33.72
SAS 3JU O . -42.73 10.51 32.32
CAL 3JU O . -41.89 11.90 32.60
NAQ 3JU O . -42.33 12.43 33.74
CAW 3JU O . -43.30 11.72 34.37
CAA 3JU O . -43.87 12.23 35.69
CAB 3JU P . -28.47 -36.47 39.54
CBC 3JU P . -27.53 -35.69 40.48
CAC 3JU P . -28.26 -35.42 41.80
CAD 3JU P . -27.14 -34.38 39.78
CAN 3JU P . -26.31 -36.56 40.67
CAT 3JU P . -25.30 -35.79 41.58
OAE 3JU P . -25.55 -35.54 42.74
N 3JU P . -24.12 -35.44 41.04
CD2 3JU P . -23.60 -35.67 39.66
CG 3JU P . -22.10 -35.53 39.79
OD1 3JU P . -21.55 -36.82 40.10
CB 3JU P . -21.90 -34.57 40.95
CA 3JU P . -23.08 -34.77 41.89
C 3JU P . -23.46 -33.52 42.44
O 3JU P . -24.25 -32.79 41.85
NAR 3JU P . -22.86 -33.15 43.58
CAM 3JU P . -23.11 -31.85 44.21
CAV 3JU P . -22.09 -30.93 43.80
CAI 3JU P . -22.30 -29.55 43.96
CAK 3JU P . -21.33 -28.63 43.56
CAH 3JU P . -20.88 -31.33 43.20
CAJ 3JU P . -19.92 -30.39 42.82
CAX 3JU P . -20.12 -29.03 42.98
CAY 3JU P . -19.16 -28.15 42.60
SAS 3JU P . -18.20 -28.22 41.15
CAL 3JU P . -17.34 -26.88 41.45
NAQ 3JU P . -17.74 -26.39 42.62
CAW 3JU P . -18.73 -27.07 43.25
CAA 3JU P . -19.25 -26.56 44.61
#